data_6OJM
#
_entry.id   6OJM
#
_cell.length_a   138.490
_cell.length_b   138.490
_cell.length_c   141.430
_cell.angle_alpha   90.000
_cell.angle_beta   90.000
_cell.angle_gamma   120.000
#
_symmetry.space_group_name_H-M   'P 3 2 1'
#
loop_
_entity.id
_entity.type
_entity.pdbx_description
1 polymer '1,4-dihydroxy-2-naphthoyl-CoA synthase'
2 water water
#
_entity_poly.entity_id   1
_entity_poly.type   'polypeptide(L)'
_entity_poly.pdbx_seq_one_letter_code
;MAHHHHHHMIEWKTAKEYEDITYKKCNGVARIAFNRPEIRNAFRPKTTSELYDAFYDAYEDPSIGVVLLSGEGPSPKDGG
WAFCSGGDQKARGHQGYVGEDGRHRLNILEVQRLIRFMPKVVIAVVPGWAVGGGHSLHVVCDLTLASKEHAIFKQTDADV
TSFDGGYGSAYLAKMVGQKKAREIFFLGRNYSAQEAFEMGMVNKVVPHAELEDTAYEWAQEILAKSPTSIRMLKFAMNLT
DDGMVGQQVFAGEATRLAYMTDEAKEGRNAFLEKRKPDFGEDQWIS
;
_entity_poly.pdbx_strand_id   A,B,C,D,E,F
#
# COMPACT_ATOMS: atom_id res chain seq x y z
N MET A 9 -6.24 -7.60 -0.51
CA MET A 9 -5.39 -7.24 -1.63
C MET A 9 -6.08 -7.51 -2.96
N ILE A 10 -5.66 -6.78 -3.99
CA ILE A 10 -6.23 -6.95 -5.32
C ILE A 10 -5.72 -8.26 -5.92
N GLU A 11 -6.64 -9.12 -6.36
CA GLU A 11 -6.28 -10.45 -6.85
C GLU A 11 -6.01 -10.39 -8.36
N TRP A 12 -4.88 -9.78 -8.70
CA TRP A 12 -4.50 -9.68 -10.11
C TRP A 12 -4.15 -11.05 -10.69
N LYS A 13 -4.53 -11.27 -11.93
CA LYS A 13 -4.17 -12.46 -12.71
C LYS A 13 -3.35 -12.02 -13.91
N THR A 14 -2.15 -12.59 -14.07
CA THR A 14 -1.33 -12.23 -15.21
C THR A 14 -2.03 -12.63 -16.51
N ALA A 15 -2.16 -11.67 -17.44
CA ALA A 15 -2.84 -11.95 -18.70
C ALA A 15 -1.90 -12.43 -19.79
N LYS A 16 -0.71 -11.83 -19.88
CA LYS A 16 0.30 -12.26 -20.83
CA LYS A 16 0.30 -12.26 -20.83
C LYS A 16 1.65 -11.84 -20.28
N GLU A 17 2.68 -12.61 -20.62
CA GLU A 17 4.05 -12.31 -20.23
C GLU A 17 4.72 -11.47 -21.30
N TYR A 18 5.43 -10.44 -20.87
CA TYR A 18 6.14 -9.54 -21.76
C TYR A 18 7.54 -9.27 -21.24
N GLU A 19 8.39 -8.72 -22.10
CA GLU A 19 9.76 -8.43 -21.71
CA GLU A 19 9.75 -8.44 -21.68
C GLU A 19 9.86 -7.10 -20.95
N ASP A 20 9.19 -6.06 -21.47
CA ASP A 20 9.39 -4.70 -20.97
C ASP A 20 8.23 -4.15 -20.16
N ILE A 21 7.10 -4.85 -20.11
CA ILE A 21 5.92 -4.40 -19.42
C ILE A 21 5.31 -5.57 -18.66
N THR A 22 4.33 -5.25 -17.82
CA THR A 22 3.48 -6.25 -17.17
C THR A 22 2.05 -6.00 -17.59
N TYR A 23 1.25 -7.08 -17.57
CA TYR A 23 -0.14 -7.01 -18.02
C TYR A 23 -0.96 -7.99 -17.19
N LYS A 24 -1.89 -7.47 -16.40
CA LYS A 24 -2.67 -8.25 -15.46
C LYS A 24 -4.12 -7.80 -15.51
N LYS A 25 -5.03 -8.66 -15.04
CA LYS A 25 -6.45 -8.34 -15.04
C LYS A 25 -7.09 -8.73 -13.71
N CYS A 26 -8.10 -7.98 -13.29
CA CYS A 26 -8.86 -8.31 -12.09
C CYS A 26 -10.22 -7.62 -12.16
N ASN A 27 -11.28 -8.41 -12.17
CA ASN A 27 -12.64 -7.90 -11.95
C ASN A 27 -12.95 -6.70 -12.83
N GLY A 28 -12.69 -6.84 -14.12
CA GLY A 28 -13.05 -5.81 -15.09
C GLY A 28 -11.98 -4.78 -15.36
N VAL A 29 -10.89 -4.82 -14.61
CA VAL A 29 -9.79 -3.85 -14.71
C VAL A 29 -8.60 -4.56 -15.33
N ALA A 30 -8.01 -3.95 -16.36
CA ALA A 30 -6.71 -4.39 -16.88
C ALA A 30 -5.66 -3.40 -16.41
N ARG A 31 -4.49 -3.91 -16.04
CA ARG A 31 -3.39 -3.02 -15.69
C ARG A 31 -2.21 -3.33 -16.60
N ILE A 32 -1.73 -2.31 -17.30
CA ILE A 32 -0.53 -2.37 -18.15
C ILE A 32 0.50 -1.48 -17.50
N ALA A 33 1.69 -2.01 -17.22
CA ALA A 33 2.66 -1.17 -16.54
C ALA A 33 4.06 -1.29 -17.15
N PHE A 34 4.73 -0.16 -17.32
CA PHE A 34 6.13 -0.19 -17.70
C PHE A 34 6.94 -0.93 -16.65
N ASN A 35 7.86 -1.79 -17.09
CA ASN A 35 8.61 -2.66 -16.18
C ASN A 35 10.09 -2.65 -16.53
N ARG A 36 10.62 -1.46 -16.72
CA ARG A 36 12.07 -1.25 -16.86
C ARG A 36 12.50 -0.18 -15.87
N PRO A 37 12.23 -0.36 -14.57
CA PRO A 37 12.50 0.72 -13.61
C PRO A 37 13.97 1.05 -13.47
N GLU A 38 14.87 0.11 -13.79
CA GLU A 38 16.28 0.40 -13.73
C GLU A 38 16.68 1.55 -14.66
N ILE A 39 15.92 1.80 -15.73
CA ILE A 39 16.16 2.97 -16.57
C ILE A 39 14.92 3.85 -16.59
N ARG A 40 14.27 3.97 -15.44
CA ARG A 40 13.15 4.90 -15.25
C ARG A 40 12.05 4.70 -16.29
N ASN A 41 11.83 3.46 -16.69
CA ASN A 41 10.69 3.06 -17.51
C ASN A 41 10.63 3.81 -18.83
N ALA A 42 11.78 4.03 -19.45
CA ALA A 42 11.83 4.52 -20.82
C ALA A 42 11.33 3.43 -21.76
N PHE A 43 10.73 3.82 -22.88
CA PHE A 43 10.30 2.82 -23.85
C PHE A 43 11.27 2.75 -25.03
N ARG A 44 11.58 1.54 -25.45
CA ARG A 44 12.25 1.26 -26.69
C ARG A 44 11.23 0.65 -27.64
N PRO A 45 11.59 0.45 -28.92
CA PRO A 45 10.59 -0.09 -29.86
C PRO A 45 9.92 -1.38 -29.40
N LYS A 46 10.68 -2.29 -28.79
CA LYS A 46 10.08 -3.48 -28.22
C LYS A 46 8.99 -3.13 -27.21
N THR A 47 9.25 -2.11 -26.37
CA THR A 47 8.27 -1.73 -25.37
C THR A 47 6.98 -1.26 -26.03
N THR A 48 7.12 -0.41 -27.04
CA THR A 48 5.94 0.13 -27.73
C THR A 48 5.14 -0.98 -28.40
N SER A 49 5.82 -1.95 -28.99
CA SER A 49 5.12 -3.08 -29.59
C SER A 49 4.33 -3.83 -28.52
N GLU A 50 4.92 -4.01 -27.33
CA GLU A 50 4.23 -4.76 -26.30
C GLU A 50 3.05 -3.97 -25.75
N LEU A 51 3.24 -2.66 -25.55
CA LEU A 51 2.14 -1.78 -25.17
C LEU A 51 0.97 -1.91 -26.14
N TYR A 52 1.26 -1.85 -27.43
CA TYR A 52 0.18 -1.99 -28.40
C TYR A 52 -0.51 -3.32 -28.24
N ASP A 53 0.28 -4.39 -28.11
CA ASP A 53 -0.29 -5.72 -27.99
C ASP A 53 -1.22 -5.84 -26.79
N ALA A 54 -0.77 -5.34 -25.63
CA ALA A 54 -1.57 -5.44 -24.42
C ALA A 54 -2.81 -4.55 -24.49
N PHE A 55 -2.65 -3.31 -24.97
CA PHE A 55 -3.83 -2.46 -25.11
C PHE A 55 -4.83 -3.05 -26.09
N TYR A 56 -4.34 -3.66 -27.18
CA TYR A 56 -5.28 -4.23 -28.14
C TYR A 56 -6.04 -5.41 -27.54
N ASP A 57 -5.36 -6.22 -26.73
CA ASP A 57 -6.03 -7.29 -26.01
C ASP A 57 -7.11 -6.73 -25.11
N ALA A 58 -6.80 -5.67 -24.35
CA ALA A 58 -7.79 -5.07 -23.47
C ALA A 58 -8.96 -4.51 -24.27
N TYR A 59 -8.66 -3.91 -25.41
CA TYR A 59 -9.69 -3.39 -26.31
C TYR A 59 -10.67 -4.50 -26.73
N GLU A 60 -10.14 -5.69 -27.06
CA GLU A 60 -10.97 -6.78 -27.56
C GLU A 60 -11.64 -7.61 -26.48
N ASP A 61 -11.30 -7.40 -25.20
CA ASP A 61 -11.80 -8.25 -24.12
C ASP A 61 -13.05 -7.62 -23.54
N PRO A 62 -14.24 -8.19 -23.75
CA PRO A 62 -15.47 -7.52 -23.28
C PRO A 62 -15.63 -7.54 -21.79
N SER A 63 -14.80 -8.28 -21.07
CA SER A 63 -14.88 -8.22 -19.62
CA SER A 63 -14.84 -8.24 -19.62
C SER A 63 -14.18 -6.99 -19.05
N ILE A 64 -13.35 -6.32 -19.85
CA ILE A 64 -12.52 -5.22 -19.39
C ILE A 64 -13.18 -3.90 -19.74
N GLY A 65 -13.48 -3.10 -18.73
CA GLY A 65 -14.04 -1.79 -18.98
C GLY A 65 -13.11 -0.62 -18.66
N VAL A 66 -12.06 -0.87 -17.88
CA VAL A 66 -11.12 0.16 -17.44
C VAL A 66 -9.71 -0.39 -17.57
N VAL A 67 -8.81 0.37 -18.17
CA VAL A 67 -7.40 0.01 -18.28
C VAL A 67 -6.60 1.00 -17.45
N LEU A 68 -5.79 0.50 -16.54
CA LEU A 68 -4.82 1.32 -15.80
C LEU A 68 -3.48 1.23 -16.53
N LEU A 69 -2.89 2.37 -16.83
CA LEU A 69 -1.54 2.43 -17.38
C LEU A 69 -0.63 3.00 -16.32
N SER A 70 0.32 2.19 -15.83
CA SER A 70 1.10 2.57 -14.66
C SER A 70 2.58 2.28 -14.93
N GLY A 71 3.39 2.44 -13.88
CA GLY A 71 4.79 2.04 -13.93
C GLY A 71 5.16 1.22 -12.72
N GLU A 72 5.96 0.17 -12.95
CA GLU A 72 6.50 -0.60 -11.84
C GLU A 72 7.74 0.07 -11.26
N GLY A 73 8.06 -0.26 -10.02
CA GLY A 73 9.20 0.32 -9.36
C GLY A 73 9.36 -0.22 -7.95
N PRO A 74 10.29 0.34 -7.18
CA PRO A 74 11.16 1.45 -7.60
C PRO A 74 12.38 0.97 -8.35
N SER A 75 13.19 1.90 -8.79
CA SER A 75 14.48 1.54 -9.38
C SER A 75 15.34 0.80 -8.37
N PRO A 76 15.91 -0.34 -8.73
CA PRO A 76 16.92 -0.98 -7.85
C PRO A 76 18.21 -0.18 -7.72
N LYS A 77 18.43 0.82 -8.57
CA LYS A 77 19.67 1.58 -8.49
C LYS A 77 19.61 2.63 -7.38
N ASP A 78 18.59 3.50 -7.40
CA ASP A 78 18.53 4.61 -6.46
C ASP A 78 17.22 4.70 -5.70
N GLY A 79 16.33 3.72 -5.84
CA GLY A 79 15.09 3.76 -5.11
C GLY A 79 14.08 4.73 -5.67
N GLY A 80 14.37 5.34 -6.81
CA GLY A 80 13.44 6.29 -7.40
C GLY A 80 12.30 5.62 -8.14
N TRP A 81 11.25 6.41 -8.36
CA TRP A 81 10.03 5.93 -8.98
C TRP A 81 9.83 6.57 -10.35
N ALA A 82 9.29 5.79 -11.28
CA ALA A 82 8.96 6.33 -12.60
C ALA A 82 7.66 5.77 -13.13
N PHE A 83 6.86 6.64 -13.76
CA PHE A 83 5.80 6.21 -14.66
C PHE A 83 6.39 5.79 -16.00
N CYS A 84 6.99 6.74 -16.70
CA CYS A 84 7.55 6.51 -18.02
C CYS A 84 8.41 7.73 -18.37
N SER A 85 9.68 7.51 -18.67
CA SER A 85 10.55 8.63 -19.04
CA SER A 85 10.58 8.58 -19.05
C SER A 85 10.61 8.85 -20.54
N GLY A 86 9.70 8.26 -21.30
CA GLY A 86 9.65 8.54 -22.72
C GLY A 86 10.61 7.70 -23.53
N GLY A 87 10.86 8.15 -24.75
CA GLY A 87 11.62 7.41 -25.71
C GLY A 87 13.04 7.16 -25.25
N ASP A 88 13.47 5.91 -25.39
CA ASP A 88 14.81 5.46 -25.09
C ASP A 88 15.75 6.01 -26.15
N GLN A 89 16.33 7.19 -25.90
CA GLN A 89 17.06 7.91 -26.93
C GLN A 89 18.22 7.11 -27.50
N LYS A 90 18.62 6.03 -26.82
CA LYS A 90 19.55 5.07 -27.40
C LYS A 90 19.04 4.60 -28.76
N ALA A 91 17.82 4.07 -28.80
CA ALA A 91 17.20 3.64 -30.04
C ALA A 91 16.89 4.83 -30.95
N HIS A 104 7.76 -1.98 -40.71
CA HIS A 104 7.03 -1.16 -39.76
C HIS A 104 7.26 -1.62 -38.33
N ARG A 105 7.69 -0.68 -37.49
CA ARG A 105 7.73 -0.87 -36.05
C ARG A 105 6.57 -0.06 -35.46
N LEU A 106 5.71 -0.74 -34.72
CA LEU A 106 4.60 -0.05 -34.05
C LEU A 106 5.15 1.10 -33.24
N ASN A 107 4.60 2.29 -33.44
CA ASN A 107 5.10 3.46 -32.75
C ASN A 107 4.04 4.00 -31.80
N ILE A 108 4.49 4.96 -30.99
CA ILE A 108 3.67 5.40 -29.88
C ILE A 108 2.41 6.12 -30.36
N LEU A 109 2.40 6.66 -31.58
CA LEU A 109 1.19 7.32 -32.04
C LEU A 109 0.05 6.33 -32.26
N GLU A 110 0.37 5.11 -32.74
CA GLU A 110 -0.67 4.09 -32.86
CA GLU A 110 -0.67 4.10 -32.87
C GLU A 110 -1.18 3.67 -31.50
N VAL A 111 -0.30 3.66 -30.48
CA VAL A 111 -0.75 3.38 -29.12
C VAL A 111 -1.64 4.50 -28.61
N GLN A 112 -1.25 5.76 -28.84
CA GLN A 112 -2.11 6.88 -28.46
C GLN A 112 -3.50 6.75 -29.08
N ARG A 113 -3.58 6.38 -30.36
CA ARG A 113 -4.89 6.30 -30.99
C ARG A 113 -5.72 5.16 -30.43
N LEU A 114 -5.07 4.05 -30.09
CA LEU A 114 -5.78 2.93 -29.47
C LEU A 114 -6.38 3.31 -28.11
N ILE A 115 -5.59 4.01 -27.28
CA ILE A 115 -6.10 4.57 -26.01
C ILE A 115 -7.30 5.48 -26.29
N ARG A 116 -7.14 6.36 -27.28
CA ARG A 116 -8.14 7.39 -27.56
C ARG A 116 -9.46 6.79 -28.02
N PHE A 117 -9.42 5.80 -28.92
CA PHE A 117 -10.64 5.32 -29.55
C PHE A 117 -11.26 4.12 -28.85
N MET A 118 -10.57 3.47 -27.93
CA MET A 118 -11.16 2.24 -27.39
C MET A 118 -12.34 2.57 -26.48
N PRO A 119 -13.40 1.78 -26.52
CA PRO A 119 -14.58 1.99 -25.69
C PRO A 119 -14.37 1.48 -24.27
N LYS A 120 -13.27 1.92 -23.66
CA LYS A 120 -12.93 1.63 -22.27
C LYS A 120 -12.28 2.89 -21.73
N VAL A 121 -12.38 3.10 -20.42
CA VAL A 121 -11.74 4.27 -19.80
C VAL A 121 -10.29 3.90 -19.48
N VAL A 122 -9.35 4.75 -19.92
CA VAL A 122 -7.94 4.50 -19.68
C VAL A 122 -7.44 5.53 -18.65
N ILE A 123 -6.89 5.04 -17.55
CA ILE A 123 -6.43 5.88 -16.44
C ILE A 123 -4.92 5.78 -16.36
N ALA A 124 -4.24 6.91 -16.51
CA ALA A 124 -2.83 6.98 -16.24
C ALA A 124 -2.63 7.01 -14.74
N VAL A 125 -1.81 6.10 -14.24
CA VAL A 125 -1.45 6.00 -12.83
C VAL A 125 0.03 6.35 -12.74
N VAL A 126 0.35 7.52 -12.19
CA VAL A 126 1.70 8.07 -12.32
C VAL A 126 2.39 8.01 -10.97
N PRO A 127 3.29 7.05 -10.74
CA PRO A 127 3.97 6.96 -9.45
C PRO A 127 5.29 7.72 -9.37
N GLY A 128 5.72 8.30 -10.49
CA GLY A 128 7.05 8.89 -10.51
C GLY A 128 7.23 9.76 -11.75
N TRP A 129 8.46 9.81 -12.27
CA TRP A 129 8.74 10.59 -13.48
C TRP A 129 7.77 10.26 -14.60
N ALA A 130 7.16 11.31 -15.18
CA ALA A 130 6.38 11.21 -16.41
C ALA A 130 6.98 12.24 -17.37
N VAL A 131 7.86 11.79 -18.28
CA VAL A 131 8.77 12.68 -18.99
C VAL A 131 8.65 12.45 -20.49
N GLY A 132 8.60 13.55 -21.25
CA GLY A 132 8.67 13.42 -22.70
C GLY A 132 7.51 12.62 -23.24
N GLY A 133 7.80 11.59 -24.04
CA GLY A 133 6.72 10.75 -24.54
C GLY A 133 5.92 10.09 -23.42
N GLY A 134 6.56 9.88 -22.26
CA GLY A 134 5.83 9.38 -21.12
C GLY A 134 4.83 10.40 -20.61
N HIS A 135 5.22 11.68 -20.65
CA HIS A 135 4.26 12.74 -20.32
C HIS A 135 3.09 12.75 -21.30
N SER A 136 3.39 12.65 -22.60
CA SER A 136 2.30 12.70 -23.58
C SER A 136 1.39 11.48 -23.47
N LEU A 137 1.91 10.30 -23.07
CA LEU A 137 1.02 9.16 -22.80
C LEU A 137 0.08 9.46 -21.63
N HIS A 138 0.56 10.12 -20.57
CA HIS A 138 -0.37 10.46 -19.48
C HIS A 138 -1.44 11.39 -19.98
N VAL A 139 -1.08 12.35 -20.85
CA VAL A 139 -2.03 13.37 -21.31
C VAL A 139 -3.19 12.73 -22.07
N VAL A 140 -2.90 11.76 -22.95
CA VAL A 140 -3.97 11.22 -23.82
C VAL A 140 -4.87 10.25 -23.07
N CYS A 141 -4.44 9.74 -21.93
CA CYS A 141 -5.34 8.91 -21.12
C CYS A 141 -6.55 9.72 -20.67
N ASP A 142 -7.66 9.01 -20.44
CA ASP A 142 -8.89 9.72 -20.09
C ASP A 142 -8.81 10.41 -18.75
N LEU A 143 -8.11 9.82 -17.77
CA LEU A 143 -7.96 10.35 -16.42
C LEU A 143 -6.51 10.14 -15.99
N THR A 144 -6.04 10.92 -15.01
CA THR A 144 -4.71 10.71 -14.44
C THR A 144 -4.77 10.81 -12.94
N LEU A 145 -4.22 9.80 -12.26
CA LEU A 145 -4.03 9.83 -10.81
C LEU A 145 -2.53 9.86 -10.56
N ALA A 146 -2.09 10.68 -9.60
CA ALA A 146 -0.66 10.87 -9.45
C ALA A 146 -0.18 10.82 -8.00
N SER A 147 1.01 10.24 -7.83
CA SER A 147 1.65 10.11 -6.53
C SER A 147 1.99 11.47 -5.93
N LYS A 148 1.42 11.75 -4.75
CA LYS A 148 1.67 13.03 -4.10
CA LYS A 148 1.67 13.02 -4.07
C LYS A 148 3.17 13.24 -3.90
N GLU A 149 3.87 12.23 -3.42
CA GLU A 149 5.26 12.41 -3.03
C GLU A 149 6.24 12.29 -4.20
N HIS A 150 5.89 11.53 -5.24
CA HIS A 150 6.91 11.13 -6.20
C HIS A 150 6.60 11.42 -7.66
N ALA A 151 5.36 11.72 -8.03
CA ALA A 151 5.10 12.04 -9.43
C ALA A 151 5.83 13.34 -9.80
N ILE A 152 6.50 13.33 -10.96
CA ILE A 152 7.10 14.54 -11.50
C ILE A 152 6.76 14.58 -12.99
N PHE A 153 6.12 15.65 -13.42
CA PHE A 153 5.71 15.85 -14.80
C PHE A 153 6.72 16.78 -15.47
N LYS A 154 7.27 16.35 -16.61
CA LYS A 154 8.33 17.14 -17.25
C LYS A 154 8.32 16.87 -18.75
N GLN A 155 8.39 17.93 -19.55
CA GLN A 155 8.42 17.78 -21.00
C GLN A 155 9.80 18.10 -21.54
N THR A 156 10.51 17.09 -22.03
CA THR A 156 11.84 17.24 -22.58
C THR A 156 11.90 17.30 -24.11
N ASP A 157 10.75 17.28 -24.80
CA ASP A 157 10.77 17.23 -26.25
C ASP A 157 11.67 18.32 -26.83
N ALA A 158 11.54 19.55 -26.33
CA ALA A 158 12.32 20.64 -26.91
C ALA A 158 13.79 20.57 -26.58
N ASP A 159 14.20 19.68 -25.67
CA ASP A 159 15.62 19.50 -25.39
C ASP A 159 16.32 18.69 -26.47
N VAL A 160 15.59 17.84 -27.18
CA VAL A 160 16.19 16.86 -28.09
C VAL A 160 15.70 17.02 -29.53
N THR A 161 15.11 18.19 -29.86
CA THR A 161 14.65 18.48 -31.23
C THR A 161 13.51 17.55 -31.62
N SER A 162 12.67 17.23 -30.66
CA SER A 162 11.47 16.47 -30.95
CA SER A 162 11.47 16.44 -30.88
C SER A 162 10.26 17.30 -30.57
N PHE A 163 9.09 16.74 -30.84
CA PHE A 163 7.86 17.41 -30.44
C PHE A 163 6.74 16.44 -30.65
N ASP A 164 5.83 16.38 -29.69
CA ASP A 164 4.53 15.76 -29.87
C ASP A 164 3.60 16.91 -30.18
N GLY A 165 3.32 17.09 -31.47
CA GLY A 165 2.47 18.17 -31.91
C GLY A 165 1.00 17.84 -31.96
N GLY A 166 0.59 16.72 -31.37
CA GLY A 166 -0.81 16.32 -31.37
C GLY A 166 -1.35 16.16 -29.96
N TYR A 167 -1.60 14.93 -29.52
CA TYR A 167 -2.20 14.73 -28.21
C TYR A 167 -1.29 15.20 -27.09
N GLY A 168 0.01 15.27 -27.30
CA GLY A 168 0.90 15.71 -26.22
C GLY A 168 0.86 17.18 -25.91
N SER A 169 0.48 18.03 -26.88
CA SER A 169 0.62 19.48 -26.73
C SER A 169 -0.71 20.17 -26.98
N ALA A 170 -1.23 20.02 -28.21
CA ALA A 170 -2.49 20.66 -28.51
C ALA A 170 -3.60 20.12 -27.61
N TYR A 171 -3.60 18.81 -27.36
CA TYR A 171 -4.62 18.25 -26.47
C TYR A 171 -4.32 18.57 -25.01
N LEU A 172 -3.04 18.69 -24.65
CA LEU A 172 -2.72 19.17 -23.30
C LEU A 172 -3.38 20.53 -23.04
N ALA A 173 -3.45 21.39 -24.08
CA ALA A 173 -4.09 22.69 -23.89
C ALA A 173 -5.57 22.56 -23.60
N LYS A 174 -6.19 21.43 -23.96
CA LYS A 174 -7.61 21.22 -23.68
C LYS A 174 -7.86 20.78 -22.24
N MET A 175 -6.80 20.59 -21.44
CA MET A 175 -6.99 20.31 -20.02
C MET A 175 -6.29 21.30 -19.09
N VAL A 176 -5.21 21.97 -19.51
CA VAL A 176 -4.54 22.96 -18.67
C VAL A 176 -4.62 24.36 -19.23
N GLY A 177 -5.19 24.52 -20.42
CA GLY A 177 -5.24 25.83 -21.06
C GLY A 177 -4.00 26.10 -21.87
N GLN A 178 -4.12 27.09 -22.77
CA GLN A 178 -3.07 27.33 -23.75
C GLN A 178 -1.82 27.96 -23.13
N LYS A 179 -1.96 28.82 -22.12
CA LYS A 179 -0.76 29.39 -21.50
C LYS A 179 0.08 28.29 -20.83
N LYS A 180 -0.55 27.45 -20.03
CA LYS A 180 0.22 26.45 -19.28
C LYS A 180 0.78 25.37 -20.20
N ALA A 181 0.04 24.98 -21.24
CA ALA A 181 0.60 24.00 -22.17
C ALA A 181 1.85 24.53 -22.83
N ARG A 182 1.85 25.80 -23.20
CA ARG A 182 3.03 26.40 -23.82
C ARG A 182 4.18 26.43 -22.84
N GLU A 183 3.91 26.76 -21.58
CA GLU A 183 4.98 26.80 -20.58
C GLU A 183 5.63 25.44 -20.42
N ILE A 184 4.80 24.40 -20.34
CA ILE A 184 5.30 23.05 -20.11
C ILE A 184 6.30 22.67 -21.19
N PHE A 185 5.97 22.94 -22.43
CA PHE A 185 6.84 22.56 -23.55
C PHE A 185 8.00 23.53 -23.76
N PHE A 186 7.79 24.83 -23.57
CA PHE A 186 8.84 25.77 -23.93
C PHE A 186 9.96 25.81 -22.90
N LEU A 187 9.66 25.58 -21.62
CA LEU A 187 10.71 25.63 -20.60
C LEU A 187 11.14 24.26 -20.12
N GLY A 188 10.30 23.24 -20.23
CA GLY A 188 10.70 21.90 -19.83
C GLY A 188 11.02 21.75 -18.36
N ARG A 189 10.31 22.48 -17.50
CA ARG A 189 10.50 22.40 -16.07
C ARG A 189 9.76 21.20 -15.49
N ASN A 190 10.05 20.93 -14.22
CA ASN A 190 9.36 19.87 -13.46
C ASN A 190 8.14 20.41 -12.74
N TYR A 191 7.09 19.58 -12.66
CA TYR A 191 5.88 19.89 -11.93
C TYR A 191 5.47 18.73 -11.04
N SER A 192 5.07 19.06 -9.81
CA SER A 192 4.63 18.05 -8.84
C SER A 192 3.22 17.59 -9.17
N ALA A 193 2.79 16.52 -8.49
CA ALA A 193 1.39 16.10 -8.60
C ALA A 193 0.44 17.24 -8.25
N GLN A 194 0.73 17.96 -7.15
CA GLN A 194 -0.16 19.04 -6.72
C GLN A 194 -0.17 20.16 -7.74
N GLU A 195 0.99 20.51 -8.30
CA GLU A 195 1.00 21.56 -9.32
C GLU A 195 0.21 21.13 -10.55
N ALA A 196 0.34 19.86 -10.94
CA ALA A 196 -0.37 19.32 -12.09
C ALA A 196 -1.88 19.23 -11.83
N PHE A 197 -2.27 18.95 -10.60
CA PHE A 197 -3.69 18.98 -10.23
C PHE A 197 -4.23 20.40 -10.36
N GLU A 198 -3.48 21.38 -9.86
CA GLU A 198 -3.96 22.76 -9.88
C GLU A 198 -4.06 23.28 -11.32
N MET A 199 -3.24 22.76 -12.24
CA MET A 199 -3.29 23.15 -13.66
CA MET A 199 -3.39 23.27 -13.59
C MET A 199 -4.48 22.55 -14.39
N GLY A 200 -4.90 21.37 -13.97
CA GLY A 200 -6.00 20.66 -14.59
C GLY A 200 -5.66 19.36 -15.26
N MET A 201 -4.40 18.88 -15.25
CA MET A 201 -4.10 17.64 -15.98
C MET A 201 -4.02 16.41 -15.10
N VAL A 202 -4.10 16.57 -13.79
CA VAL A 202 -4.18 15.46 -12.85
C VAL A 202 -5.53 15.54 -12.16
N ASN A 203 -6.25 14.43 -12.15
CA ASN A 203 -7.58 14.40 -11.53
C ASN A 203 -7.54 14.32 -10.02
N LYS A 204 -6.55 13.64 -9.46
CA LYS A 204 -6.48 13.47 -8.02
CA LYS A 204 -6.48 13.47 -8.02
C LYS A 204 -5.03 13.20 -7.64
N VAL A 205 -4.60 13.88 -6.57
CA VAL A 205 -3.30 13.64 -5.94
C VAL A 205 -3.53 12.61 -4.84
N VAL A 206 -2.76 11.53 -4.89
CA VAL A 206 -2.98 10.38 -4.01
C VAL A 206 -1.68 10.07 -3.28
N PRO A 207 -1.70 9.87 -1.96
CA PRO A 207 -0.49 9.42 -1.28
C PRO A 207 0.09 8.19 -1.96
N HIS A 208 1.41 8.20 -2.13
CA HIS A 208 2.08 7.15 -2.90
C HIS A 208 1.64 5.75 -2.48
N ALA A 209 1.56 5.50 -1.16
CA ALA A 209 1.24 4.17 -0.67
C ALA A 209 -0.16 3.73 -1.06
N GLU A 210 -1.05 4.66 -1.41
CA GLU A 210 -2.43 4.37 -1.75
C GLU A 210 -2.71 4.47 -3.23
N LEU A 211 -1.71 4.85 -4.03
CA LEU A 211 -1.97 5.21 -5.42
C LEU A 211 -2.58 4.07 -6.22
N GLU A 212 -1.94 2.89 -6.20
CA GLU A 212 -2.43 1.76 -6.99
C GLU A 212 -3.80 1.28 -6.49
N ASP A 213 -3.99 1.23 -5.16
CA ASP A 213 -5.29 0.82 -4.62
C ASP A 213 -6.37 1.81 -5.01
N THR A 214 -6.06 3.11 -4.97
CA THR A 214 -7.05 4.13 -5.30
C THR A 214 -7.38 4.10 -6.78
N ALA A 215 -6.39 3.81 -7.63
CA ALA A 215 -6.67 3.66 -9.05
C ALA A 215 -7.66 2.53 -9.31
N TYR A 216 -7.47 1.41 -8.62
CA TYR A 216 -8.42 0.30 -8.76
C TYR A 216 -9.80 0.67 -8.23
N GLU A 217 -9.85 1.40 -7.12
CA GLU A 217 -11.14 1.85 -6.61
CA GLU A 217 -11.13 1.88 -6.58
C GLU A 217 -11.85 2.76 -7.60
N TRP A 218 -11.13 3.71 -8.21
CA TRP A 218 -11.71 4.54 -9.26
C TRP A 218 -12.25 3.67 -10.39
N ALA A 219 -11.45 2.67 -10.80
CA ALA A 219 -11.88 1.80 -11.88
C ALA A 219 -13.18 1.10 -11.53
N GLN A 220 -13.30 0.58 -10.30
CA GLN A 220 -14.52 -0.12 -9.92
C GLN A 220 -15.72 0.84 -9.86
N GLU A 221 -15.53 2.12 -9.53
CA GLU A 221 -16.66 3.05 -9.59
C GLU A 221 -17.17 3.17 -11.03
N ILE A 222 -16.24 3.26 -11.99
CA ILE A 222 -16.61 3.33 -13.40
C ILE A 222 -17.32 2.05 -13.83
N LEU A 223 -16.82 0.91 -13.39
CA LEU A 223 -17.36 -0.37 -13.85
C LEU A 223 -18.76 -0.62 -13.35
N ALA A 224 -19.22 0.14 -12.35
CA ALA A 224 -20.59 0.05 -11.86
C ALA A 224 -21.58 0.88 -12.68
N LYS A 225 -21.10 1.68 -13.62
CA LYS A 225 -21.95 2.54 -14.45
C LYS A 225 -22.49 1.77 -15.65
N SER A 226 -23.39 2.43 -16.37
CA SER A 226 -23.91 1.91 -17.62
C SER A 226 -22.80 1.86 -18.67
N PRO A 227 -22.48 0.70 -19.25
CA PRO A 227 -21.40 0.69 -20.25
C PRO A 227 -21.76 1.48 -21.47
N THR A 228 -23.03 1.50 -21.86
CA THR A 228 -23.44 2.35 -22.96
C THR A 228 -23.19 3.82 -22.65
N SER A 229 -23.55 4.27 -21.44
CA SER A 229 -23.28 5.66 -21.08
C SER A 229 -21.81 5.98 -21.13
N ILE A 230 -20.98 5.10 -20.55
CA ILE A 230 -19.54 5.36 -20.48
C ILE A 230 -18.96 5.48 -21.90
N ARG A 231 -19.28 4.51 -22.78
CA ARG A 231 -18.82 4.60 -24.17
C ARG A 231 -19.27 5.91 -24.82
N MET A 232 -20.57 6.20 -24.74
CA MET A 232 -21.09 7.36 -25.45
C MET A 232 -20.51 8.64 -24.88
N LEU A 233 -20.27 8.69 -23.56
CA LEU A 233 -19.72 9.89 -22.95
C LEU A 233 -18.25 10.07 -23.29
N LYS A 234 -17.46 9.00 -23.28
CA LYS A 234 -16.08 9.11 -23.74
C LYS A 234 -16.03 9.63 -25.16
N PHE A 235 -16.88 9.05 -26.02
CA PHE A 235 -16.82 9.42 -27.41
C PHE A 235 -17.40 10.81 -27.66
N ALA A 236 -18.36 11.25 -26.82
CA ALA A 236 -18.83 12.63 -26.95
C ALA A 236 -17.74 13.62 -26.57
N MET A 237 -17.00 13.32 -25.51
CA MET A 237 -15.98 14.26 -25.10
C MET A 237 -14.79 14.22 -26.07
N ASN A 238 -14.55 13.06 -26.72
CA ASN A 238 -13.55 13.04 -27.79
C ASN A 238 -14.02 13.86 -29.00
N LEU A 239 -15.32 13.79 -29.30
CA LEU A 239 -15.85 14.31 -30.55
C LEU A 239 -15.55 15.79 -30.71
N THR A 240 -15.61 16.55 -29.61
CA THR A 240 -15.47 17.99 -29.78
C THR A 240 -14.10 18.37 -30.31
N ASP A 241 -13.08 17.55 -30.04
CA ASP A 241 -11.72 17.84 -30.52
C ASP A 241 -11.29 16.97 -31.69
N ASP A 242 -11.90 15.79 -31.89
CA ASP A 242 -11.35 14.84 -32.86
C ASP A 242 -11.94 14.96 -34.27
N GLY A 243 -12.73 16.00 -34.56
CA GLY A 243 -13.20 16.24 -35.93
C GLY A 243 -13.93 15.05 -36.52
N MET A 244 -13.67 14.80 -37.81
CA MET A 244 -14.38 13.77 -38.56
C MET A 244 -14.10 12.38 -37.99
N VAL A 245 -12.90 12.15 -37.46
CA VAL A 245 -12.64 10.86 -36.81
C VAL A 245 -13.49 10.69 -35.57
N GLY A 246 -13.59 11.75 -34.75
CA GLY A 246 -14.44 11.69 -33.58
C GLY A 246 -15.89 11.49 -33.97
N GLN A 247 -16.29 12.12 -35.07
CA GLN A 247 -17.65 11.91 -35.54
C GLN A 247 -17.85 10.46 -35.99
N GLN A 248 -16.88 9.91 -36.73
CA GLN A 248 -16.99 8.52 -37.14
C GLN A 248 -17.18 7.59 -35.95
N VAL A 249 -16.40 7.82 -34.89
CA VAL A 249 -16.44 6.92 -33.74
C VAL A 249 -17.74 7.09 -32.96
N PHE A 250 -18.15 8.34 -32.72
CA PHE A 250 -19.38 8.59 -31.97
C PHE A 250 -20.60 8.12 -32.75
N ALA A 251 -20.66 8.44 -34.05
CA ALA A 251 -21.78 8.00 -34.86
C ALA A 251 -21.81 6.47 -34.97
N GLY A 252 -20.64 5.83 -35.00
CA GLY A 252 -20.63 4.37 -35.08
C GLY A 252 -21.29 3.72 -33.87
N GLU A 253 -21.08 4.29 -32.70
CA GLU A 253 -21.75 3.77 -31.52
C GLU A 253 -23.25 4.05 -31.56
N ALA A 254 -23.64 5.19 -32.11
CA ALA A 254 -25.07 5.46 -32.31
C ALA A 254 -25.71 4.49 -33.30
N THR A 255 -24.96 4.10 -34.34
CA THR A 255 -25.48 3.11 -35.29
C THR A 255 -25.77 1.81 -34.56
N ARG A 256 -24.89 1.44 -33.62
CA ARG A 256 -25.09 0.26 -32.80
C ARG A 256 -26.41 0.32 -32.03
N LEU A 257 -26.71 1.48 -31.42
CA LEU A 257 -27.98 1.64 -30.71
C LEU A 257 -29.17 1.52 -31.65
N ALA A 258 -29.07 2.08 -32.86
CA ALA A 258 -30.19 1.97 -33.79
C ALA A 258 -30.45 0.53 -34.19
N TYR A 259 -29.37 -0.25 -34.32
CA TYR A 259 -29.51 -1.63 -34.77
CA TYR A 259 -29.49 -1.64 -34.75
C TYR A 259 -30.36 -2.45 -33.81
N MET A 260 -30.40 -2.08 -32.54
CA MET A 260 -31.15 -2.82 -31.53
C MET A 260 -32.65 -2.59 -31.60
N THR A 261 -33.13 -1.65 -32.39
CA THR A 261 -34.53 -1.28 -32.35
C THR A 261 -35.38 -2.24 -33.18
N ASP A 262 -36.66 -2.27 -32.84
CA ASP A 262 -37.62 -2.99 -33.66
C ASP A 262 -37.69 -2.41 -35.06
N GLU A 263 -37.48 -1.10 -35.18
CA GLU A 263 -37.43 -0.45 -36.49
C GLU A 263 -36.32 -1.06 -37.34
N ALA A 264 -35.16 -1.32 -36.74
CA ALA A 264 -34.06 -1.93 -37.48
C ALA A 264 -34.36 -3.38 -37.84
N LYS A 265 -35.06 -4.11 -36.96
CA LYS A 265 -35.44 -5.47 -37.31
C LYS A 265 -36.28 -5.47 -38.57
N GLU A 266 -37.22 -4.51 -38.67
CA GLU A 266 -38.08 -4.43 -39.83
C GLU A 266 -37.30 -4.00 -41.07
N GLY A 267 -36.37 -3.07 -40.91
CA GLY A 267 -35.53 -2.67 -42.05
C GLY A 267 -34.75 -3.83 -42.63
N ARG A 268 -34.11 -4.62 -41.76
CA ARG A 268 -33.37 -5.79 -42.22
C ARG A 268 -34.29 -6.83 -42.82
N ASN A 269 -35.39 -7.13 -42.12
CA ASN A 269 -36.26 -8.21 -42.55
C ASN A 269 -36.90 -7.89 -43.90
N ALA A 270 -37.31 -6.63 -44.10
CA ALA A 270 -37.90 -6.27 -45.37
C ALA A 270 -36.91 -6.41 -46.51
N PHE A 271 -35.65 -6.02 -46.28
CA PHE A 271 -34.61 -6.21 -47.28
C PHE A 271 -34.44 -7.69 -47.63
N LEU A 272 -34.36 -8.54 -46.60
CA LEU A 272 -34.12 -9.97 -46.84
C LEU A 272 -35.31 -10.63 -47.51
N GLU A 273 -36.52 -10.18 -47.18
CA GLU A 273 -37.75 -10.69 -47.80
C GLU A 273 -38.12 -9.97 -49.08
N LYS A 274 -37.28 -9.03 -49.54
CA LYS A 274 -37.49 -8.36 -50.83
C LYS A 274 -38.87 -7.69 -50.89
N ARG A 275 -39.19 -6.92 -49.84
CA ARG A 275 -40.46 -6.22 -49.73
C ARG A 275 -40.22 -4.83 -49.17
N LYS A 276 -41.21 -3.97 -49.33
CA LYS A 276 -41.08 -2.61 -48.82
C LYS A 276 -41.20 -2.62 -47.30
N PRO A 277 -40.32 -1.96 -46.58
CA PRO A 277 -40.46 -1.89 -45.12
C PRO A 277 -41.69 -1.09 -44.75
N ASP A 278 -42.29 -1.47 -43.64
CA ASP A 278 -43.39 -0.72 -43.02
C ASP A 278 -42.85 -0.24 -41.69
N PHE A 279 -42.45 1.02 -41.64
CA PHE A 279 -41.92 1.59 -40.42
C PHE A 279 -42.99 2.20 -39.51
N GLY A 280 -44.26 2.06 -39.88
CA GLY A 280 -45.33 2.53 -39.01
C GLY A 280 -45.81 3.92 -39.36
N GLU A 281 -46.72 4.43 -38.51
CA GLU A 281 -47.39 5.70 -38.71
C GLU A 281 -46.96 6.69 -37.64
N ASP A 282 -47.04 7.98 -37.99
CA ASP A 282 -46.75 9.07 -37.05
C ASP A 282 -45.41 8.89 -36.36
N GLN A 283 -44.40 8.48 -37.14
CA GLN A 283 -43.07 8.22 -36.62
C GLN A 283 -42.15 9.43 -36.64
N TRP A 284 -42.58 10.57 -37.17
CA TRP A 284 -41.69 11.71 -37.35
C TRP A 284 -41.73 12.61 -36.11
N ILE A 285 -41.27 12.03 -35.00
CA ILE A 285 -41.44 12.64 -33.69
C ILE A 285 -40.39 13.72 -33.48
N SER A 286 -40.60 14.55 -32.48
CA SER A 286 -39.62 15.55 -32.13
C SER A 286 -39.50 15.64 -30.62
N MET B 9 0.46 -7.10 -69.72
CA MET B 9 -0.16 -7.75 -68.58
C MET B 9 0.58 -7.41 -67.29
N ILE B 10 -0.18 -7.17 -66.22
CA ILE B 10 0.42 -6.86 -64.93
C ILE B 10 0.85 -8.15 -64.25
N GLU B 11 2.10 -8.19 -63.78
CA GLU B 11 2.67 -9.41 -63.19
C GLU B 11 2.34 -9.51 -61.69
N TRP B 12 1.04 -9.61 -61.40
CA TRP B 12 0.59 -9.73 -60.02
C TRP B 12 1.11 -11.01 -59.39
N LYS B 13 1.50 -10.92 -58.13
CA LYS B 13 1.86 -12.09 -57.33
C LYS B 13 0.94 -12.10 -56.12
N THR B 14 0.25 -13.22 -55.90
CA THR B 14 -0.61 -13.33 -54.73
C THR B 14 0.22 -13.14 -53.46
N ALA B 15 -0.23 -12.24 -52.59
CA ALA B 15 0.47 -11.97 -51.34
C ALA B 15 0.00 -12.87 -50.21
N LYS B 16 -1.31 -13.08 -50.10
CA LYS B 16 -1.88 -13.97 -49.10
CA LYS B 16 -1.90 -13.94 -49.08
C LYS B 16 -3.20 -14.50 -49.62
N GLU B 17 -3.56 -15.70 -49.17
CA GLU B 17 -4.81 -16.33 -49.55
C GLU B 17 -5.88 -16.06 -48.51
N TYR B 18 -7.09 -15.73 -48.98
CA TYR B 18 -8.21 -15.38 -48.10
C TYR B 18 -9.47 -16.07 -48.60
N GLU B 19 -10.48 -16.12 -47.73
CA GLU B 19 -11.75 -16.74 -48.12
C GLU B 19 -12.62 -15.80 -48.95
N ASP B 20 -12.69 -14.52 -48.59
CA ASP B 20 -13.69 -13.61 -49.14
C ASP B 20 -13.10 -12.51 -50.01
N ILE B 21 -11.78 -12.37 -50.05
CA ILE B 21 -11.12 -11.33 -50.82
C ILE B 21 -9.91 -11.94 -51.52
N THR B 22 -9.34 -11.16 -52.45
CA THR B 22 -8.04 -11.46 -53.05
C THR B 22 -7.06 -10.36 -52.67
N TYR B 23 -5.78 -10.72 -52.61
CA TYR B 23 -4.73 -9.78 -52.21
C TYR B 23 -3.47 -10.10 -53.01
N LYS B 24 -3.05 -9.17 -53.87
CA LYS B 24 -1.94 -9.36 -54.78
C LYS B 24 -1.08 -8.11 -54.77
N LYS B 25 0.17 -8.25 -55.22
CA LYS B 25 1.08 -7.11 -55.28
C LYS B 25 1.90 -7.14 -56.56
N CYS B 26 2.24 -5.95 -57.05
CA CYS B 26 3.11 -5.83 -58.22
C CYS B 26 3.72 -4.44 -58.25
N ASN B 27 5.05 -4.37 -58.20
CA ASN B 27 5.80 -3.14 -58.50
C ASN B 27 5.24 -1.95 -57.74
N GLY B 28 5.08 -2.11 -56.43
CA GLY B 28 4.70 -1.00 -55.58
C GLY B 28 3.22 -0.81 -55.38
N VAL B 29 2.38 -1.58 -56.08
CA VAL B 29 0.94 -1.52 -55.96
C VAL B 29 0.45 -2.79 -55.26
N ALA B 30 -0.42 -2.63 -54.28
CA ALA B 30 -1.19 -3.74 -53.75
C ALA B 30 -2.63 -3.63 -54.24
N ARG B 31 -3.24 -4.78 -54.57
CA ARG B 31 -4.65 -4.79 -54.93
C ARG B 31 -5.40 -5.70 -53.98
N ILE B 32 -6.41 -5.14 -53.33
CA ILE B 32 -7.32 -5.86 -52.43
C ILE B 32 -8.67 -5.83 -53.11
N ALA B 33 -9.28 -6.99 -53.33
CA ALA B 33 -10.56 -7.00 -54.02
C ALA B 33 -11.57 -7.91 -53.33
N PHE B 34 -12.80 -7.43 -53.23
CA PHE B 34 -13.88 -8.31 -52.80
C PHE B 34 -14.03 -9.48 -53.76
N ASN B 35 -14.20 -10.68 -53.21
CA ASN B 35 -14.27 -11.87 -54.03
C ASN B 35 -15.41 -12.77 -53.59
N ARG B 36 -16.59 -12.17 -53.40
CA ARG B 36 -17.85 -12.91 -53.24
CA ARG B 36 -17.85 -12.92 -53.25
C ARG B 36 -18.86 -12.37 -54.24
N PRO B 37 -18.55 -12.47 -55.55
CA PRO B 37 -19.43 -11.83 -56.55
C PRO B 37 -20.80 -12.47 -56.66
N GLU B 38 -20.95 -13.73 -56.25
CA GLU B 38 -22.26 -14.36 -56.29
C GLU B 38 -23.25 -13.69 -55.35
N ILE B 39 -22.78 -12.96 -54.34
CA ILE B 39 -23.66 -12.17 -53.49
C ILE B 39 -23.27 -10.70 -53.59
N ARG B 40 -22.88 -10.27 -54.79
CA ARG B 40 -22.58 -8.87 -55.09
C ARG B 40 -21.56 -8.27 -54.12
N ASN B 41 -20.60 -9.10 -53.71
CA ASN B 41 -19.44 -8.64 -52.95
C ASN B 41 -19.84 -7.94 -51.65
N ALA B 42 -20.89 -8.43 -51.01
CA ALA B 42 -21.21 -7.96 -49.66
C ALA B 42 -20.11 -8.40 -48.70
N PHE B 43 -19.93 -7.66 -47.61
CA PHE B 43 -19.00 -8.10 -46.58
C PHE B 43 -19.75 -8.66 -45.38
N ARG B 44 -19.35 -9.85 -44.96
CA ARG B 44 -19.71 -10.42 -43.68
C ARG B 44 -18.57 -10.17 -42.71
N PRO B 45 -18.74 -10.47 -41.41
CA PRO B 45 -17.63 -10.21 -40.46
C PRO B 45 -16.29 -10.82 -40.90
N LYS B 46 -16.31 -12.02 -41.46
CA LYS B 46 -15.06 -12.60 -41.94
C LYS B 46 -14.41 -11.74 -43.01
N THR B 47 -15.22 -11.19 -43.92
CA THR B 47 -14.70 -10.31 -44.97
C THR B 47 -13.99 -9.11 -44.36
N THR B 48 -14.64 -8.49 -43.38
CA THR B 48 -14.10 -7.30 -42.73
C THR B 48 -12.79 -7.61 -42.02
N SER B 49 -12.71 -8.77 -41.36
CA SER B 49 -11.46 -9.17 -40.74
C SER B 49 -10.37 -9.34 -41.79
N GLU B 50 -10.71 -9.93 -42.93
CA GLU B 50 -9.71 -10.16 -43.96
C GLU B 50 -9.29 -8.84 -44.61
N LEU B 51 -10.25 -7.94 -44.84
CA LEU B 51 -9.90 -6.60 -45.32
C LEU B 51 -8.90 -5.92 -44.40
N TYR B 52 -9.16 -5.96 -43.10
CA TYR B 52 -8.25 -5.34 -42.15
C TYR B 52 -6.87 -5.97 -42.25
N ASP B 53 -6.83 -7.30 -42.31
CA ASP B 53 -5.56 -8.01 -42.36
C ASP B 53 -4.76 -7.63 -43.60
N ALA B 54 -5.41 -7.56 -44.76
CA ALA B 54 -4.70 -7.21 -46.00
C ALA B 54 -4.27 -5.75 -46.00
N PHE B 55 -5.16 -4.84 -45.59
CA PHE B 55 -4.79 -3.43 -45.55
C PHE B 55 -3.63 -3.20 -44.58
N TYR B 56 -3.62 -3.91 -43.44
CA TYR B 56 -2.54 -3.71 -42.48
C TYR B 56 -1.22 -4.25 -43.02
N ASP B 57 -1.27 -5.36 -43.76
CA ASP B 57 -0.06 -5.83 -44.43
C ASP B 57 0.46 -4.80 -45.42
N ALA B 58 -0.43 -4.24 -46.24
CA ALA B 58 -0.03 -3.19 -47.18
C ALA B 58 0.55 -1.99 -46.45
N TYR B 59 -0.07 -1.61 -45.33
CA TYR B 59 0.42 -0.53 -44.50
C TYR B 59 1.85 -0.76 -44.05
N GLU B 60 2.19 -2.00 -43.69
CA GLU B 60 3.49 -2.34 -43.15
C GLU B 60 4.54 -2.65 -44.21
N ASP B 61 4.13 -2.80 -45.47
CA ASP B 61 5.06 -3.17 -46.54
C ASP B 61 5.67 -1.90 -47.13
N PRO B 62 6.95 -1.60 -46.90
CA PRO B 62 7.52 -0.34 -47.40
C PRO B 62 7.71 -0.31 -48.91
N SER B 63 7.49 -1.42 -49.61
CA SER B 63 7.52 -1.35 -51.07
C SER B 63 6.21 -0.88 -51.65
N ILE B 64 5.14 -0.84 -50.85
CA ILE B 64 3.80 -0.56 -51.35
C ILE B 64 3.48 0.90 -51.08
N GLY B 65 3.25 1.66 -52.15
CA GLY B 65 2.85 3.04 -52.01
C GLY B 65 1.40 3.32 -52.36
N VAL B 66 0.76 2.43 -53.09
CA VAL B 66 -0.62 2.62 -53.52
C VAL B 66 -1.36 1.31 -53.31
N VAL B 67 -2.57 1.41 -52.75
CA VAL B 67 -3.43 0.24 -52.60
C VAL B 67 -4.67 0.47 -53.45
N LEU B 68 -4.96 -0.49 -54.33
CA LEU B 68 -6.20 -0.50 -55.07
C LEU B 68 -7.21 -1.33 -54.31
N LEU B 69 -8.41 -0.79 -54.10
CA LEU B 69 -9.51 -1.53 -53.49
C LEU B 69 -10.57 -1.74 -54.56
N SER B 70 -10.77 -2.99 -54.97
CA SER B 70 -11.64 -3.26 -56.13
C SER B 70 -12.61 -4.38 -55.82
N GLY B 71 -13.32 -4.83 -56.83
CA GLY B 71 -14.21 -5.97 -56.71
C GLY B 71 -13.98 -6.94 -57.85
N GLU B 72 -13.95 -8.23 -57.53
CA GLU B 72 -13.89 -9.24 -58.56
C GLU B 72 -15.28 -9.50 -59.10
N GLY B 73 -15.34 -10.06 -60.30
CA GLY B 73 -16.61 -10.44 -60.86
C GLY B 73 -16.47 -10.85 -62.30
N PRO B 74 -17.60 -10.96 -63.02
CA PRO B 74 -18.96 -10.69 -62.53
C PRO B 74 -19.54 -11.84 -61.73
N SER B 75 -20.75 -11.66 -61.22
CA SER B 75 -21.47 -12.78 -60.64
C SER B 75 -21.56 -13.93 -61.65
N PRO B 76 -21.21 -15.16 -61.27
CA PRO B 76 -21.52 -16.30 -62.15
C PRO B 76 -23.00 -16.61 -62.18
N LYS B 77 -23.77 -16.10 -61.21
CA LYS B 77 -25.20 -16.40 -61.12
C LYS B 77 -25.99 -15.61 -62.14
N ASP B 78 -25.84 -14.28 -62.15
CA ASP B 78 -26.66 -13.43 -63.00
C ASP B 78 -25.84 -12.45 -63.83
N GLY B 79 -24.52 -12.54 -63.82
CA GLY B 79 -23.69 -11.73 -64.69
C GLY B 79 -23.51 -10.30 -64.24
N GLY B 80 -24.00 -9.94 -63.06
CA GLY B 80 -23.90 -8.57 -62.61
C GLY B 80 -22.56 -8.27 -61.97
N TRP B 81 -22.15 -7.03 -62.09
CA TRP B 81 -20.87 -6.56 -61.56
C TRP B 81 -21.09 -5.81 -60.26
N ALA B 82 -20.20 -6.04 -59.29
CA ALA B 82 -20.28 -5.32 -58.03
C ALA B 82 -18.90 -4.88 -57.57
N PHE B 83 -18.82 -3.65 -57.05
CA PHE B 83 -17.71 -3.26 -56.20
C PHE B 83 -17.88 -3.88 -54.81
N CYS B 84 -18.96 -3.51 -54.14
CA CYS B 84 -19.26 -3.97 -52.80
C CYS B 84 -20.68 -3.52 -52.47
N SER B 85 -21.55 -4.43 -52.07
CA SER B 85 -22.92 -4.10 -51.75
CA SER B 85 -22.92 -4.10 -51.75
C SER B 85 -23.16 -3.85 -50.27
N GLY B 86 -22.11 -3.68 -49.50
CA GLY B 86 -22.25 -3.34 -48.10
C GLY B 86 -22.36 -4.57 -47.22
N GLY B 87 -22.79 -4.32 -45.99
CA GLY B 87 -22.87 -5.37 -45.01
C GLY B 87 -23.85 -6.46 -45.38
N ASP B 88 -23.42 -7.70 -45.21
CA ASP B 88 -24.27 -8.84 -45.50
C ASP B 88 -25.39 -8.88 -44.47
N GLN B 89 -26.62 -8.59 -44.91
CA GLN B 89 -27.72 -8.47 -43.96
C GLN B 89 -28.09 -9.80 -43.30
N LYS B 90 -27.72 -10.93 -43.92
CA LYS B 90 -27.94 -12.22 -43.26
C LYS B 90 -27.11 -12.36 -41.98
N ALA B 91 -26.03 -11.60 -41.83
CA ALA B 91 -25.24 -11.62 -40.61
C ALA B 91 -25.61 -10.51 -39.63
N ARG B 92 -26.48 -9.59 -40.02
CA ARG B 92 -26.84 -8.45 -39.18
C ARG B 92 -27.78 -8.89 -38.08
N GLY B 93 -27.55 -8.38 -36.88
CA GLY B 93 -28.39 -8.67 -35.73
C GLY B 93 -28.43 -7.51 -34.76
N HIS B 94 -28.69 -7.82 -33.50
CA HIS B 94 -28.61 -6.84 -32.43
C HIS B 94 -27.19 -6.28 -32.35
N GLN B 95 -27.09 -4.96 -32.18
CA GLN B 95 -25.80 -4.31 -31.91
C GLN B 95 -24.77 -4.41 -33.03
N GLY B 96 -25.09 -5.04 -34.15
CA GLY B 96 -24.18 -5.05 -35.28
C GLY B 96 -24.19 -6.38 -36.02
N TYR B 97 -23.09 -6.64 -36.73
CA TYR B 97 -22.94 -7.86 -37.50
C TYR B 97 -22.35 -8.97 -36.63
N VAL B 98 -22.93 -10.16 -36.71
CA VAL B 98 -22.59 -11.24 -35.80
C VAL B 98 -21.54 -12.13 -36.46
N GLY B 99 -20.35 -12.20 -35.84
CA GLY B 99 -19.28 -13.02 -36.36
C GLY B 99 -19.35 -14.45 -35.88
N GLU B 100 -18.45 -15.28 -36.41
CA GLU B 100 -18.39 -16.69 -36.02
C GLU B 100 -18.04 -16.85 -34.55
N ASP B 101 -17.40 -15.86 -33.93
CA ASP B 101 -17.11 -15.89 -32.51
C ASP B 101 -18.25 -15.35 -31.64
N GLY B 102 -19.38 -15.00 -32.26
CA GLY B 102 -20.53 -14.52 -31.52
C GLY B 102 -20.57 -13.03 -31.28
N ARG B 103 -19.47 -12.32 -31.52
CA ARG B 103 -19.43 -10.89 -31.27
C ARG B 103 -20.27 -10.11 -32.28
N HIS B 104 -20.93 -9.05 -31.81
N HIS B 104 -13.81 -9.31 -29.72
CA HIS B 104 -21.67 -8.13 -32.66
CA HIS B 104 -14.12 -8.30 -30.72
C HIS B 104 -20.80 -6.89 -32.85
C HIS B 104 -13.84 -8.77 -32.15
N ARG B 105 -20.23 -6.73 -34.02
N ARG B 105 -14.88 -8.77 -32.98
CA ARG B 105 -19.19 -5.73 -34.25
CA ARG B 105 -14.72 -8.99 -34.40
C ARG B 105 -19.55 -4.85 -35.44
C ARG B 105 -14.46 -7.64 -35.06
N LEU B 106 -19.04 -3.62 -35.41
N LEU B 106 -13.45 -7.60 -35.93
CA LEU B 106 -19.14 -2.71 -36.53
CA LEU B 106 -13.09 -6.35 -36.57
C LEU B 106 -17.77 -2.32 -37.02
C LEU B 106 -14.28 -5.78 -37.33
N ASN B 107 -16.86 -3.29 -37.18
N ASN B 107 -14.47 -4.47 -37.18
CA ASN B 107 -15.45 -2.95 -37.38
CA ASN B 107 -15.60 -3.79 -37.77
C ASN B 107 -15.08 -2.66 -38.84
C ASN B 107 -15.12 -2.84 -38.85
N ILE B 108 -16.03 -2.50 -39.76
CA ILE B 108 -15.68 -1.77 -40.98
C ILE B 108 -15.16 -0.37 -40.63
N LEU B 109 -15.53 0.16 -39.46
CA LEU B 109 -15.01 1.48 -39.08
C LEU B 109 -13.51 1.43 -38.81
N GLU B 110 -13.01 0.32 -38.30
CA GLU B 110 -11.58 0.18 -38.10
CA GLU B 110 -11.58 0.18 -38.10
C GLU B 110 -10.86 0.08 -39.44
N VAL B 111 -11.49 -0.56 -40.42
CA VAL B 111 -10.94 -0.59 -41.78
C VAL B 111 -10.94 0.82 -42.37
N GLN B 112 -12.04 1.56 -42.19
CA GLN B 112 -12.09 2.94 -42.67
C GLN B 112 -10.93 3.76 -42.12
N ARG B 113 -10.63 3.60 -40.83
CA ARG B 113 -9.55 4.40 -40.25
C ARG B 113 -8.19 3.96 -40.77
N LEU B 114 -8.01 2.66 -41.00
CA LEU B 114 -6.75 2.18 -41.57
C LEU B 114 -6.51 2.80 -42.95
N ILE B 115 -7.55 2.81 -43.79
CA ILE B 115 -7.48 3.48 -45.10
C ILE B 115 -7.13 4.94 -44.92
N ARG B 116 -7.80 5.60 -43.98
CA ARG B 116 -7.65 7.04 -43.80
C ARG B 116 -6.25 7.41 -43.32
N PHE B 117 -5.70 6.64 -42.37
CA PHE B 117 -4.46 7.08 -41.73
C PHE B 117 -3.21 6.52 -42.39
N MET B 118 -3.31 5.53 -43.27
CA MET B 118 -2.08 4.90 -43.73
C MET B 118 -1.35 5.84 -44.70
N PRO B 119 -0.01 5.90 -44.61
CA PRO B 119 0.80 6.76 -45.47
C PRO B 119 0.98 6.16 -46.86
N LYS B 120 -0.14 5.80 -47.49
CA LYS B 120 -0.22 5.24 -48.83
C LYS B 120 -1.51 5.74 -49.43
N VAL B 121 -1.55 5.89 -50.75
CA VAL B 121 -2.77 6.37 -51.41
C VAL B 121 -3.66 5.16 -51.68
N VAL B 122 -4.92 5.23 -51.27
CA VAL B 122 -5.88 4.14 -51.48
C VAL B 122 -6.87 4.57 -52.55
N ILE B 123 -6.94 3.81 -53.63
CA ILE B 123 -7.82 4.11 -54.76
C ILE B 123 -8.95 3.10 -54.78
N ALA B 124 -10.20 3.57 -54.65
CA ALA B 124 -11.35 2.71 -54.90
C ALA B 124 -11.51 2.53 -56.40
N VAL B 125 -11.59 1.26 -56.81
CA VAL B 125 -11.75 0.87 -58.20
C VAL B 125 -13.11 0.22 -58.29
N VAL B 126 -14.07 0.87 -58.94
CA VAL B 126 -15.46 0.48 -58.81
C VAL B 126 -15.96 -0.09 -60.14
N PRO B 127 -16.04 -1.42 -60.27
CA PRO B 127 -16.48 -2.01 -61.55
C PRO B 127 -17.99 -2.24 -61.64
N GLY B 128 -18.74 -1.92 -60.60
CA GLY B 128 -20.14 -2.29 -60.56
C GLY B 128 -20.86 -1.61 -59.42
N TRP B 129 -21.89 -2.26 -58.87
CA TRP B 129 -22.66 -1.68 -57.76
C TRP B 129 -21.75 -1.34 -56.60
N ALA B 130 -21.93 -0.13 -56.06
CA ALA B 130 -21.27 0.33 -54.84
C ALA B 130 -22.40 0.82 -53.95
N VAL B 131 -22.82 -0.02 -52.99
CA VAL B 131 -24.08 0.17 -52.30
C VAL B 131 -23.84 0.18 -50.81
N GLY B 132 -24.48 1.11 -50.10
CA GLY B 132 -24.51 1.05 -48.64
C GLY B 132 -23.12 1.18 -48.09
N GLY B 133 -22.75 0.25 -47.22
CA GLY B 133 -21.41 0.27 -46.66
C GLY B 133 -20.33 0.18 -47.72
N GLY B 134 -20.65 -0.43 -48.87
CA GLY B 134 -19.72 -0.43 -49.98
C GLY B 134 -19.56 0.94 -50.59
N HIS B 135 -20.66 1.70 -50.66
CA HIS B 135 -20.55 3.10 -51.07
C HIS B 135 -19.65 3.87 -50.13
N SER B 136 -19.88 3.71 -48.81
CA SER B 136 -19.07 4.47 -47.84
C SER B 136 -17.60 4.08 -47.90
N LEU B 137 -17.28 2.83 -48.23
CA LEU B 137 -15.88 2.47 -48.42
C LEU B 137 -15.28 3.20 -49.61
N HIS B 138 -16.02 3.33 -50.71
CA HIS B 138 -15.50 4.11 -51.83
C HIS B 138 -15.25 5.56 -51.40
N VAL B 139 -16.16 6.13 -50.62
CA VAL B 139 -16.06 7.55 -50.24
C VAL B 139 -14.78 7.81 -49.44
N VAL B 140 -14.42 6.91 -48.53
CA VAL B 140 -13.28 7.18 -47.65
C VAL B 140 -11.94 6.96 -48.35
N CYS B 141 -11.93 6.20 -49.45
CA CYS B 141 -10.70 6.09 -50.23
C CYS B 141 -10.25 7.45 -50.76
N ASP B 142 -8.94 7.56 -51.00
CA ASP B 142 -8.39 8.85 -51.41
C ASP B 142 -8.87 9.27 -52.79
N LEU B 143 -9.02 8.30 -53.70
CA LEU B 143 -9.42 8.49 -55.08
C LEU B 143 -10.43 7.41 -55.44
N THR B 144 -11.28 7.67 -56.43
CA THR B 144 -12.16 6.66 -56.97
C THR B 144 -12.13 6.69 -58.50
N LEU B 145 -11.91 5.52 -59.11
CA LEU B 145 -12.06 5.31 -60.55
C LEU B 145 -13.27 4.41 -60.76
N ALA B 146 -14.10 4.71 -61.76
CA ALA B 146 -15.36 3.97 -61.91
C ALA B 146 -15.60 3.50 -63.33
N SER B 147 -16.16 2.29 -63.45
CA SER B 147 -16.55 1.71 -64.72
C SER B 147 -17.67 2.53 -65.38
N LYS B 148 -17.39 3.02 -66.60
CA LYS B 148 -18.40 3.82 -67.30
C LYS B 148 -19.69 3.04 -67.47
N GLU B 149 -19.58 1.80 -67.96
CA GLU B 149 -20.76 1.02 -68.30
C GLU B 149 -21.51 0.55 -67.08
N HIS B 150 -20.81 0.16 -66.01
CA HIS B 150 -21.44 -0.68 -65.00
C HIS B 150 -21.37 -0.19 -63.56
N ALA B 151 -20.54 0.79 -63.24
CA ALA B 151 -20.52 1.33 -61.89
C ALA B 151 -21.85 2.00 -61.59
N ILE B 152 -22.44 1.67 -60.45
CA ILE B 152 -23.66 2.33 -60.01
C ILE B 152 -23.50 2.60 -58.53
N PHE B 153 -23.71 3.83 -58.14
CA PHE B 153 -23.55 4.26 -56.75
C PHE B 153 -24.93 4.44 -56.14
N LYS B 154 -25.14 3.87 -54.94
CA LYS B 154 -26.47 3.86 -54.32
C LYS B 154 -26.31 3.74 -52.81
N GLN B 155 -27.00 4.60 -52.07
CA GLN B 155 -26.98 4.53 -50.61
C GLN B 155 -28.29 3.96 -50.11
N THR B 156 -28.24 2.75 -49.56
CA THR B 156 -29.41 2.09 -49.01
C THR B 156 -29.51 2.20 -47.50
N ASP B 157 -28.61 2.94 -46.83
CA ASP B 157 -28.65 2.97 -45.37
C ASP B 157 -30.05 3.28 -44.83
N ALA B 158 -30.69 4.32 -45.37
CA ALA B 158 -31.99 4.71 -44.83
C ALA B 158 -33.09 3.70 -45.12
N ASP B 159 -32.87 2.73 -46.02
CA ASP B 159 -33.87 1.68 -46.25
C ASP B 159 -33.91 0.63 -45.15
N VAL B 160 -32.81 0.46 -44.41
CA VAL B 160 -32.67 -0.66 -43.49
C VAL B 160 -32.41 -0.21 -42.07
N THR B 161 -32.70 1.07 -41.76
CA THR B 161 -32.53 1.63 -40.43
C THR B 161 -31.05 1.61 -40.02
N SER B 162 -30.19 1.87 -40.98
CA SER B 162 -28.77 2.04 -40.70
C SER B 162 -28.35 3.44 -41.08
N PHE B 163 -27.10 3.75 -40.76
CA PHE B 163 -26.54 5.01 -41.20
C PHE B 163 -25.04 4.96 -40.95
N ASP B 164 -24.29 5.43 -41.93
CA ASP B 164 -22.89 5.78 -41.72
C ASP B 164 -22.89 7.29 -41.49
N GLY B 165 -22.83 7.67 -40.21
CA GLY B 165 -22.85 9.08 -39.87
C GLY B 165 -21.48 9.72 -39.78
N GLY B 166 -20.46 9.08 -40.36
CA GLY B 166 -19.11 9.63 -40.33
C GLY B 166 -18.54 9.80 -41.73
N TYR B 167 -17.59 8.95 -42.11
CA TYR B 167 -16.96 9.12 -43.40
C TYR B 167 -17.93 8.85 -44.54
N GLY B 168 -19.03 8.16 -44.29
CA GLY B 168 -19.93 7.83 -45.39
C GLY B 168 -20.82 8.98 -45.80
N SER B 169 -21.09 9.92 -44.88
CA SER B 169 -22.07 10.97 -45.11
C SER B 169 -21.47 12.35 -44.92
N ALA B 170 -21.03 12.66 -43.69
CA ALA B 170 -20.40 13.97 -43.47
C ALA B 170 -19.18 14.15 -44.36
N TYR B 171 -18.37 13.11 -44.54
CA TYR B 171 -17.21 13.26 -45.41
C TYR B 171 -17.62 13.28 -46.89
N LEU B 172 -18.66 12.53 -47.25
CA LEU B 172 -19.19 12.64 -48.60
C LEU B 172 -19.50 14.11 -48.96
N ALA B 173 -20.02 14.87 -47.99
CA ALA B 173 -20.33 16.27 -48.27
C ALA B 173 -19.08 17.10 -48.56
N LYS B 174 -17.91 16.62 -48.13
CA LYS B 174 -16.66 17.29 -48.43
C LYS B 174 -16.15 17.01 -49.84
N MET B 175 -16.84 16.15 -50.61
CA MET B 175 -16.48 15.99 -52.02
C MET B 175 -17.62 16.30 -52.99
N VAL B 176 -18.89 16.16 -52.58
CA VAL B 176 -20.02 16.47 -53.46
C VAL B 176 -20.84 17.65 -52.96
N GLY B 177 -20.52 18.20 -51.80
CA GLY B 177 -21.29 19.29 -51.24
C GLY B 177 -22.47 18.79 -50.42
N GLN B 178 -23.03 19.69 -49.60
CA GLN B 178 -24.02 19.26 -48.62
C GLN B 178 -25.37 18.94 -49.25
N LYS B 179 -25.80 19.64 -50.31
CA LYS B 179 -27.08 19.30 -50.92
C LYS B 179 -27.05 17.92 -51.53
N LYS B 180 -25.98 17.61 -52.28
CA LYS B 180 -25.94 16.33 -52.96
C LYS B 180 -25.76 15.18 -51.98
N ALA B 181 -24.95 15.38 -50.91
CA ALA B 181 -24.79 14.31 -49.93
C ALA B 181 -26.11 13.98 -49.27
N ARG B 182 -26.90 15.01 -48.96
CA ARG B 182 -28.23 14.80 -48.39
C ARG B 182 -29.12 14.03 -49.36
N GLU B 183 -29.09 14.40 -50.65
CA GLU B 183 -29.90 13.70 -51.64
C GLU B 183 -29.56 12.21 -51.71
N ILE B 184 -28.25 11.90 -51.75
CA ILE B 184 -27.80 10.52 -51.88
C ILE B 184 -28.37 9.66 -50.76
N PHE B 185 -28.30 10.14 -49.52
CA PHE B 185 -28.81 9.36 -48.40
C PHE B 185 -30.33 9.42 -48.23
N PHE B 186 -30.98 10.57 -48.46
CA PHE B 186 -32.40 10.66 -48.13
C PHE B 186 -33.26 9.94 -49.16
N LEU B 187 -32.85 9.88 -50.43
CA LEU B 187 -33.66 9.22 -51.45
C LEU B 187 -33.14 7.86 -51.84
N GLY B 188 -31.84 7.60 -51.66
CA GLY B 188 -31.30 6.28 -51.98
C GLY B 188 -31.45 5.89 -53.45
N ARG B 189 -31.31 6.86 -54.35
CA ARG B 189 -31.40 6.61 -55.77
C ARG B 189 -30.06 6.12 -56.32
N ASN B 190 -30.10 5.65 -57.58
CA ASN B 190 -28.92 5.21 -58.29
C ASN B 190 -28.24 6.37 -59.00
N TYR B 191 -26.90 6.35 -59.01
CA TYR B 191 -26.12 7.29 -59.80
C TYR B 191 -25.13 6.54 -60.67
N SER B 192 -25.04 6.93 -61.94
CA SER B 192 -24.05 6.35 -62.83
C SER B 192 -22.65 6.88 -62.51
N ALA B 193 -21.65 6.26 -63.15
CA ALA B 193 -20.28 6.75 -63.02
C ALA B 193 -20.18 8.20 -63.46
N GLN B 194 -20.82 8.54 -64.58
CA GLN B 194 -20.74 9.92 -65.06
C GLN B 194 -21.41 10.90 -64.09
N GLU B 195 -22.57 10.55 -63.55
CA GLU B 195 -23.19 11.41 -62.55
C GLU B 195 -22.30 11.58 -61.34
N ALA B 196 -21.67 10.49 -60.91
CA ALA B 196 -20.80 10.54 -59.73
C ALA B 196 -19.56 11.39 -60.00
N PHE B 197 -19.03 11.34 -61.23
CA PHE B 197 -17.94 12.23 -61.63
C PHE B 197 -18.39 13.68 -61.62
N GLU B 198 -19.57 13.96 -62.19
CA GLU B 198 -20.03 15.35 -62.26
C GLU B 198 -20.28 15.92 -60.88
N MET B 199 -20.70 15.11 -59.90
CA MET B 199 -20.94 15.66 -58.57
C MET B 199 -19.67 15.80 -57.74
N GLY B 200 -18.59 15.12 -58.12
CA GLY B 200 -17.30 15.26 -57.48
C GLY B 200 -16.79 14.10 -56.65
N MET B 201 -17.49 12.93 -56.63
CA MET B 201 -17.00 11.82 -55.81
C MET B 201 -16.27 10.75 -56.61
N VAL B 202 -16.27 10.86 -57.93
CA VAL B 202 -15.51 9.97 -58.81
C VAL B 202 -14.47 10.81 -59.55
N ASN B 203 -13.22 10.34 -59.54
CA ASN B 203 -12.13 11.07 -60.18
C ASN B 203 -12.09 10.89 -61.68
N LYS B 204 -12.47 9.71 -62.19
CA LYS B 204 -12.37 9.45 -63.62
C LYS B 204 -13.34 8.33 -63.97
N VAL B 205 -14.08 8.55 -65.05
CA VAL B 205 -14.95 7.54 -65.65
C VAL B 205 -14.12 6.80 -66.69
N VAL B 206 -14.02 5.47 -66.55
CA VAL B 206 -13.13 4.65 -67.37
C VAL B 206 -13.94 3.56 -68.07
N PRO B 207 -13.71 3.27 -69.36
CA PRO B 207 -14.32 2.08 -69.95
C PRO B 207 -14.06 0.84 -69.10
N HIS B 208 -15.10 0.03 -68.95
CA HIS B 208 -15.05 -1.12 -68.06
C HIS B 208 -13.84 -2.02 -68.35
N ALA B 209 -13.61 -2.33 -69.63
CA ALA B 209 -12.50 -3.22 -69.96
C ALA B 209 -11.14 -2.63 -69.64
N GLU B 210 -11.06 -1.31 -69.44
CA GLU B 210 -9.79 -0.64 -69.14
C GLU B 210 -9.65 -0.25 -67.68
N LEU B 211 -10.68 -0.48 -66.86
CA LEU B 211 -10.71 0.05 -65.50
C LEU B 211 -9.53 -0.43 -64.67
N GLU B 212 -9.30 -1.75 -64.61
CA GLU B 212 -8.22 -2.24 -63.74
C GLU B 212 -6.86 -1.78 -64.24
N ASP B 213 -6.64 -1.80 -65.56
CA ASP B 213 -5.36 -1.36 -66.10
C ASP B 213 -5.13 0.12 -65.83
N THR B 214 -6.19 0.92 -65.95
CA THR B 214 -6.07 2.35 -65.71
C THR B 214 -5.80 2.64 -64.25
N ALA B 215 -6.40 1.86 -63.34
CA ALA B 215 -6.10 2.04 -61.93
C ALA B 215 -4.63 1.76 -61.65
N TYR B 216 -4.07 0.73 -62.28
CA TYR B 216 -2.65 0.45 -62.11
C TYR B 216 -1.80 1.59 -62.65
N GLU B 217 -2.19 2.16 -63.81
CA GLU B 217 -1.41 3.25 -64.37
CA GLU B 217 -1.43 3.26 -64.38
C GLU B 217 -1.47 4.49 -63.47
N TRP B 218 -2.64 4.78 -62.89
CA TRP B 218 -2.73 5.86 -61.91
C TRP B 218 -1.79 5.60 -60.75
N ALA B 219 -1.78 4.36 -60.27
CA ALA B 219 -0.91 4.03 -59.15
C ALA B 219 0.55 4.27 -59.50
N GLN B 220 0.97 3.87 -60.70
CA GLN B 220 2.35 4.08 -61.09
C GLN B 220 2.70 5.56 -61.22
N GLU B 221 1.73 6.42 -61.59
CA GLU B 221 2.03 7.85 -61.62
C GLU B 221 2.30 8.37 -60.22
N ILE B 222 1.52 7.93 -59.23
CA ILE B 222 1.77 8.33 -57.83
C ILE B 222 3.12 7.78 -57.35
N LEU B 223 3.44 6.55 -57.71
CA LEU B 223 4.66 5.92 -57.24
C LEU B 223 5.91 6.58 -57.78
N ALA B 224 5.78 7.40 -58.82
CA ALA B 224 6.91 8.16 -59.34
C ALA B 224 7.15 9.47 -58.60
N LYS B 225 6.29 9.81 -57.65
CA LYS B 225 6.39 11.05 -56.90
C LYS B 225 7.26 10.86 -55.66
N SER B 226 7.57 12.00 -55.03
CA SER B 226 8.28 12.00 -53.76
C SER B 226 7.42 11.34 -52.69
N PRO B 227 7.87 10.25 -52.05
CA PRO B 227 7.01 9.67 -51.00
C PRO B 227 6.77 10.60 -49.84
N THR B 228 7.74 11.42 -49.45
CA THR B 228 7.47 12.39 -48.40
C THR B 228 6.37 13.36 -48.81
N SER B 229 6.41 13.85 -50.06
CA SER B 229 5.36 14.76 -50.51
C SER B 229 4.00 14.08 -50.44
N ILE B 230 3.92 12.84 -50.92
CA ILE B 230 2.63 12.16 -50.98
C ILE B 230 2.07 11.96 -49.58
N ARG B 231 2.91 11.49 -48.65
CA ARG B 231 2.48 11.36 -47.25
C ARG B 231 2.01 12.67 -46.68
N MET B 232 2.83 13.72 -46.81
CA MET B 232 2.49 14.98 -46.17
C MET B 232 1.25 15.58 -46.80
N LEU B 233 1.06 15.39 -48.11
CA LEU B 233 -0.11 15.96 -48.76
C LEU B 233 -1.38 15.21 -48.39
N LYS B 234 -1.33 13.86 -48.37
CA LYS B 234 -2.50 13.12 -47.88
C LYS B 234 -2.87 13.57 -46.47
N PHE B 235 -1.86 13.68 -45.59
CA PHE B 235 -2.17 14.03 -44.21
C PHE B 235 -2.59 15.49 -44.07
N ALA B 236 -2.09 16.39 -44.93
CA ALA B 236 -2.58 17.78 -44.91
C ALA B 236 -4.04 17.84 -45.36
N MET B 237 -4.42 17.07 -46.38
CA MET B 237 -5.80 17.14 -46.80
C MET B 237 -6.72 16.39 -45.82
N ASN B 238 -6.20 15.38 -45.10
CA ASN B 238 -6.96 14.81 -43.97
C ASN B 238 -7.14 15.81 -42.84
N LEU B 239 -6.08 16.57 -42.55
CA LEU B 239 -6.03 17.41 -41.34
C LEU B 239 -7.19 18.40 -41.29
N THR B 240 -7.56 18.99 -42.41
CA THR B 240 -8.59 20.02 -42.35
C THR B 240 -9.91 19.46 -41.83
N ASP B 241 -10.18 18.17 -42.04
CA ASP B 241 -11.42 17.58 -41.53
C ASP B 241 -11.24 16.71 -40.29
N ASP B 242 -10.04 16.18 -40.02
CA ASP B 242 -9.91 15.14 -39.00
C ASP B 242 -9.54 15.70 -37.61
N GLY B 243 -9.60 17.01 -37.41
CA GLY B 243 -9.44 17.57 -36.08
C GLY B 243 -8.13 17.15 -35.42
N MET B 244 -8.23 16.82 -34.12
CA MET B 244 -7.01 16.52 -33.37
CA MET B 244 -7.04 16.51 -33.35
C MET B 244 -6.37 15.23 -33.84
N VAL B 245 -7.14 14.27 -34.35
CA VAL B 245 -6.52 13.06 -34.88
C VAL B 245 -5.71 13.39 -36.11
N GLY B 246 -6.29 14.18 -37.01
CA GLY B 246 -5.56 14.63 -38.19
C GLY B 246 -4.32 15.41 -37.80
N GLN B 247 -4.40 16.19 -36.73
CA GLN B 247 -3.22 16.93 -36.27
C GLN B 247 -2.16 15.96 -35.75
N GLN B 248 -2.58 14.95 -34.97
CA GLN B 248 -1.64 13.95 -34.47
C GLN B 248 -0.89 13.28 -35.63
N VAL B 249 -1.62 12.90 -36.68
CA VAL B 249 -1.01 12.16 -37.79
C VAL B 249 -0.06 13.07 -38.59
N PHE B 250 -0.52 14.28 -38.92
CA PHE B 250 0.31 15.19 -39.70
C PHE B 250 1.52 15.64 -38.90
N ALA B 251 1.32 16.04 -37.65
CA ALA B 251 2.47 16.43 -36.84
C ALA B 251 3.42 15.27 -36.63
N GLY B 252 2.92 14.04 -36.56
CA GLY B 252 3.80 12.91 -36.35
C GLY B 252 4.76 12.72 -37.50
N GLU B 253 4.26 12.92 -38.73
CA GLU B 253 5.14 12.86 -39.89
C GLU B 253 6.13 14.02 -39.90
N ALA B 254 5.71 15.20 -39.44
CA ALA B 254 6.65 16.31 -39.29
C ALA B 254 7.75 15.98 -38.27
N THR B 255 7.39 15.31 -37.16
CA THR B 255 8.40 14.94 -36.17
C THR B 255 9.43 14.02 -36.81
N ARG B 256 8.97 13.14 -37.70
CA ARG B 256 9.88 12.24 -38.41
C ARG B 256 10.89 13.03 -39.24
N LEU B 257 10.44 14.10 -39.89
CA LEU B 257 11.35 14.95 -40.65
C LEU B 257 12.35 15.68 -39.75
N ALA B 258 11.90 16.19 -38.60
CA ALA B 258 12.84 16.83 -37.68
C ALA B 258 13.92 15.87 -37.21
N TYR B 259 13.56 14.59 -37.01
CA TYR B 259 14.50 13.62 -36.45
C TYR B 259 15.72 13.47 -37.34
N MET B 260 15.57 13.71 -38.64
CA MET B 260 16.64 13.51 -39.61
C MET B 260 17.67 14.63 -39.60
N THR B 261 17.37 15.78 -39.01
CA THR B 261 18.25 16.95 -39.09
C THR B 261 19.49 16.79 -38.23
N ASP B 262 20.53 17.54 -38.60
CA ASP B 262 21.73 17.58 -37.76
C ASP B 262 21.42 18.19 -36.39
N GLU B 263 20.42 19.09 -36.35
CA GLU B 263 19.97 19.66 -35.09
C GLU B 263 19.47 18.58 -34.13
N ALA B 264 18.72 17.61 -34.64
CA ALA B 264 18.23 16.53 -33.79
C ALA B 264 19.34 15.57 -33.41
N LYS B 265 20.30 15.34 -34.29
CA LYS B 265 21.45 14.53 -33.90
C LYS B 265 22.14 15.14 -32.69
N GLU B 266 22.27 16.47 -32.68
CA GLU B 266 22.90 17.16 -31.56
C GLU B 266 22.04 17.07 -30.30
N GLY B 267 20.72 17.27 -30.44
CA GLY B 267 19.83 17.13 -29.31
C GLY B 267 19.94 15.76 -28.65
N ARG B 268 19.87 14.70 -29.46
CA ARG B 268 19.96 13.36 -28.91
C ARG B 268 21.34 13.08 -28.33
N ASN B 269 22.39 13.52 -29.04
CA ASN B 269 23.75 13.25 -28.55
C ASN B 269 24.01 13.97 -27.24
N ALA B 270 23.58 15.23 -27.13
CA ALA B 270 23.77 15.95 -25.88
C ALA B 270 23.05 15.26 -24.73
N PHE B 271 21.84 14.76 -24.99
CA PHE B 271 21.08 14.07 -23.95
C PHE B 271 21.82 12.82 -23.49
N LEU B 272 22.29 12.01 -24.43
CA LEU B 272 22.95 10.75 -24.06
C LEU B 272 24.27 11.02 -23.35
N GLU B 273 24.90 12.15 -23.63
CA GLU B 273 26.20 12.47 -23.06
C GLU B 273 26.12 13.37 -21.83
N LYS B 274 24.90 13.70 -21.39
CA LYS B 274 24.68 14.46 -20.15
C LYS B 274 25.31 15.85 -20.22
N ARG B 275 25.18 16.50 -21.38
CA ARG B 275 25.70 17.84 -21.58
C ARG B 275 24.62 18.71 -22.21
N LYS B 276 24.83 20.01 -22.13
CA LYS B 276 23.90 20.97 -22.72
C LYS B 276 24.05 20.96 -24.23
N PRO B 277 22.96 20.86 -24.99
CA PRO B 277 23.09 20.89 -26.44
C PRO B 277 23.50 22.27 -26.92
N ASP B 278 24.25 22.29 -28.03
CA ASP B 278 24.62 23.55 -28.71
C ASP B 278 23.95 23.53 -30.08
N PHE B 279 22.84 24.25 -30.19
CA PHE B 279 22.07 24.26 -31.42
C PHE B 279 22.52 25.37 -32.38
N GLY B 280 23.56 26.10 -32.04
CA GLY B 280 24.13 27.08 -32.95
C GLY B 280 23.63 28.49 -32.68
N GLU B 281 24.06 29.40 -33.56
CA GLU B 281 23.75 30.81 -33.46
C GLU B 281 22.83 31.26 -34.58
N ASP B 282 22.08 32.33 -34.30
CA ASP B 282 21.19 32.96 -35.27
C ASP B 282 20.25 31.94 -35.89
N GLN B 283 19.72 31.04 -35.04
CA GLN B 283 18.86 29.96 -35.49
C GLN B 283 17.39 30.33 -35.56
N TRP B 284 16.99 31.50 -35.07
CA TRP B 284 15.58 31.82 -34.94
C TRP B 284 15.06 32.46 -36.24
N ILE B 285 15.10 31.64 -37.30
CA ILE B 285 14.84 32.11 -38.65
C ILE B 285 13.35 32.29 -38.89
N SER B 286 13.04 33.04 -39.93
CA SER B 286 11.67 33.25 -40.35
C SER B 286 11.66 33.38 -41.86
N MET C 9 28.17 34.13 -7.13
CA MET C 9 28.66 33.14 -6.17
C MET C 9 29.04 33.78 -4.83
N ILE C 10 28.55 33.20 -3.73
CA ILE C 10 28.85 33.71 -2.40
C ILE C 10 30.30 33.41 -2.07
N GLU C 11 31.03 34.42 -1.58
CA GLU C 11 32.46 34.27 -1.34
C GLU C 11 32.72 33.75 0.07
N TRP C 12 32.27 32.52 0.30
CA TRP C 12 32.46 31.88 1.60
C TRP C 12 33.94 31.74 1.91
N LYS C 13 34.28 31.95 3.18
CA LYS C 13 35.61 31.72 3.72
C LYS C 13 35.51 30.63 4.78
N THR C 14 36.27 29.55 4.62
CA THR C 14 36.25 28.50 5.63
C THR C 14 36.80 29.03 6.95
N ALA C 15 36.01 28.89 8.02
CA ALA C 15 36.37 29.40 9.33
C ALA C 15 37.16 28.39 10.14
N LYS C 16 36.74 27.13 10.11
CA LYS C 16 37.45 26.07 10.80
CA LYS C 16 37.45 26.07 10.80
C LYS C 16 37.15 24.75 10.09
N GLU C 17 38.13 23.84 10.12
CA GLU C 17 37.97 22.51 9.58
C GLU C 17 37.45 21.57 10.67
N TYR C 18 36.46 20.76 10.32
CA TYR C 18 35.83 19.79 11.21
C TYR C 18 35.71 18.46 10.49
N GLU C 19 35.47 17.40 11.25
CA GLU C 19 35.30 16.08 10.66
CA GLU C 19 35.31 16.08 10.65
C GLU C 19 33.89 15.85 10.15
N ASP C 20 32.86 16.26 10.91
CA ASP C 20 31.47 15.94 10.58
C ASP C 20 30.65 17.11 10.04
N ILE C 21 31.15 18.34 10.09
CA ILE C 21 30.39 19.53 9.69
C ILE C 21 31.30 20.42 8.86
N THR C 22 30.71 21.44 8.23
CA THR C 22 31.46 22.51 7.59
C THR C 22 31.10 23.81 8.30
N TYR C 23 32.04 24.75 8.29
CA TYR C 23 31.88 26.01 9.01
C TYR C 23 32.55 27.11 8.20
N LYS C 24 31.74 28.01 7.66
CA LYS C 24 32.22 29.05 6.74
C LYS C 24 31.58 30.37 7.12
N LYS C 25 32.21 31.48 6.68
CA LYS C 25 31.66 32.80 6.97
C LYS C 25 31.77 33.69 5.73
N CYS C 26 30.84 34.63 5.61
CA CYS C 26 30.88 35.61 4.52
C CYS C 26 30.00 36.79 4.89
N ASN C 27 30.60 37.98 4.98
CA ASN C 27 29.89 39.27 5.08
C ASN C 27 28.80 39.22 6.15
N GLY C 28 29.18 38.82 7.34
CA GLY C 28 28.27 38.85 8.47
C GLY C 28 27.44 37.60 8.67
N VAL C 29 27.52 36.63 7.76
CA VAL C 29 26.76 35.37 7.84
C VAL C 29 27.74 34.25 8.14
N ALA C 30 27.41 33.42 9.11
CA ALA C 30 28.12 32.16 9.30
C ALA C 30 27.22 31.02 8.83
N ARG C 31 27.82 29.99 8.23
CA ARG C 31 27.06 28.80 7.82
C ARG C 31 27.70 27.58 8.45
N ILE C 32 26.89 26.82 9.20
CA ILE C 32 27.27 25.55 9.80
C ILE C 32 26.44 24.49 9.12
N ALA C 33 27.08 23.47 8.55
CA ALA C 33 26.31 22.47 7.83
C ALA C 33 26.73 21.06 8.19
N PHE C 34 25.75 20.18 8.41
CA PHE C 34 26.08 18.77 8.54
C PHE C 34 26.74 18.28 7.26
N ASN C 35 27.80 17.49 7.42
CA ASN C 35 28.60 17.03 6.30
C ASN C 35 28.85 15.54 6.40
N ARG C 36 27.79 14.77 6.67
CA ARG C 36 27.84 13.30 6.55
C ARG C 36 26.69 12.86 5.64
N PRO C 37 26.65 13.33 4.39
CA PRO C 37 25.48 13.03 3.54
C PRO C 37 25.32 11.56 3.23
N GLU C 38 26.38 10.75 3.34
CA GLU C 38 26.28 9.33 3.09
C GLU C 38 25.38 8.62 4.10
N ILE C 39 25.21 9.18 5.30
CA ILE C 39 24.25 8.61 6.25
C ILE C 39 23.19 9.64 6.58
N ARG C 40 22.80 10.43 5.56
CA ARG C 40 21.72 11.41 5.68
C ARG C 40 21.93 12.36 6.86
N ASN C 41 23.19 12.70 7.11
CA ASN C 41 23.55 13.78 8.03
C ASN C 41 23.05 13.52 9.44
N ALA C 42 23.10 12.27 9.88
CA ALA C 42 22.87 11.97 11.28
C ALA C 42 24.01 12.52 12.12
N PHE C 43 23.72 12.86 13.39
CA PHE C 43 24.78 13.33 14.27
C PHE C 43 25.13 12.27 15.31
N ARG C 44 26.41 12.00 15.44
CA ARG C 44 27.03 11.24 16.51
C ARG C 44 27.64 12.21 17.51
N PRO C 45 28.13 11.74 18.67
CA PRO C 45 28.65 12.68 19.68
C PRO C 45 29.74 13.62 19.16
N LYS C 46 30.65 13.15 18.32
CA LYS C 46 31.61 14.06 17.70
C LYS C 46 30.91 15.20 16.96
N THR C 47 29.85 14.88 16.20
CA THR C 47 29.13 15.89 15.46
C THR C 47 28.59 16.96 16.40
N THR C 48 28.00 16.52 17.51
CA THR C 48 27.41 17.47 18.46
C THR C 48 28.47 18.37 19.07
N SER C 49 29.64 17.81 19.39
CA SER C 49 30.73 18.63 19.92
C SER C 49 31.18 19.67 18.90
N GLU C 50 31.26 19.28 17.63
CA GLU C 50 31.69 20.22 16.59
C GLU C 50 30.63 21.29 16.38
N LEU C 51 29.34 20.90 16.39
CA LEU C 51 28.27 21.89 16.32
C LEU C 51 28.39 22.91 17.42
N TYR C 52 28.59 22.45 18.66
CA TYR C 52 28.73 23.37 19.77
C TYR C 52 29.93 24.28 19.56
N ASP C 53 31.07 23.71 19.16
CA ASP C 53 32.27 24.50 18.91
C ASP C 53 32.02 25.59 17.87
N ALA C 54 31.36 25.23 16.76
CA ALA C 54 31.16 26.19 15.68
C ALA C 54 30.13 27.23 16.06
N PHE C 55 29.03 26.82 16.70
CA PHE C 55 28.03 27.79 17.17
C PHE C 55 28.63 28.73 18.21
N TYR C 56 29.49 28.22 19.09
CA TYR C 56 30.05 29.10 20.10
C TYR C 56 31.01 30.10 19.47
N ASP C 57 31.75 29.68 18.44
CA ASP C 57 32.58 30.63 17.71
C ASP C 57 31.74 31.72 17.06
N ALA C 58 30.64 31.34 16.40
CA ALA C 58 29.74 32.33 15.81
C ALA C 58 29.18 33.25 16.88
N TYR C 59 28.82 32.69 18.03
CA TYR C 59 28.31 33.47 19.15
C TYR C 59 29.30 34.55 19.56
N GLU C 60 30.60 34.22 19.59
CA GLU C 60 31.60 35.15 20.08
C GLU C 60 32.11 36.12 19.02
N ASP C 61 31.82 35.89 17.74
CA ASP C 61 32.37 36.69 16.66
C ASP C 61 31.47 37.91 16.43
N PRO C 62 31.89 39.13 16.76
CA PRO C 62 31.01 40.29 16.60
C PRO C 62 30.76 40.69 15.15
N SER C 63 31.46 40.07 14.19
CA SER C 63 31.12 40.33 12.81
CA SER C 63 31.14 40.31 12.79
C SER C 63 29.93 39.51 12.32
N ILE C 64 29.54 38.46 13.06
CA ILE C 64 28.50 37.54 12.63
C ILE C 64 27.17 37.94 13.28
N GLY C 65 26.18 38.24 12.45
CA GLY C 65 24.84 38.54 12.94
C GLY C 65 23.83 37.46 12.66
N VAL C 66 24.08 36.62 11.66
CA VAL C 66 23.15 35.58 11.25
C VAL C 66 23.92 34.29 11.09
N VAL C 67 23.37 33.19 11.60
CA VAL C 67 23.96 31.86 11.43
C VAL C 67 22.98 31.01 10.62
N LEU C 68 23.44 30.45 9.51
CA LEU C 68 22.67 29.45 8.77
C LEU C 68 23.06 28.07 9.25
N LEU C 69 22.08 27.24 9.57
CA LEU C 69 22.33 25.84 9.92
C LEU C 69 21.72 25.01 8.80
N SER C 70 22.59 24.31 8.04
CA SER C 70 22.14 23.63 6.84
C SER C 70 22.69 22.21 6.79
N GLY C 71 22.50 21.55 5.66
CA GLY C 71 23.11 20.25 5.44
C GLY C 71 23.72 20.18 4.06
N GLU C 72 24.90 19.55 3.98
CA GLU C 72 25.55 19.33 2.70
C GLU C 72 24.95 18.10 2.01
N GLY C 73 25.13 18.05 0.71
CA GLY C 73 24.69 16.90 -0.03
C GLY C 73 24.98 17.07 -1.50
N PRO C 74 24.42 16.17 -2.33
CA PRO C 74 23.53 15.07 -1.95
C PRO C 74 24.27 13.83 -1.48
N SER C 75 23.51 12.82 -1.08
CA SER C 75 24.10 11.53 -0.73
C SER C 75 24.82 10.94 -1.95
N PRO C 76 26.07 10.50 -1.79
CA PRO C 76 26.73 9.76 -2.88
C PRO C 76 26.11 8.39 -3.16
N LYS C 77 25.26 7.88 -2.26
CA LYS C 77 24.72 6.54 -2.39
C LYS C 77 23.47 6.51 -3.26
N ASP C 78 22.52 7.41 -3.01
CA ASP C 78 21.26 7.42 -3.76
C ASP C 78 20.88 8.80 -4.27
N GLY C 79 21.75 9.80 -4.12
CA GLY C 79 21.42 11.11 -4.62
C GLY C 79 20.38 11.85 -3.80
N GLY C 80 20.04 11.35 -2.62
CA GLY C 80 19.07 12.03 -1.79
C GLY C 80 19.67 13.16 -0.99
N TRP C 81 18.79 14.03 -0.48
CA TRP C 81 19.20 15.21 0.25
C TRP C 81 18.76 15.11 1.70
N ALA C 82 19.59 15.60 2.61
CA ALA C 82 19.25 15.60 4.03
C ALA C 82 19.70 16.90 4.69
N PHE C 83 18.84 17.43 5.57
CA PHE C 83 19.28 18.42 6.53
C PHE C 83 20.01 17.73 7.68
N CYS C 84 19.30 16.87 8.40
CA CYS C 84 19.84 16.16 9.55
C CYS C 84 18.85 15.09 9.94
N SER C 85 19.28 13.85 10.01
CA SER C 85 18.38 12.75 10.33
CA SER C 85 18.39 12.74 10.33
C SER C 85 18.40 12.40 11.81
N GLY C 86 18.94 13.27 12.64
CA GLY C 86 18.91 13.09 14.07
C GLY C 86 20.03 12.21 14.57
N GLY C 87 19.86 11.74 15.81
CA GLY C 87 20.89 11.01 16.50
C GLY C 87 21.26 9.71 15.82
N ASP C 88 22.56 9.50 15.66
CA ASP C 88 23.13 8.28 15.14
C ASP C 88 22.85 7.15 16.13
N GLN C 89 21.81 6.35 15.85
CA GLN C 89 21.33 5.38 16.84
C GLN C 89 22.38 4.35 17.21
N LYS C 90 23.42 4.19 16.38
CA LYS C 90 24.52 3.28 16.73
C LYS C 90 25.34 3.81 17.90
N ALA C 91 25.31 5.10 18.16
CA ALA C 91 26.01 5.68 19.31
C ALA C 91 25.02 6.19 20.36
N HIS C 104 32.41 15.26 30.45
CA HIS C 104 31.18 14.97 29.72
C HIS C 104 31.37 15.16 28.22
N ARG C 105 30.46 14.61 27.44
CA ARG C 105 30.40 14.84 26.00
C ARG C 105 29.21 15.75 25.73
N LEU C 106 29.48 16.91 25.12
CA LEU C 106 28.44 17.90 24.85
C LEU C 106 27.25 17.24 24.16
N ASN C 107 26.05 17.55 24.64
CA ASN C 107 24.84 16.98 24.08
CA ASN C 107 24.84 16.98 24.08
C ASN C 107 24.04 18.04 23.34
N ILE C 108 23.07 17.55 22.56
CA ILE C 108 22.33 18.43 21.68
C ILE C 108 21.52 19.46 22.45
N LEU C 109 21.23 19.24 23.75
CA LEU C 109 20.44 20.24 24.47
C LEU C 109 21.28 21.47 24.78
N GLU C 110 22.59 21.30 24.97
CA GLU C 110 23.47 22.45 25.13
C GLU C 110 23.57 23.23 23.82
N VAL C 111 23.55 22.52 22.68
CA VAL C 111 23.51 23.20 21.39
C VAL C 111 22.20 23.96 21.22
N GLN C 112 21.07 23.32 21.55
CA GLN C 112 19.80 24.02 21.50
C GLN C 112 19.81 25.31 22.32
N ARG C 113 20.39 25.27 23.52
CA ARG C 113 20.38 26.49 24.34
C ARG C 113 21.30 27.56 23.76
N LEU C 114 22.40 27.17 23.14
CA LEU C 114 23.29 28.14 22.51
C LEU C 114 22.58 28.84 21.36
N ILE C 115 21.89 28.07 20.51
CA ILE C 115 21.07 28.66 19.45
C ILE C 115 20.05 29.63 20.03
N ARG C 116 19.38 29.20 21.10
CA ARG C 116 18.28 29.97 21.66
C ARG C 116 18.74 31.29 22.26
N PHE C 117 19.87 31.29 22.99
CA PHE C 117 20.27 32.48 23.75
C PHE C 117 21.21 33.40 23.00
N MET C 118 21.78 32.98 21.88
CA MET C 118 22.79 33.83 21.28
C MET C 118 22.13 35.05 20.65
N PRO C 119 22.74 36.21 20.76
CA PRO C 119 22.23 37.45 20.17
C PRO C 119 22.53 37.53 18.68
N LYS C 120 22.16 36.48 17.96
CA LYS C 120 22.27 36.37 16.52
C LYS C 120 21.04 35.59 16.06
N VAL C 121 20.60 35.82 14.84
CA VAL C 121 19.46 35.09 14.30
C VAL C 121 19.98 33.80 13.69
N VAL C 122 19.38 32.67 14.06
CA VAL C 122 19.77 31.37 13.52
C VAL C 122 18.67 30.87 12.60
N ILE C 123 19.04 30.58 11.35
CA ILE C 123 18.10 30.15 10.31
C ILE C 123 18.40 28.70 9.97
N ALA C 124 17.44 27.82 10.21
CA ALA C 124 17.52 26.47 9.67
C ALA C 124 17.28 26.50 8.18
N VAL C 125 18.21 25.93 7.43
CA VAL C 125 18.11 25.81 5.98
C VAL C 125 17.97 24.32 5.71
N VAL C 126 16.78 23.89 5.25
CA VAL C 126 16.45 22.46 5.23
C VAL C 126 16.40 21.95 3.80
N PRO C 127 17.46 21.32 3.29
CA PRO C 127 17.45 20.84 1.90
C PRO C 127 16.82 19.48 1.73
N GLY C 128 16.53 18.76 2.81
CA GLY C 128 16.08 17.39 2.70
C GLY C 128 15.52 16.89 4.00
N TRP C 129 15.77 15.61 4.31
CA TRP C 129 15.28 15.00 5.53
C TRP C 129 15.64 15.84 6.74
N ALA C 130 14.64 16.14 7.57
CA ALA C 130 14.83 16.74 8.89
C ALA C 130 14.07 15.83 9.84
N VAL C 131 14.79 14.92 10.52
CA VAL C 131 14.16 13.79 11.21
C VAL C 131 14.61 13.76 12.65
N GLY C 132 13.66 13.52 13.57
CA GLY C 132 14.01 13.26 14.97
C GLY C 132 14.71 14.45 15.59
N GLY C 133 15.89 14.21 16.16
CA GLY C 133 16.67 15.31 16.71
C GLY C 133 17.03 16.37 15.68
N GLY C 134 17.14 15.97 14.42
CA GLY C 134 17.33 16.96 13.36
C GLY C 134 16.08 17.82 13.17
N HIS C 135 14.90 17.20 13.33
CA HIS C 135 13.68 17.99 13.28
C HIS C 135 13.65 18.99 14.44
N SER C 136 13.99 18.54 15.65
CA SER C 136 13.95 19.44 16.80
C SER C 136 14.97 20.56 16.64
N LEU C 137 16.11 20.30 15.99
CA LEU C 137 17.04 21.38 15.73
C LEU C 137 16.44 22.42 14.82
N HIS C 138 15.69 21.99 13.79
CA HIS C 138 15.04 22.98 12.94
C HIS C 138 14.03 23.79 13.75
N VAL C 139 13.31 23.14 14.65
CA VAL C 139 12.26 23.84 15.41
C VAL C 139 12.86 24.97 16.26
N VAL C 140 14.00 24.73 16.92
CA VAL C 140 14.53 25.71 17.86
C VAL C 140 15.19 26.88 17.14
N CYS C 141 15.52 26.74 15.87
CA CYS C 141 16.07 27.86 15.12
C CYS C 141 15.04 28.99 15.04
N ASP C 142 15.54 30.22 14.86
CA ASP C 142 14.62 31.35 14.83
C ASP C 142 13.75 31.33 13.60
N LEU C 143 14.30 30.92 12.45
CA LEU C 143 13.59 30.86 11.20
C LEU C 143 13.91 29.54 10.52
N THR C 144 13.04 29.09 9.62
CA THR C 144 13.33 27.93 8.78
C THR C 144 12.97 28.23 7.33
N LEU C 145 13.92 27.97 6.43
CA LEU C 145 13.66 27.94 4.99
C LEU C 145 13.82 26.49 4.51
N ALA C 146 12.92 26.03 3.62
CA ALA C 146 12.89 24.62 3.29
C ALA C 146 12.78 24.40 1.79
N SER C 147 13.50 23.38 1.31
CA SER C 147 13.48 22.99 -0.09
C SER C 147 12.11 22.49 -0.53
N LYS C 148 11.56 23.16 -1.55
CA LYS C 148 10.24 22.79 -2.07
CA LYS C 148 10.25 22.79 -2.09
C LYS C 148 10.21 21.32 -2.48
N GLU C 149 11.22 20.89 -3.24
CA GLU C 149 11.20 19.56 -3.83
C GLU C 149 11.65 18.48 -2.87
N HIS C 150 12.54 18.78 -1.91
CA HIS C 150 13.20 17.71 -1.17
C HIS C 150 13.10 17.77 0.35
N ALA C 151 12.68 18.87 0.96
CA ALA C 151 12.58 18.87 2.41
C ALA C 151 11.50 17.88 2.84
N ILE C 152 11.81 17.09 3.85
CA ILE C 152 10.85 16.18 4.47
C ILE C 152 11.00 16.30 5.97
N PHE C 153 9.93 16.67 6.66
CA PHE C 153 9.93 16.83 8.10
C PHE C 153 9.27 15.60 8.72
N LYS C 154 9.95 14.98 9.68
CA LYS C 154 9.46 13.72 10.25
C LYS C 154 9.98 13.58 11.67
N GLN C 155 9.10 13.22 12.60
CA GLN C 155 9.48 13.00 13.99
C GLN C 155 9.45 11.51 14.29
N THR C 156 10.62 10.92 14.52
CA THR C 156 10.77 9.52 14.83
C THR C 156 10.99 9.23 16.31
N ASP C 157 10.96 10.26 17.18
CA ASP C 157 11.26 10.03 18.59
C ASP C 157 10.45 8.87 19.16
N ALA C 158 9.14 8.85 18.86
CA ALA C 158 8.28 7.84 19.49
C ALA C 158 8.50 6.44 18.92
N ASP C 159 9.21 6.31 17.79
CA ASP C 159 9.56 4.99 17.28
C ASP C 159 10.65 4.31 18.11
N VAL C 160 11.50 5.10 18.77
CA VAL C 160 12.68 4.54 19.43
C VAL C 160 12.70 4.80 20.95
N THR C 161 11.54 5.11 21.54
CA THR C 161 11.44 5.30 22.98
C THR C 161 12.28 6.48 23.42
N SER C 162 12.29 7.51 22.57
CA SER C 162 12.90 8.78 22.93
C SER C 162 11.84 9.87 22.91
N PHE C 163 12.24 11.06 23.32
CA PHE C 163 11.34 12.20 23.22
C PHE C 163 12.16 13.45 23.49
N ASP C 164 11.93 14.46 22.66
CA ASP C 164 12.37 15.81 22.95
C ASP C 164 11.17 16.48 23.59
N GLY C 165 11.17 16.56 24.92
CA GLY C 165 10.09 17.13 25.67
C GLY C 165 10.19 18.61 25.93
N GLY C 166 11.13 19.30 25.29
CA GLY C 166 11.27 20.74 25.47
C GLY C 166 11.10 21.49 24.16
N TYR C 167 12.19 21.98 23.59
CA TYR C 167 12.07 22.80 22.38
C TYR C 167 11.56 22.01 21.19
N GLY C 168 11.70 20.68 21.21
CA GLY C 168 11.25 19.92 20.04
C GLY C 168 9.75 19.73 19.94
N SER C 169 9.03 19.82 21.05
CA SER C 169 7.62 19.46 21.10
C SER C 169 6.78 20.59 21.66
N ALA C 170 7.01 20.92 22.94
CA ALA C 170 6.28 22.02 23.54
C ALA C 170 6.52 23.32 22.78
N TYR C 171 7.76 23.57 22.35
CA TYR C 171 8.00 24.80 21.59
C TYR C 171 7.48 24.67 20.15
N LEU C 172 7.50 23.47 19.60
CA LEU C 172 6.86 23.25 18.31
C LEU C 172 5.40 23.71 18.35
N ALA C 173 4.73 23.48 19.48
CA ALA C 173 3.33 23.89 19.61
C ALA C 173 3.18 25.40 19.55
N LYS C 174 4.24 26.14 19.89
CA LYS C 174 4.19 27.59 19.81
C LYS C 174 4.33 28.13 18.39
N MET C 175 4.54 27.25 17.39
CA MET C 175 4.56 27.70 16.00
C MET C 175 3.55 26.99 15.11
N VAL C 176 3.14 25.76 15.42
CA VAL C 176 2.13 25.06 14.62
C VAL C 176 0.84 24.83 15.39
N GLY C 177 0.79 25.20 16.67
CA GLY C 177 -0.36 24.91 17.51
C GLY C 177 -0.31 23.52 18.13
N GLN C 178 -1.13 23.34 19.17
CA GLN C 178 -1.05 22.14 19.97
C GLN C 178 -1.54 20.90 19.22
N LYS C 179 -2.58 21.04 18.38
CA LYS C 179 -3.09 19.87 17.66
C LYS C 179 -2.02 19.32 16.74
N LYS C 180 -1.41 20.20 15.94
CA LYS C 180 -0.46 19.71 14.94
C LYS C 180 0.84 19.24 15.57
N ALA C 181 1.27 19.88 16.67
CA ALA C 181 2.46 19.39 17.35
C ALA C 181 2.26 17.96 17.84
N ARG C 182 1.08 17.68 18.40
CA ARG C 182 0.77 16.33 18.88
C ARG C 182 0.74 15.34 17.72
N GLU C 183 0.16 15.74 16.60
CA GLU C 183 0.11 14.85 15.44
C GLU C 183 1.51 14.48 14.99
N ILE C 184 2.38 15.48 14.86
CA ILE C 184 3.73 15.24 14.38
C ILE C 184 4.43 14.17 15.21
N PHE C 185 4.31 14.27 16.53
CA PHE C 185 5.01 13.31 17.41
C PHE C 185 4.28 11.98 17.55
N PHE C 186 2.93 12.00 17.59
CA PHE C 186 2.24 10.76 17.89
C PHE C 186 2.21 9.79 16.69
N LEU C 187 2.19 10.30 15.47
CA LEU C 187 2.14 9.43 14.31
C LEU C 187 3.47 9.33 13.58
N GLY C 188 4.35 10.32 13.72
CA GLY C 188 5.63 10.24 13.03
C GLY C 188 5.54 10.15 11.53
N ARG C 189 4.59 10.87 10.93
CA ARG C 189 4.45 10.89 9.48
C ARG C 189 5.40 11.91 8.86
N ASN C 190 5.52 11.83 7.54
CA ASN C 190 6.30 12.77 6.74
C ASN C 190 5.47 13.97 6.34
N TYR C 191 6.11 15.15 6.37
CA TYR C 191 5.50 16.37 5.88
C TYR C 191 6.43 17.06 4.90
N SER C 192 5.86 17.60 3.83
CA SER C 192 6.61 18.33 2.83
C SER C 192 6.88 19.76 3.29
N ALA C 193 7.71 20.45 2.52
CA ALA C 193 7.95 21.87 2.82
C ALA C 193 6.66 22.66 2.80
N GLN C 194 5.81 22.43 1.81
CA GLN C 194 4.58 23.19 1.69
C GLN C 194 3.64 22.88 2.85
N GLU C 195 3.52 21.60 3.23
CA GLU C 195 2.70 21.26 4.39
C GLU C 195 3.23 21.93 5.65
N ALA C 196 4.56 21.90 5.84
CA ALA C 196 5.18 22.55 7.00
C ALA C 196 4.97 24.06 6.98
N PHE C 197 5.00 24.68 5.81
CA PHE C 197 4.70 26.10 5.70
C PHE C 197 3.26 26.39 6.13
N GLU C 198 2.32 25.58 5.62
CA GLU C 198 0.91 25.81 5.93
CA GLU C 198 0.91 25.81 5.93
C GLU C 198 0.61 25.62 7.41
N MET C 199 1.40 24.76 8.09
CA MET C 199 1.14 24.60 9.51
CA MET C 199 1.28 24.51 9.53
C MET C 199 1.81 25.67 10.37
N GLY C 200 2.81 26.36 9.86
CA GLY C 200 3.44 27.45 10.58
C GLY C 200 4.89 27.25 10.98
N MET C 201 5.56 26.12 10.69
CA MET C 201 6.92 25.93 11.17
C MET C 201 7.99 26.18 10.10
N VAL C 202 7.57 26.43 8.85
CA VAL C 202 8.48 26.85 7.78
C VAL C 202 8.09 28.25 7.34
N ASN C 203 9.08 29.15 7.31
CA ASN C 203 8.82 30.54 6.96
C ASN C 203 8.64 30.74 5.46
N LYS C 204 9.36 29.96 4.64
CA LYS C 204 9.31 30.12 3.20
C LYS C 204 9.68 28.80 2.54
N VAL C 205 8.89 28.40 1.54
CA VAL C 205 9.19 27.27 0.68
C VAL C 205 10.00 27.83 -0.49
N VAL C 206 11.17 27.24 -0.72
CA VAL C 206 12.10 27.77 -1.72
C VAL C 206 12.47 26.68 -2.72
N PRO C 207 12.45 26.94 -4.03
CA PRO C 207 12.95 25.94 -4.98
C PRO C 207 14.36 25.48 -4.60
N HIS C 208 14.59 24.16 -4.72
CA HIS C 208 15.83 23.57 -4.22
C HIS C 208 17.06 24.32 -4.70
N ALA C 209 17.10 24.64 -5.99
CA ALA C 209 18.27 25.25 -6.58
C ALA C 209 18.52 26.66 -6.07
N GLU C 210 17.52 27.30 -5.47
CA GLU C 210 17.64 28.64 -4.94
C GLU C 210 17.78 28.67 -3.42
N LEU C 211 17.71 27.51 -2.75
CA LEU C 211 17.56 27.49 -1.29
C LEU C 211 18.73 28.17 -0.58
N GLU C 212 19.97 27.76 -0.88
CA GLU C 212 21.11 28.32 -0.14
C GLU C 212 21.29 29.79 -0.48
N ASP C 213 21.07 30.18 -1.74
CA ASP C 213 21.20 31.59 -2.11
C ASP C 213 20.14 32.43 -1.42
N THR C 214 18.93 31.90 -1.31
CA THR C 214 17.86 32.65 -0.68
C THR C 214 18.10 32.79 0.81
N ALA C 215 18.60 31.74 1.45
CA ALA C 215 18.96 31.84 2.86
C ALA C 215 19.99 32.95 3.08
N TYR C 216 20.99 33.04 2.20
CA TYR C 216 21.97 34.10 2.33
C TYR C 216 21.32 35.48 2.14
N GLU C 217 20.40 35.59 1.17
CA GLU C 217 19.68 36.85 0.96
C GLU C 217 18.85 37.24 2.18
N TRP C 218 18.14 36.28 2.77
CA TRP C 218 17.43 36.55 4.02
C TRP C 218 18.38 37.07 5.09
N ALA C 219 19.55 36.43 5.21
CA ALA C 219 20.52 36.85 6.21
C ALA C 219 20.96 38.29 5.99
N GLN C 220 21.23 38.67 4.74
CA GLN C 220 21.66 40.04 4.47
C GLN C 220 20.55 41.05 4.76
N GLU C 221 19.27 40.67 4.59
CA GLU C 221 18.20 41.58 4.98
C GLU C 221 18.23 41.84 6.49
N ILE C 222 18.47 40.79 7.28
CA ILE C 222 18.57 40.95 8.72
C ILE C 222 19.79 41.79 9.07
N LEU C 223 20.91 41.58 8.37
CA LEU C 223 22.15 42.24 8.73
C LEU C 223 22.11 43.74 8.45
N ALA C 224 21.13 44.20 7.66
CA ALA C 224 20.94 45.61 7.41
C ALA C 224 20.11 46.31 8.48
N LYS C 225 19.59 45.57 9.45
CA LYS C 225 18.77 46.11 10.52
C LYS C 225 19.63 46.58 11.68
N SER C 226 18.99 47.28 12.61
CA SER C 226 19.66 47.73 13.83
C SER C 226 20.02 46.51 14.66
N PRO C 227 21.30 46.29 14.98
CA PRO C 227 21.63 45.11 15.80
C PRO C 227 20.99 45.13 17.17
N THR C 228 20.88 46.31 17.79
CA THR C 228 20.17 46.38 19.06
C THR C 228 18.72 45.93 18.93
N SER C 229 18.03 46.40 17.89
CA SER C 229 16.64 45.95 17.67
C SER C 229 16.57 44.44 17.50
N ILE C 230 17.46 43.88 16.68
CA ILE C 230 17.37 42.44 16.40
C ILE C 230 17.57 41.65 17.69
N ARG C 231 18.59 42.01 18.48
CA ARG C 231 18.84 41.33 19.77
C ARG C 231 17.62 41.44 20.68
N MET C 232 17.13 42.66 20.87
CA MET C 232 16.03 42.86 21.81
C MET C 232 14.76 42.19 21.34
N LEU C 233 14.53 42.12 20.01
CA LEU C 233 13.33 41.47 19.51
C LEU C 233 13.42 39.96 19.62
N LYS C 234 14.59 39.38 19.30
CA LYS C 234 14.75 37.94 19.53
C LYS C 234 14.52 37.61 21.00
N PHE C 235 15.12 38.40 21.89
CA PHE C 235 14.99 38.06 23.31
C PHE C 235 13.59 38.37 23.83
N ALA C 236 12.88 39.33 23.23
CA ALA C 236 11.50 39.55 23.65
C ALA C 236 10.62 38.39 23.23
N MET C 237 10.83 37.89 22.02
CA MET C 237 10.00 36.77 21.59
C MET C 237 10.40 35.49 22.31
N ASN C 238 11.66 35.35 22.74
CA ASN C 238 12.01 34.23 23.63
C ASN C 238 11.33 34.37 24.98
N LEU C 239 11.25 35.60 25.49
CA LEU C 239 10.89 35.84 26.89
C LEU C 239 9.52 35.26 27.22
N THR C 240 8.57 35.37 26.28
CA THR C 240 7.21 34.96 26.59
C THR C 240 7.14 33.47 26.93
N ASP C 241 8.04 32.64 26.36
CA ASP C 241 8.06 31.22 26.64
C ASP C 241 9.16 30.77 27.61
N ASP C 242 10.25 31.52 27.73
CA ASP C 242 11.44 31.05 28.44
C ASP C 242 11.48 31.42 29.94
N GLY C 243 10.38 31.91 30.49
CA GLY C 243 10.31 32.11 31.95
C GLY C 243 11.44 32.96 32.50
N MET C 244 11.95 32.55 33.67
CA MET C 244 12.98 33.33 34.35
C MET C 244 14.29 33.39 33.55
N VAL C 245 14.59 32.35 32.77
CA VAL C 245 15.79 32.37 31.92
C VAL C 245 15.62 33.42 30.84
N GLY C 246 14.45 33.44 30.21
CA GLY C 246 14.18 34.46 29.20
C GLY C 246 14.22 35.85 29.81
N GLN C 247 13.75 35.97 31.05
CA GLN C 247 13.83 37.26 31.71
C GLN C 247 15.28 37.65 31.96
N GLN C 248 16.09 36.69 32.41
CA GLN C 248 17.49 36.97 32.64
C GLN C 248 18.17 37.48 31.37
N VAL C 249 17.89 36.83 30.24
CA VAL C 249 18.55 37.19 28.99
C VAL C 249 18.08 38.54 28.49
N PHE C 250 16.76 38.78 28.52
CA PHE C 250 16.24 40.06 28.03
C PHE C 250 16.66 41.20 28.94
N ALA C 251 16.47 41.05 30.25
CA ALA C 251 16.90 42.08 31.18
C ALA C 251 18.40 42.32 31.06
N GLY C 252 19.18 41.28 30.77
CA GLY C 252 20.62 41.50 30.66
C GLY C 252 20.98 42.44 29.53
N GLU C 253 20.28 42.30 28.40
CA GLU C 253 20.50 43.26 27.31
C GLU C 253 20.00 44.65 27.65
N ALA C 254 18.91 44.75 28.42
CA ALA C 254 18.49 46.08 28.88
C ALA C 254 19.53 46.72 29.80
N THR C 255 20.17 45.92 30.67
CA THR C 255 21.24 46.47 31.50
C THR C 255 22.33 47.07 30.63
N ARG C 256 22.66 46.41 29.53
CA ARG C 256 23.64 46.93 28.58
C ARG C 256 23.25 48.32 28.06
N LEU C 257 21.97 48.48 27.67
CA LEU C 257 21.51 49.80 27.22
C LEU C 257 21.59 50.84 28.33
N ALA C 258 21.32 50.44 29.57
CA ALA C 258 21.40 51.39 30.66
C ALA C 258 22.84 51.83 30.90
N TYR C 259 23.80 50.92 30.72
CA TYR C 259 25.19 51.26 30.97
CA TYR C 259 25.20 51.23 30.95
C TYR C 259 25.70 52.35 30.02
N MET C 260 25.06 52.50 28.86
CA MET C 260 25.49 53.50 27.88
C MET C 260 25.07 54.92 28.23
N THR C 261 24.20 55.12 29.22
CA THR C 261 23.65 56.44 29.50
C THR C 261 24.62 57.29 30.32
N ASP C 262 24.45 58.62 30.21
CA ASP C 262 25.20 59.51 31.08
C ASP C 262 24.86 59.27 32.54
N GLU C 263 23.62 58.83 32.80
CA GLU C 263 23.21 58.51 34.17
C GLU C 263 24.08 57.41 34.75
N ALA C 264 24.43 56.42 33.93
CA ALA C 264 25.29 55.32 34.39
C ALA C 264 26.72 55.79 34.57
N LYS C 265 27.21 56.68 33.71
CA LYS C 265 28.54 57.26 33.92
C LYS C 265 28.60 57.98 35.26
N GLU C 266 27.55 58.73 35.62
CA GLU C 266 27.53 59.37 36.93
C GLU C 266 27.45 58.35 38.05
N GLY C 267 26.64 57.31 37.89
CA GLY C 267 26.58 56.28 38.91
C GLY C 267 27.94 55.65 39.18
N ARG C 268 28.64 55.25 38.11
CA ARG C 268 29.95 54.62 38.27
C ARG C 268 30.98 55.60 38.81
N ASN C 269 31.00 56.82 38.26
CA ASN C 269 32.01 57.79 38.70
C ASN C 269 31.80 58.16 40.16
N ALA C 270 30.55 58.34 40.60
CA ALA C 270 30.30 58.68 41.99
C ALA C 270 30.76 57.56 42.90
N PHE C 271 30.58 56.30 42.49
CA PHE C 271 31.11 55.18 43.27
C PHE C 271 32.63 55.23 43.34
N LEU C 272 33.29 55.46 42.20
CA LEU C 272 34.74 55.49 42.18
C LEU C 272 35.30 56.67 42.96
N GLU C 273 34.58 57.80 43.01
CA GLU C 273 35.03 58.99 43.73
C GLU C 273 34.59 59.02 45.18
N LYS C 274 33.88 58.00 45.65
CA LYS C 274 33.40 57.91 47.02
C LYS C 274 32.53 59.13 47.39
N ARG C 275 31.61 59.49 46.50
CA ARG C 275 30.68 60.59 46.72
C ARG C 275 29.27 60.15 46.37
N LYS C 276 28.29 60.91 46.84
CA LYS C 276 26.91 60.63 46.48
C LYS C 276 26.68 60.97 45.02
N PRO C 277 25.99 60.11 44.27
CA PRO C 277 25.65 60.45 42.88
C PRO C 277 24.60 61.53 42.82
N ASP C 278 24.73 62.38 41.80
CA ASP C 278 23.73 63.40 41.47
C ASP C 278 23.10 62.97 40.15
N PHE C 279 21.88 62.46 40.22
CA PHE C 279 21.21 61.98 39.02
C PHE C 279 20.29 63.04 38.39
N GLY C 280 20.26 64.24 38.94
CA GLY C 280 19.51 65.33 38.32
C GLY C 280 18.16 65.55 38.97
N GLU C 281 17.40 66.44 38.35
CA GLU C 281 16.08 66.83 38.84
C GLU C 281 15.02 66.41 37.84
N ASP C 282 13.80 66.20 38.35
CA ASP C 282 12.63 65.89 37.54
C ASP C 282 12.91 64.70 36.62
N GLN C 283 13.52 63.67 37.21
CA GLN C 283 13.92 62.47 36.47
C GLN C 283 12.88 61.38 36.48
N TRP C 284 11.81 61.52 37.25
CA TRP C 284 10.85 60.44 37.44
C TRP C 284 9.77 60.51 36.36
N ILE C 285 10.23 60.35 35.13
CA ILE C 285 9.37 60.55 33.97
C ILE C 285 8.45 59.35 33.76
N SER C 286 7.42 59.53 32.96
CA SER C 286 6.53 58.45 32.61
C SER C 286 6.14 58.53 31.13
N MET D 9 40.59 17.87 59.31
CA MET D 9 41.10 18.71 58.24
C MET D 9 40.67 18.17 56.87
N ILE D 10 40.11 19.05 56.02
CA ILE D 10 39.62 18.65 54.71
C ILE D 10 40.80 18.51 53.76
N GLU D 11 40.88 17.38 53.06
CA GLU D 11 42.02 17.06 52.21
C GLU D 11 41.83 17.62 50.79
N TRP D 12 41.67 18.94 50.72
CA TRP D 12 41.54 19.59 49.43
C TRP D 12 42.78 19.34 48.57
N LYS D 13 42.57 19.24 47.27
CA LYS D 13 43.66 19.29 46.30
C LYS D 13 43.32 20.34 45.26
N THR D 14 44.28 21.21 44.96
CA THR D 14 44.07 22.22 43.93
C THR D 14 43.78 21.54 42.60
N ALA D 15 42.69 21.96 41.96
CA ALA D 15 42.30 21.36 40.69
C ALA D 15 42.89 22.12 39.50
N LYS D 16 42.94 23.44 39.60
CA LYS D 16 43.60 24.28 38.61
C LYS D 16 44.04 25.57 39.27
N GLU D 17 45.15 26.11 38.80
CA GLU D 17 45.64 27.41 39.27
C GLU D 17 45.01 28.52 38.45
N TYR D 18 44.52 29.55 39.14
CA TYR D 18 43.89 30.71 38.52
C TYR D 18 44.49 31.99 39.11
N GLU D 19 44.22 33.10 38.43
CA GLU D 19 44.74 34.39 38.88
C GLU D 19 43.86 34.99 39.97
N ASP D 20 42.55 35.00 39.76
CA ASP D 20 41.61 35.73 40.58
C ASP D 20 40.77 34.86 41.50
N ILE D 21 40.84 33.53 41.36
CA ILE D 21 40.02 32.62 42.13
C ILE D 21 40.89 31.45 42.55
N THR D 22 40.37 30.66 43.50
CA THR D 22 40.94 29.35 43.82
C THR D 22 39.92 28.28 43.44
N TYR D 23 40.44 27.08 43.15
CA TYR D 23 39.61 25.97 42.68
C TYR D 23 40.23 24.68 43.21
N LYS D 24 39.54 23.99 44.11
CA LYS D 24 40.04 22.81 44.80
C LYS D 24 38.97 21.74 44.82
N LYS D 25 39.38 20.49 45.01
CA LYS D 25 38.43 19.38 45.05
C LYS D 25 38.78 18.44 46.20
N CYS D 26 37.73 17.84 46.79
CA CYS D 26 37.94 16.77 47.78
C CYS D 26 36.66 15.96 47.92
N ASN D 27 36.76 14.66 47.66
CA ASN D 27 35.73 13.68 48.01
C ASN D 27 34.33 14.11 47.52
N GLY D 28 34.25 14.50 46.24
CA GLY D 28 32.98 14.83 45.61
C GLY D 28 32.56 16.27 45.72
N VAL D 29 33.33 17.10 46.42
CA VAL D 29 33.05 18.52 46.58
C VAL D 29 34.09 19.31 45.81
N ALA D 30 33.65 20.29 45.03
CA ALA D 30 34.54 21.28 44.46
C ALA D 30 34.31 22.60 45.18
N ARG D 31 35.36 23.36 45.40
CA ARG D 31 35.26 24.68 46.02
C ARG D 31 35.86 25.70 45.08
N ILE D 32 35.06 26.67 44.69
CA ILE D 32 35.45 27.81 43.86
C ILE D 32 35.36 29.04 44.76
N ALA D 33 36.45 29.79 44.87
CA ALA D 33 36.40 30.95 45.75
C ALA D 33 37.05 32.16 45.11
N PHE D 34 36.38 33.31 45.25
CA PHE D 34 37.01 34.58 44.89
C PHE D 34 38.28 34.79 45.70
N ASN D 35 39.33 35.25 45.02
CA ASN D 35 40.62 35.44 45.66
C ASN D 35 41.21 36.79 45.25
N ARG D 36 40.42 37.85 45.40
CA ARG D 36 40.91 39.23 45.34
C ARG D 36 40.46 39.94 46.61
N PRO D 37 40.85 39.45 47.78
CA PRO D 37 40.30 40.01 49.04
C PRO D 37 40.72 41.44 49.29
N GLU D 38 41.82 41.92 48.71
CA GLU D 38 42.22 43.30 48.87
C GLU D 38 41.27 44.29 48.19
N ILE D 39 40.38 43.83 47.31
CA ILE D 39 39.33 44.70 46.80
C ILE D 39 37.97 44.05 47.03
N ARG D 40 37.82 43.39 48.18
CA ARG D 40 36.57 42.78 48.61
C ARG D 40 36.01 41.84 47.55
N ASN D 41 36.90 41.14 46.85
CA ASN D 41 36.55 40.02 45.97
C ASN D 41 35.61 40.43 44.83
N ALA D 42 35.78 41.67 44.35
CA ALA D 42 35.07 42.12 43.16
C ALA D 42 35.52 41.35 41.93
N PHE D 43 34.62 41.11 40.99
CA PHE D 43 35.02 40.39 39.78
C PHE D 43 35.26 41.37 38.64
N ARG D 44 36.45 41.27 38.06
CA ARG D 44 36.76 41.88 36.78
C ARG D 44 36.55 40.85 35.68
N PRO D 45 36.66 41.24 34.41
CA PRO D 45 36.41 40.24 33.35
C PRO D 45 37.26 38.98 33.47
N LYS D 46 38.54 39.10 33.85
CA LYS D 46 39.35 37.90 34.05
C LYS D 46 38.72 36.98 35.09
N THR D 47 38.21 37.56 36.19
CA THR D 47 37.56 36.77 37.23
C THR D 47 36.37 36.01 36.67
N THR D 48 35.53 36.71 35.91
CA THR D 48 34.35 36.07 35.33
C THR D 48 34.74 34.92 34.41
N SER D 49 35.75 35.12 33.55
CA SER D 49 36.19 34.05 32.68
C SER D 49 36.70 32.86 33.48
N GLU D 50 37.39 33.13 34.59
CA GLU D 50 37.92 32.03 35.40
C GLU D 50 36.80 31.32 36.16
N LEU D 51 35.82 32.07 36.66
CA LEU D 51 34.65 31.45 37.28
C LEU D 51 33.98 30.49 36.30
N TYR D 52 33.79 30.94 35.07
CA TYR D 52 33.11 30.08 34.09
C TYR D 52 33.93 28.84 33.84
N ASP D 53 35.25 28.99 33.74
CA ASP D 53 36.13 27.87 33.46
C ASP D 53 36.07 26.83 34.57
N ALA D 54 36.10 27.30 35.83
CA ALA D 54 36.07 26.38 36.97
C ALA D 54 34.71 25.73 37.11
N PHE D 55 33.63 26.50 36.97
CA PHE D 55 32.30 25.92 37.08
C PHE D 55 32.06 24.90 35.97
N TYR D 56 32.58 25.18 34.76
CA TYR D 56 32.39 24.23 33.68
C TYR D 56 33.17 22.93 33.92
N ASP D 57 34.40 23.05 34.44
CA ASP D 57 35.14 21.85 34.82
C ASP D 57 34.36 21.03 35.85
N ALA D 58 33.76 21.70 36.85
CA ALA D 58 33.03 20.97 37.88
C ALA D 58 31.80 20.30 37.30
N TYR D 59 31.11 21.02 36.40
CA TYR D 59 29.99 20.47 35.64
C TYR D 59 30.37 19.19 34.89
N GLU D 60 31.55 19.16 34.26
CA GLU D 60 31.99 18.01 33.48
C GLU D 60 32.62 16.89 34.30
N ASP D 61 32.89 17.12 35.59
CA ASP D 61 33.58 16.12 36.42
C ASP D 61 32.54 15.23 37.09
N PRO D 62 32.41 13.97 36.71
CA PRO D 62 31.35 13.12 37.28
C PRO D 62 31.59 12.72 38.72
N SER D 63 32.77 13.00 39.26
CA SER D 63 32.99 12.77 40.69
C SER D 63 32.45 13.89 41.56
N ILE D 64 32.13 15.05 40.98
CA ILE D 64 31.73 16.22 41.74
C ILE D 64 30.21 16.31 41.73
N GLY D 65 29.60 16.30 42.91
CA GLY D 65 28.16 16.46 43.00
C GLY D 65 27.73 17.76 43.65
N VAL D 66 28.65 18.40 44.38
CA VAL D 66 28.36 19.65 45.06
C VAL D 66 29.49 20.63 44.79
N VAL D 67 29.14 21.86 44.46
CA VAL D 67 30.10 22.94 44.27
C VAL D 67 29.84 24.00 45.33
N LEU D 68 30.87 24.32 46.09
CA LEU D 68 30.85 25.43 47.03
C LEU D 68 31.42 26.66 46.35
N LEU D 69 30.71 27.78 46.43
CA LEU D 69 31.17 29.05 45.87
C LEU D 69 31.40 29.96 47.07
N SER D 70 32.66 30.31 47.33
CA SER D 70 32.98 31.04 48.55
C SER D 70 33.88 32.23 48.24
N GLY D 71 34.41 32.84 49.30
CA GLY D 71 35.37 33.92 49.15
C GLY D 71 36.53 33.69 50.09
N GLU D 72 37.75 33.90 49.57
CA GLU D 72 38.92 33.92 50.42
C GLU D 72 39.04 35.26 51.15
N GLY D 73 39.75 35.23 52.27
CA GLY D 73 39.96 36.44 53.02
C GLY D 73 40.72 36.19 54.29
N PRO D 74 40.80 37.21 55.16
CA PRO D 74 40.24 38.56 54.97
C PRO D 74 41.14 39.42 54.10
N SER D 75 40.71 40.65 53.83
CA SER D 75 41.58 41.63 53.20
C SER D 75 42.85 41.77 54.02
N PRO D 76 44.03 41.66 53.40
CA PRO D 76 45.25 41.99 54.12
C PRO D 76 45.34 43.46 54.47
N LYS D 77 44.58 44.33 53.80
CA LYS D 77 44.69 45.77 54.00
C LYS D 77 43.92 46.23 55.22
N ASP D 78 42.66 45.83 55.35
CA ASP D 78 41.85 46.30 56.47
C ASP D 78 41.17 45.17 57.23
N GLY D 79 41.41 43.91 56.88
CA GLY D 79 40.85 42.81 57.63
C GLY D 79 39.38 42.57 57.39
N GLY D 80 38.78 43.27 56.43
CA GLY D 80 37.39 43.05 56.12
C GLY D 80 37.20 41.76 55.34
N TRP D 81 36.10 41.06 55.64
CA TRP D 81 35.76 39.82 54.99
C TRP D 81 34.78 40.07 53.84
N ALA D 82 34.96 39.33 52.74
CA ALA D 82 34.05 39.47 51.61
C ALA D 82 33.77 38.12 50.96
N PHE D 83 32.50 37.90 50.64
CA PHE D 83 32.13 36.90 49.63
C PHE D 83 32.47 37.41 48.24
N CYS D 84 31.84 38.51 47.83
CA CYS D 84 31.98 39.08 46.51
C CYS D 84 31.30 40.44 46.52
N SER D 85 31.99 41.51 46.16
CA SER D 85 31.41 42.84 46.17
CA SER D 85 31.42 42.84 46.17
C SER D 85 30.85 43.25 44.81
N GLY D 86 30.73 42.31 43.87
CA GLY D 86 30.13 42.62 42.59
C GLY D 86 31.16 42.96 41.53
N GLY D 87 30.64 43.54 40.45
CA GLY D 87 31.46 43.90 39.30
C GLY D 87 32.48 44.96 39.67
N ASP D 88 33.74 44.72 39.28
CA ASP D 88 34.82 45.66 39.50
C ASP D 88 34.55 46.95 38.74
N GLN D 89 34.13 48.02 39.43
CA GLN D 89 33.74 49.24 38.73
C GLN D 89 34.90 49.89 38.00
N LYS D 90 36.15 49.57 38.36
CA LYS D 90 37.29 50.08 37.61
C LYS D 90 37.29 49.57 36.18
N ALA D 91 36.80 48.35 35.96
CA ALA D 91 36.64 47.83 34.60
C ALA D 91 35.38 48.40 33.98
N ASN D 107 29.41 38.95 31.13
N ASN D 107 29.80 36.70 29.98
CA ASN D 107 29.13 37.51 30.99
CA ASN D 107 29.76 37.56 31.17
C ASN D 107 29.00 36.79 32.34
C ASN D 107 29.19 36.80 32.37
N ILE D 108 28.87 37.54 33.43
CA ILE D 108 28.43 36.91 34.67
C ILE D 108 27.07 36.24 34.47
N LEU D 109 26.30 36.69 33.49
CA LEU D 109 25.02 36.02 33.20
C LEU D 109 25.24 34.60 32.70
N GLU D 110 26.31 34.36 31.96
CA GLU D 110 26.59 33.00 31.52
CA GLU D 110 26.63 33.01 31.51
C GLU D 110 27.02 32.12 32.69
N VAL D 111 27.70 32.70 33.68
CA VAL D 111 28.03 31.97 34.88
C VAL D 111 26.78 31.64 35.67
N GLN D 112 25.87 32.63 35.81
CA GLN D 112 24.59 32.37 36.48
C GLN D 112 23.86 31.18 35.86
N ARG D 113 23.81 31.11 34.52
CA ARG D 113 23.11 30.01 33.86
C ARG D 113 23.83 28.69 34.05
N LEU D 114 25.15 28.72 34.07
CA LEU D 114 25.89 27.49 34.35
C LEU D 114 25.58 26.96 35.75
N ILE D 115 25.57 27.85 36.76
CA ILE D 115 25.14 27.44 38.09
C ILE D 115 23.74 26.87 38.04
N ARG D 116 22.85 27.54 37.31
CA ARG D 116 21.44 27.19 37.32
C ARG D 116 21.18 25.84 36.70
N PHE D 117 21.79 25.57 35.54
CA PHE D 117 21.46 24.36 34.80
C PHE D 117 22.32 23.15 35.17
N MET D 118 23.41 23.30 35.90
CA MET D 118 24.27 22.13 36.07
C MET D 118 23.62 21.12 37.01
N PRO D 119 23.75 19.84 36.73
CA PRO D 119 23.15 18.80 37.57
C PRO D 119 23.99 18.51 38.80
N LYS D 120 24.33 19.57 39.53
CA LYS D 120 25.09 19.51 40.77
C LYS D 120 24.50 20.60 41.63
N VAL D 121 24.57 20.43 42.94
CA VAL D 121 24.06 21.44 43.87
C VAL D 121 25.17 22.46 44.11
N VAL D 122 24.85 23.75 43.95
CA VAL D 122 25.80 24.83 44.16
C VAL D 122 25.39 25.56 45.43
N ILE D 123 26.30 25.61 46.40
CA ILE D 123 26.06 26.27 47.67
C ILE D 123 26.91 27.53 47.73
N ALA D 124 26.25 28.68 47.89
CA ALA D 124 26.97 29.92 48.20
C ALA D 124 27.40 29.89 49.65
N VAL D 125 28.68 30.13 49.89
CA VAL D 125 29.26 30.16 51.23
C VAL D 125 29.72 31.60 51.45
N VAL D 126 29.05 32.32 52.35
CA VAL D 126 29.18 33.77 52.39
C VAL D 126 29.91 34.17 53.68
N PRO D 127 31.22 34.44 53.64
CA PRO D 127 31.93 34.81 54.87
C PRO D 127 31.98 36.30 55.17
N GLY D 128 31.42 37.14 54.31
CA GLY D 128 31.57 38.58 54.47
C GLY D 128 30.58 39.30 53.58
N TRP D 129 30.96 40.50 53.14
CA TRP D 129 30.10 41.29 52.25
C TRP D 129 29.70 40.52 51.00
N ALA D 130 28.41 40.50 50.72
CA ALA D 130 27.86 39.95 49.48
C ALA D 130 27.06 41.10 48.86
N VAL D 131 27.63 41.78 47.88
CA VAL D 131 27.15 43.09 47.44
C VAL D 131 26.94 43.09 45.93
N GLY D 132 25.83 43.69 45.51
CA GLY D 132 25.63 43.94 44.08
C GLY D 132 25.62 42.65 43.28
N GLY D 133 26.44 42.58 42.23
CA GLY D 133 26.55 41.33 41.49
C GLY D 133 26.95 40.14 42.36
N GLY D 134 27.67 40.40 43.46
CA GLY D 134 27.99 39.33 44.37
C GLY D 134 26.78 38.85 45.13
N HIS D 135 25.89 39.79 45.47
CA HIS D 135 24.61 39.39 46.06
C HIS D 135 23.82 38.53 45.09
N SER D 136 23.76 38.94 43.82
CA SER D 136 22.98 38.18 42.86
C SER D 136 23.55 36.80 42.63
N LEU D 137 24.89 36.65 42.70
CA LEU D 137 25.46 35.31 42.60
C LEU D 137 25.02 34.43 43.75
N HIS D 138 24.98 34.98 44.97
CA HIS D 138 24.48 34.19 46.10
C HIS D 138 23.03 33.76 45.87
N VAL D 139 22.21 34.66 45.32
CA VAL D 139 20.79 34.36 45.13
C VAL D 139 20.59 33.17 44.18
N VAL D 140 21.34 33.11 43.08
CA VAL D 140 21.09 32.06 42.09
C VAL D 140 21.63 30.71 42.53
N CYS D 141 22.55 30.67 43.49
CA CYS D 141 22.98 29.38 44.02
C CYS D 141 21.81 28.64 44.66
N ASP D 142 21.92 27.32 44.71
CA ASP D 142 20.81 26.51 45.20
C ASP D 142 20.58 26.70 46.69
N LEU D 143 21.66 26.88 47.44
CA LEU D 143 21.62 27.05 48.89
C LEU D 143 22.60 28.16 49.24
N THR D 144 22.38 28.79 50.41
CA THR D 144 23.35 29.75 50.94
C THR D 144 23.58 29.52 52.43
N LEU D 145 24.86 29.41 52.81
CA LEU D 145 25.28 29.39 54.21
C LEU D 145 26.06 30.68 54.48
N ALA D 146 25.85 31.29 55.66
CA ALA D 146 26.37 32.63 55.91
C ALA D 146 27.03 32.73 57.27
N SER D 147 28.15 33.46 57.31
CA SER D 147 28.86 33.75 58.55
C SER D 147 28.00 34.59 59.49
N LYS D 148 27.75 34.06 60.69
CA LYS D 148 26.97 34.82 61.66
C LYS D 148 27.58 36.18 61.91
N GLU D 149 28.88 36.21 62.16
CA GLU D 149 29.51 37.44 62.62
C GLU D 149 29.65 38.46 61.49
N HIS D 150 30.00 38.01 60.29
CA HIS D 150 30.53 38.93 59.30
C HIS D 150 29.81 38.96 57.96
N ALA D 151 28.91 38.03 57.66
CA ALA D 151 28.18 38.11 56.41
C ALA D 151 27.27 39.33 56.41
N ILE D 152 27.36 40.15 55.36
CA ILE D 152 26.47 41.28 55.20
C ILE D 152 25.97 41.30 53.76
N PHE D 153 24.65 41.33 53.61
CA PHE D 153 24.00 41.31 52.30
C PHE D 153 23.53 42.71 51.93
N LYS D 154 23.88 43.17 50.73
CA LYS D 154 23.58 44.55 50.35
C LYS D 154 23.45 44.64 48.83
N GLN D 155 22.41 45.30 48.35
CA GLN D 155 22.22 45.48 46.91
C GLN D 155 22.49 46.93 46.53
N THR D 156 23.60 47.16 45.83
CA THR D 156 23.98 48.50 45.41
C THR D 156 23.61 48.80 43.96
N ASP D 157 22.88 47.90 43.29
CA ASP D 157 22.60 48.11 41.87
C ASP D 157 22.02 49.49 41.62
N ALA D 158 21.02 49.89 42.41
CA ALA D 158 20.37 51.17 42.14
C ALA D 158 21.23 52.37 42.49
N ASP D 159 22.36 52.17 43.18
CA ASP D 159 23.28 53.27 43.46
C ASP D 159 24.13 53.65 42.25
N VAL D 160 24.32 52.71 41.32
CA VAL D 160 25.30 52.87 40.25
C VAL D 160 24.65 52.75 38.87
N THR D 161 23.32 52.91 38.80
CA THR D 161 22.56 52.82 37.55
C THR D 161 22.74 51.46 36.90
N SER D 162 22.76 50.41 37.73
CA SER D 162 22.75 49.06 37.21
C SER D 162 21.49 48.36 37.72
N PHE D 163 21.30 47.13 37.25
CA PHE D 163 20.22 46.30 37.75
C PHE D 163 20.44 44.89 37.23
N ASP D 164 20.26 43.92 38.11
CA ASP D 164 20.10 42.52 37.73
C ASP D 164 18.61 42.29 37.72
N GLY D 165 18.02 42.31 36.52
CA GLY D 165 16.58 42.19 36.36
C GLY D 165 16.12 40.77 36.19
N GLY D 166 17.00 39.79 36.44
CA GLY D 166 16.63 38.39 36.32
C GLY D 166 16.76 37.62 37.61
N TYR D 167 17.79 36.77 37.69
CA TYR D 167 17.97 35.94 38.89
C TYR D 167 18.29 36.78 40.12
N GLY D 168 18.80 38.00 39.96
CA GLY D 168 19.14 38.78 41.14
C GLY D 168 17.93 39.38 41.85
N SER D 169 16.84 39.60 41.13
CA SER D 169 15.71 40.38 41.65
C SER D 169 14.41 39.59 41.58
N ALA D 170 13.95 39.29 40.37
CA ALA D 170 12.75 38.48 40.21
C ALA D 170 12.90 37.14 40.91
N TYR D 171 14.09 36.51 40.80
CA TYR D 171 14.26 35.22 41.46
C TYR D 171 14.43 35.39 42.96
N LEU D 172 15.05 36.48 43.40
CA LEU D 172 15.08 36.78 44.83
C LEU D 172 13.66 36.80 45.42
N ALA D 173 12.68 37.31 44.67
CA ALA D 173 11.32 37.32 45.17
C ALA D 173 10.76 35.93 45.39
N LYS D 174 11.33 34.93 44.71
CA LYS D 174 10.90 33.55 44.87
C LYS D 174 11.46 32.91 46.13
N MET D 175 12.30 33.62 46.89
CA MET D 175 12.77 33.09 48.17
C MET D 175 12.48 34.01 49.34
N VAL D 176 12.36 35.33 49.14
CA VAL D 176 12.05 36.25 50.24
C VAL D 176 10.69 36.92 50.06
N GLY D 177 10.02 36.68 48.95
CA GLY D 177 8.76 37.33 48.68
C GLY D 177 8.94 38.69 48.01
N GLN D 178 7.86 39.17 47.43
CA GLN D 178 7.93 40.37 46.60
C GLN D 178 8.17 41.63 47.40
N LYS D 179 7.61 41.75 48.62
CA LYS D 179 7.84 42.98 49.38
C LYS D 179 9.30 43.13 49.75
N LYS D 180 9.91 42.04 50.24
CA LYS D 180 11.29 42.12 50.73
C LYS D 180 12.28 42.25 49.57
N ALA D 181 12.00 41.61 48.43
CA ALA D 181 12.90 41.75 47.29
C ALA D 181 12.93 43.21 46.82
N ARG D 182 11.76 43.85 46.82
CA ARG D 182 11.68 45.26 46.45
C ARG D 182 12.43 46.13 47.43
N GLU D 183 12.31 45.83 48.73
CA GLU D 183 13.02 46.63 49.74
C GLU D 183 14.53 46.54 49.53
N ILE D 184 15.01 45.31 49.32
CA ILE D 184 16.45 45.07 49.18
C ILE D 184 17.03 45.92 48.06
N PHE D 185 16.35 45.96 46.91
CA PHE D 185 16.86 46.72 45.78
C PHE D 185 16.57 48.22 45.85
N PHE D 186 15.39 48.61 46.37
CA PHE D 186 15.03 50.02 46.33
C PHE D 186 15.78 50.86 47.35
N LEU D 187 16.12 50.30 48.52
CA LEU D 187 16.83 51.07 49.52
C LEU D 187 18.30 50.73 49.62
N GLY D 188 18.70 49.53 49.20
CA GLY D 188 20.12 49.20 49.23
C GLY D 188 20.72 49.18 50.63
N ARG D 189 19.95 48.76 51.63
CA ARG D 189 20.40 48.70 53.01
C ARG D 189 21.16 47.41 53.27
N ASN D 190 21.81 47.36 54.44
CA ASN D 190 22.56 46.18 54.87
C ASN D 190 21.65 45.20 55.60
N TYR D 191 21.88 43.91 55.37
CA TYR D 191 21.20 42.85 56.12
C TYR D 191 22.21 41.88 56.71
N SER D 192 22.03 41.56 57.99
CA SER D 192 22.89 40.57 58.62
C SER D 192 22.54 39.16 58.13
N ALA D 193 23.40 38.19 58.50
CA ALA D 193 23.11 36.80 58.21
C ALA D 193 21.78 36.37 58.83
N GLN D 194 21.54 36.77 60.07
CA GLN D 194 20.30 36.40 60.73
C GLN D 194 19.09 37.03 60.05
N GLU D 195 19.20 38.30 59.65
CA GLU D 195 18.09 38.92 58.91
C GLU D 195 17.85 38.19 57.59
N ALA D 196 18.92 37.80 56.92
CA ALA D 196 18.82 37.10 55.65
C ALA D 196 18.18 35.72 55.83
N PHE D 197 18.51 35.06 56.93
CA PHE D 197 17.90 33.78 57.25
C PHE D 197 16.41 33.95 57.50
N GLU D 198 16.03 34.97 58.29
CA GLU D 198 14.63 35.13 58.66
C GLU D 198 13.78 35.49 57.44
N MET D 199 14.35 36.18 56.45
CA MET D 199 13.55 36.54 55.28
C MET D 199 13.49 35.43 54.24
N GLY D 200 14.38 34.45 54.32
CA GLY D 200 14.29 33.25 53.50
C GLY D 200 15.38 33.06 52.47
N MET D 201 16.42 33.92 52.42
CA MET D 201 17.41 33.76 51.37
C MET D 201 18.70 33.12 51.86
N VAL D 202 18.83 32.88 53.17
CA VAL D 202 19.96 32.15 53.74
C VAL D 202 19.42 30.90 54.43
N ASN D 203 20.03 29.75 54.15
CA ASN D 203 19.58 28.49 54.70
C ASN D 203 20.04 28.27 56.14
N LYS D 204 21.21 28.76 56.50
CA LYS D 204 21.71 28.54 57.85
CA LYS D 204 21.71 28.54 57.85
C LYS D 204 22.71 29.62 58.19
N VAL D 205 22.61 30.13 59.42
CA VAL D 205 23.56 31.08 59.99
C VAL D 205 24.59 30.27 60.78
N VAL D 206 25.87 30.43 60.44
CA VAL D 206 26.91 29.57 60.98
C VAL D 206 28.00 30.42 61.61
N PRO D 207 28.52 30.07 62.78
CA PRO D 207 29.70 30.78 63.31
C PRO D 207 30.80 30.88 62.26
N HIS D 208 31.42 32.05 62.18
CA HIS D 208 32.39 32.33 61.14
C HIS D 208 33.48 31.26 61.06
N ALA D 209 34.03 30.87 62.22
CA ALA D 209 35.12 29.90 62.26
C ALA D 209 34.68 28.52 61.78
N GLU D 210 33.38 28.24 61.77
CA GLU D 210 32.85 26.94 61.38
C GLU D 210 32.27 26.94 59.97
N LEU D 211 32.20 28.10 59.31
CA LEU D 211 31.43 28.22 58.07
C LEU D 211 31.93 27.27 56.97
N GLU D 212 33.23 27.28 56.69
CA GLU D 212 33.74 26.45 55.60
C GLU D 212 33.59 24.97 55.90
N ASP D 213 33.88 24.57 57.14
CA ASP D 213 33.71 23.17 57.53
C ASP D 213 32.25 22.76 57.45
N THR D 214 31.34 23.63 57.89
CA THR D 214 29.93 23.30 57.83
C THR D 214 29.44 23.17 56.40
N ALA D 215 29.93 24.04 55.49
CA ALA D 215 29.54 23.91 54.09
C ALA D 215 29.98 22.56 53.53
N TYR D 216 31.20 22.13 53.85
CA TYR D 216 31.65 20.81 53.39
C TYR D 216 30.80 19.69 53.97
N GLU D 217 30.35 19.84 55.23
CA GLU D 217 29.48 18.82 55.83
CA GLU D 217 29.48 18.83 55.84
C GLU D 217 28.12 18.78 55.16
N TRP D 218 27.55 19.95 54.84
CA TRP D 218 26.32 19.97 54.06
C TRP D 218 26.52 19.27 52.72
N ALA D 219 27.62 19.58 52.05
CA ALA D 219 27.92 18.94 50.77
C ALA D 219 27.97 17.42 50.92
N GLN D 220 28.62 16.92 51.96
CA GLN D 220 28.68 15.47 52.14
C GLN D 220 27.31 14.87 52.43
N GLU D 221 26.41 15.62 53.10
CA GLU D 221 25.06 15.10 53.28
C GLU D 221 24.35 14.93 51.94
N ILE D 222 24.52 15.89 51.03
CA ILE D 222 23.93 15.77 49.70
C ILE D 222 24.55 14.64 48.92
N LEU D 223 25.88 14.47 49.04
CA LEU D 223 26.58 13.46 48.28
C LEU D 223 26.17 12.05 48.67
N ALA D 224 25.54 11.87 49.83
CA ALA D 224 25.04 10.58 50.27
C ALA D 224 23.68 10.23 49.69
N LYS D 225 23.05 11.15 48.97
CA LYS D 225 21.71 10.93 48.42
C LYS D 225 21.80 10.29 47.05
N SER D 226 20.63 9.93 46.53
CA SER D 226 20.54 9.41 45.17
C SER D 226 20.88 10.50 44.16
N PRO D 227 21.90 10.33 43.33
CA PRO D 227 22.20 11.39 42.35
C PRO D 227 21.06 11.64 41.37
N THR D 228 20.32 10.60 40.97
CA THR D 228 19.17 10.82 40.11
C THR D 228 18.13 11.68 40.81
N SER D 229 17.85 11.38 42.08
CA SER D 229 16.91 12.20 42.84
C SER D 229 17.36 13.65 42.92
N ILE D 230 18.64 13.87 43.25
CA ILE D 230 19.13 15.24 43.42
C ILE D 230 19.00 16.02 42.11
N ARG D 231 19.39 15.39 40.98
CA ARG D 231 19.28 16.06 39.69
C ARG D 231 17.83 16.40 39.37
N MET D 232 16.94 15.41 39.47
CA MET D 232 15.55 15.64 39.10
C MET D 232 14.90 16.65 40.03
N LEU D 233 15.27 16.65 41.30
CA LEU D 233 14.64 17.58 42.24
C LEU D 233 15.10 19.00 41.99
N LYS D 234 16.41 19.19 41.76
CA LYS D 234 16.89 20.52 41.39
C LYS D 234 16.16 21.01 40.15
N PHE D 235 16.04 20.14 39.15
CA PHE D 235 15.45 20.60 37.88
C PHE D 235 13.95 20.78 38.00
N ALA D 236 13.29 20.02 38.89
CA ALA D 236 11.88 20.27 39.14
C ALA D 236 11.68 21.61 39.83
N MET D 237 12.53 21.95 40.80
CA MET D 237 12.33 23.24 41.44
C MET D 237 12.76 24.39 40.54
N ASN D 238 13.68 24.15 39.59
CA ASN D 238 13.96 25.15 38.55
C ASN D 238 12.78 25.31 37.62
N LEU D 239 12.12 24.21 37.29
CA LEU D 239 11.12 24.18 36.22
C LEU D 239 9.99 25.15 36.48
N THR D 240 9.56 25.30 37.75
CA THR D 240 8.39 26.11 37.99
C THR D 240 8.64 27.57 37.62
N ASP D 241 9.89 28.02 37.68
CA ASP D 241 10.21 29.40 37.34
C ASP D 241 10.88 29.57 35.97
N ASP D 242 11.51 28.53 35.42
CA ASP D 242 12.39 28.69 34.26
C ASP D 242 11.69 28.43 32.93
N GLY D 243 10.36 28.33 32.90
CA GLY D 243 9.65 28.28 31.63
C GLY D 243 10.11 27.17 30.73
N MET D 244 10.15 27.45 29.42
CA MET D 244 10.51 26.45 28.43
C MET D 244 11.94 25.96 28.61
N VAL D 245 12.85 26.81 29.07
CA VAL D 245 14.20 26.33 29.32
C VAL D 245 14.20 25.30 30.45
N GLY D 246 13.49 25.62 31.54
CA GLY D 246 13.37 24.65 32.63
C GLY D 246 12.74 23.36 32.17
N GLN D 247 11.76 23.46 31.28
CA GLN D 247 11.13 22.26 30.71
C GLN D 247 12.14 21.48 29.87
N GLN D 248 12.93 22.19 29.06
CA GLN D 248 13.96 21.51 28.29
C GLN D 248 14.92 20.74 29.20
N VAL D 249 15.37 21.37 30.29
CA VAL D 249 16.36 20.73 31.15
C VAL D 249 15.76 19.54 31.88
N PHE D 250 14.57 19.71 32.46
CA PHE D 250 13.92 18.62 33.19
C PHE D 250 13.56 17.47 32.27
N ALA D 251 12.92 17.78 31.15
CA ALA D 251 12.57 16.70 30.22
C ALA D 251 13.82 16.00 29.70
N GLY D 252 14.91 16.75 29.50
CA GLY D 252 16.14 16.13 29.03
C GLY D 252 16.63 15.04 29.97
N GLU D 253 16.51 15.27 31.28
CA GLU D 253 16.93 14.24 32.22
C GLU D 253 15.95 13.09 32.23
N ALA D 254 14.66 13.37 32.02
CA ALA D 254 13.69 12.28 31.86
C ALA D 254 14.02 11.43 30.63
N THR D 255 14.40 12.06 29.51
CA THR D 255 14.76 11.27 28.33
C THR D 255 15.93 10.35 28.63
N ARG D 256 16.87 10.82 29.45
CA ARG D 256 17.99 9.98 29.88
C ARG D 256 17.49 8.76 30.64
N LEU D 257 16.50 8.94 31.51
CA LEU D 257 15.95 7.79 32.23
C LEU D 257 15.25 6.81 31.30
N ALA D 258 14.49 7.31 30.33
CA ALA D 258 13.81 6.42 29.40
C ALA D 258 14.80 5.59 28.57
N TYR D 259 15.95 6.19 28.25
CA TYR D 259 16.94 5.52 27.41
C TYR D 259 17.43 4.23 28.06
N MET D 260 17.42 4.17 29.38
CA MET D 260 17.95 3.05 30.14
C MET D 260 17.01 1.84 30.15
N THR D 261 15.76 2.01 29.71
CA THR D 261 14.78 0.94 29.85
C THR D 261 14.98 -0.13 28.77
N ASP D 262 14.46 -1.32 29.05
CA ASP D 262 14.41 -2.37 28.03
C ASP D 262 13.56 -1.93 26.85
N GLU D 263 12.50 -1.13 27.10
CA GLU D 263 11.67 -0.62 26.02
C GLU D 263 12.51 0.19 25.03
N ALA D 264 13.44 0.99 25.55
CA ALA D 264 14.29 1.77 24.66
C ALA D 264 15.30 0.89 23.93
N LYS D 265 15.82 -0.14 24.61
CA LYS D 265 16.68 -1.10 23.92
CA LYS D 265 16.68 -1.09 23.92
C LYS D 265 15.96 -1.69 22.71
N GLU D 266 14.68 -2.02 22.88
CA GLU D 266 13.91 -2.60 21.77
C GLU D 266 13.67 -1.56 20.67
N GLY D 267 13.35 -0.32 21.04
CA GLY D 267 13.15 0.72 20.04
C GLY D 267 14.39 0.96 19.20
N ARG D 268 15.53 1.09 19.86
CA ARG D 268 16.79 1.29 19.15
C ARG D 268 17.15 0.07 18.30
N ASN D 269 17.05 -1.13 18.88
CA ASN D 269 17.37 -2.35 18.13
C ASN D 269 16.49 -2.49 16.89
N ALA D 270 15.19 -2.24 17.05
CA ALA D 270 14.29 -2.38 15.91
C ALA D 270 14.62 -1.37 14.82
N PHE D 271 14.98 -0.14 15.21
CA PHE D 271 15.42 0.84 14.21
C PHE D 271 16.65 0.36 13.46
N LEU D 272 17.66 -0.11 14.20
CA LEU D 272 18.90 -0.56 13.58
C LEU D 272 18.66 -1.78 12.69
N GLU D 273 17.80 -2.70 13.12
CA GLU D 273 17.52 -3.91 12.36
C GLU D 273 16.46 -3.72 11.28
N LYS D 274 15.95 -2.49 11.12
CA LYS D 274 14.99 -2.17 10.07
C LYS D 274 13.74 -3.05 10.17
N ARG D 275 13.17 -3.09 11.37
CA ARG D 275 11.98 -3.90 11.63
C ARG D 275 11.06 -3.11 12.55
N LYS D 276 9.83 -3.60 12.66
CA LYS D 276 8.86 -2.96 13.54
C LYS D 276 9.16 -3.33 14.98
N PRO D 277 9.24 -2.36 15.89
CA PRO D 277 9.48 -2.70 17.29
C PRO D 277 8.26 -3.39 17.90
N ASP D 278 8.54 -4.26 18.85
CA ASP D 278 7.51 -4.95 19.60
C ASP D 278 7.65 -4.49 21.05
N PHE D 279 6.79 -3.56 21.45
CA PHE D 279 6.86 -2.98 22.79
C PHE D 279 6.02 -3.74 23.80
N GLY D 280 5.45 -4.88 23.40
CA GLY D 280 4.75 -5.74 24.33
C GLY D 280 3.26 -5.47 24.37
N GLU D 281 2.60 -6.19 25.28
CA GLU D 281 1.15 -6.17 25.44
C GLU D 281 0.75 -5.43 26.72
N ASP D 282 -0.43 -4.81 26.65
CA ASP D 282 -1.04 -4.14 27.81
C ASP D 282 -0.06 -3.18 28.47
N GLN D 283 0.54 -2.32 27.65
CA GLN D 283 1.58 -1.41 28.09
C GLN D 283 1.06 -0.02 28.42
N TRP D 284 -0.22 0.26 28.16
CA TRP D 284 -0.78 1.60 28.33
C TRP D 284 -1.28 1.78 29.78
N ILE D 285 -0.30 1.71 30.69
CA ILE D 285 -0.57 1.66 32.12
C ILE D 285 -0.93 3.05 32.64
N SER D 286 -1.51 3.07 33.83
CA SER D 286 -1.91 4.31 34.45
C SER D 286 -1.89 4.15 35.96
N MET E 9 7.53 -18.54 34.45
CA MET E 9 6.30 -18.05 33.85
C MET E 9 6.28 -18.25 32.34
N ILE E 10 5.12 -18.60 31.79
CA ILE E 10 5.00 -18.90 30.37
C ILE E 10 4.89 -17.60 29.60
N GLU E 11 5.75 -17.43 28.59
CA GLU E 11 5.79 -16.20 27.81
C GLU E 11 4.77 -16.22 26.67
N TRP E 12 3.50 -16.27 27.05
CA TRP E 12 2.43 -16.24 26.06
C TRP E 12 2.44 -14.91 25.30
N LYS E 13 2.23 -14.99 23.99
CA LYS E 13 2.03 -13.82 23.15
C LYS E 13 0.68 -13.95 22.46
N THR E 14 -0.15 -12.91 22.62
CA THR E 14 -1.48 -12.94 22.03
C THR E 14 -1.36 -13.05 20.51
N ALA E 15 -2.09 -13.99 19.93
CA ALA E 15 -2.04 -14.19 18.49
C ALA E 15 -3.14 -13.41 17.77
N LYS E 16 -4.32 -13.32 18.37
CA LYS E 16 -5.39 -12.52 17.81
C LYS E 16 -6.33 -12.15 18.94
N GLU E 17 -6.92 -10.96 18.85
CA GLU E 17 -7.93 -10.53 19.81
C GLU E 17 -9.31 -10.96 19.35
N TYR E 18 -10.11 -11.44 20.30
CA TYR E 18 -11.48 -11.88 20.07
C TYR E 18 -12.39 -11.30 21.14
N GLU E 19 -13.70 -11.40 20.90
CA GLU E 19 -14.66 -10.90 21.87
C GLU E 19 -14.93 -11.89 23.00
N ASP E 20 -15.15 -13.17 22.66
CA ASP E 20 -15.63 -14.16 23.62
C ASP E 20 -14.58 -15.18 24.03
N ILE E 21 -13.39 -15.15 23.42
CA ILE E 21 -12.33 -16.10 23.73
C ILE E 21 -11.01 -15.35 23.77
N THR E 22 -9.98 -16.02 24.24
CA THR E 22 -8.61 -15.56 24.14
C THR E 22 -7.82 -16.56 23.31
N TYR E 23 -6.72 -16.08 22.70
CA TYR E 23 -5.93 -16.89 21.79
C TYR E 23 -4.47 -16.44 21.87
N LYS E 24 -3.61 -17.30 22.42
CA LYS E 24 -2.21 -16.97 22.68
C LYS E 24 -1.34 -18.15 22.25
N LYS E 25 -0.05 -17.87 22.02
CA LYS E 25 0.90 -18.89 21.59
C LYS E 25 2.20 -18.76 22.37
N CYS E 26 2.86 -19.90 22.60
CA CYS E 26 4.20 -19.88 23.18
C CYS E 26 4.91 -21.20 22.91
N ASN E 27 6.05 -21.14 22.23
CA ASN E 27 6.96 -22.27 22.09
CA ASN E 27 6.96 -22.27 22.10
C ASN E 27 6.24 -23.54 21.63
N GLY E 28 5.48 -23.43 20.56
CA GLY E 28 4.82 -24.58 19.97
C GLY E 28 3.44 -24.91 20.50
N VAL E 29 2.98 -24.20 21.53
CA VAL E 29 1.67 -24.42 22.15
C VAL E 29 0.79 -23.23 21.81
N ALA E 30 -0.44 -23.50 21.38
CA ALA E 30 -1.45 -22.46 21.29
C ALA E 30 -2.47 -22.71 22.38
N ARG E 31 -2.98 -21.63 22.99
CA ARG E 31 -4.03 -21.76 23.99
C ARG E 31 -5.24 -20.95 23.54
N ILE E 32 -6.38 -21.63 23.42
CA ILE E 32 -7.68 -21.03 23.12
C ILE E 32 -8.53 -21.19 24.38
N ALA E 33 -9.08 -20.09 24.88
CA ALA E 33 -9.84 -20.21 26.12
C ALA E 33 -11.13 -19.41 26.06
N PHE E 34 -12.21 -20.01 26.55
CA PHE E 34 -13.46 -19.26 26.70
C PHE E 34 -13.24 -18.12 27.67
N ASN E 35 -13.79 -16.95 27.32
CA ASN E 35 -13.56 -15.73 28.09
C ASN E 35 -14.86 -14.98 28.29
N ARG E 36 -15.90 -15.70 28.71
CA ARG E 36 -17.13 -15.10 29.23
C ARG E 36 -17.43 -15.66 30.62
N PRO E 37 -16.52 -15.45 31.58
CA PRO E 37 -16.67 -16.12 32.88
C PRO E 37 -17.84 -15.62 33.69
N GLU E 38 -18.31 -14.40 33.44
CA GLU E 38 -19.48 -13.91 34.13
C GLU E 38 -20.72 -14.74 33.84
N ILE E 39 -20.72 -15.49 32.74
CA ILE E 39 -21.83 -16.40 32.45
C ILE E 39 -21.32 -17.82 32.29
N ARG E 40 -20.30 -18.18 33.06
CA ARG E 40 -19.79 -19.54 33.11
C ARG E 40 -19.35 -20.04 31.73
N ASN E 41 -18.87 -19.12 30.90
CA ASN E 41 -18.22 -19.45 29.64
C ASN E 41 -19.13 -20.22 28.69
N ALA E 42 -20.41 -19.86 28.66
CA ALA E 42 -21.31 -20.37 27.64
C ALA E 42 -20.96 -19.79 26.28
N PHE E 43 -21.24 -20.55 25.22
CA PHE E 43 -20.95 -20.08 23.87
C PHE E 43 -22.22 -19.66 23.14
N ARG E 44 -22.13 -18.53 22.47
CA ARG E 44 -23.18 -18.03 21.59
C ARG E 44 -22.63 -18.15 20.16
N PRO E 45 -23.41 -17.82 19.12
CA PRO E 45 -22.87 -17.98 17.76
C PRO E 45 -21.56 -17.24 17.53
N LYS E 46 -21.41 -16.01 18.06
CA LYS E 46 -20.14 -15.31 17.95
CA LYS E 46 -20.14 -15.31 17.94
C LYS E 46 -18.99 -16.14 18.51
N THR E 47 -19.21 -16.77 19.66
CA THR E 47 -18.15 -17.57 20.29
C THR E 47 -17.70 -18.69 19.37
N THR E 48 -18.67 -19.38 18.77
CA THR E 48 -18.35 -20.52 17.91
CA THR E 48 -18.28 -20.52 17.94
C THR E 48 -17.61 -20.08 16.65
N SER E 49 -18.01 -18.94 16.08
CA SER E 49 -17.27 -18.39 14.95
C SER E 49 -15.83 -18.11 15.34
N GLU E 50 -15.62 -17.56 16.54
CA GLU E 50 -14.27 -17.21 16.97
C GLU E 50 -13.45 -18.47 17.27
N LEU E 51 -14.05 -19.47 17.94
CA LEU E 51 -13.40 -20.76 18.11
C LEU E 51 -12.92 -21.32 16.77
N TYR E 52 -13.81 -21.33 15.78
CA TYR E 52 -13.41 -21.87 14.48
C TYR E 52 -12.23 -21.08 13.93
N ASP E 53 -12.30 -19.76 14.01
CA ASP E 53 -11.23 -18.92 13.47
C ASP E 53 -9.90 -19.21 14.17
N ALA E 54 -9.92 -19.33 15.51
CA ALA E 54 -8.69 -19.55 16.24
C ALA E 54 -8.15 -20.96 16.01
N PHE E 55 -9.04 -21.96 16.03
CA PHE E 55 -8.58 -23.32 15.76
C PHE E 55 -8.04 -23.44 14.34
N TYR E 56 -8.66 -22.76 13.37
CA TYR E 56 -8.15 -22.88 12.00
C TYR E 56 -6.78 -22.24 11.88
N ASP E 57 -6.54 -21.13 12.59
CA ASP E 57 -5.21 -20.55 12.58
C ASP E 57 -4.19 -21.49 13.19
N ALA E 58 -4.52 -22.13 14.34
CA ALA E 58 -3.60 -23.10 14.93
C ALA E 58 -3.34 -24.26 13.97
N TYR E 59 -4.40 -24.69 13.28
CA TYR E 59 -4.27 -25.75 12.29
C TYR E 59 -3.24 -25.39 11.22
N GLU E 60 -3.26 -24.14 10.76
CA GLU E 60 -2.38 -23.70 9.69
C GLU E 60 -0.98 -23.30 10.14
N ASP E 61 -0.74 -23.15 11.45
CA ASP E 61 0.54 -22.62 11.94
C ASP E 61 1.49 -23.79 12.13
N PRO E 62 2.53 -23.96 11.29
CA PRO E 62 3.40 -25.15 11.43
C PRO E 62 4.30 -25.08 12.64
N SER E 63 4.33 -23.97 13.37
CA SER E 63 5.06 -23.97 14.62
C SER E 63 4.26 -24.59 15.76
N ILE E 64 2.95 -24.78 15.59
CA ILE E 64 2.08 -25.18 16.69
C ILE E 64 1.83 -26.67 16.58
N GLY E 65 2.21 -27.44 17.60
CA GLY E 65 1.92 -28.86 17.63
C GLY E 65 0.84 -29.29 18.60
N VAL E 66 0.53 -28.46 19.61
CA VAL E 66 -0.43 -28.75 20.65
C VAL E 66 -1.29 -27.52 20.87
N VAL E 67 -2.61 -27.71 20.95
CA VAL E 67 -3.57 -26.66 21.26
C VAL E 67 -4.19 -26.99 22.60
N LEU E 68 -4.12 -26.06 23.55
CA LEU E 68 -4.84 -26.19 24.80
C LEU E 68 -6.18 -25.47 24.62
N LEU E 69 -7.28 -26.14 24.98
CA LEU E 69 -8.61 -25.54 24.99
C LEU E 69 -9.02 -25.40 26.43
N SER E 70 -9.10 -24.15 26.93
CA SER E 70 -9.33 -23.95 28.35
C SER E 70 -10.46 -22.97 28.62
N GLY E 71 -10.58 -22.54 29.86
CA GLY E 71 -11.53 -21.49 30.22
C GLY E 71 -10.88 -20.47 31.14
N GLU E 72 -11.15 -19.20 30.89
CA GLU E 72 -10.69 -18.14 31.78
C GLU E 72 -11.66 -18.00 32.95
N GLY E 73 -11.16 -17.38 34.02
CA GLY E 73 -11.95 -17.19 35.21
C GLY E 73 -11.11 -16.58 36.30
N PRO E 74 -11.67 -16.49 37.52
CA PRO E 74 -13.01 -16.99 37.82
C PRO E 74 -14.11 -15.99 37.47
N SER E 75 -15.36 -16.37 37.69
CA SER E 75 -16.45 -15.42 37.53
C SER E 75 -16.27 -14.27 38.53
N PRO E 76 -16.38 -13.02 38.10
CA PRO E 76 -16.40 -11.92 39.07
C PRO E 76 -17.66 -11.90 39.91
N LYS E 77 -18.71 -12.63 39.49
CA LYS E 77 -19.97 -12.60 40.22
C LYS E 77 -19.88 -13.42 41.51
N ASP E 78 -19.55 -14.70 41.41
CA ASP E 78 -19.56 -15.59 42.56
C ASP E 78 -18.23 -16.31 42.78
N GLY E 79 -17.19 -15.94 42.04
CA GLY E 79 -15.91 -16.58 42.24
C GLY E 79 -15.83 -17.99 41.72
N GLY E 80 -16.85 -18.46 40.99
CA GLY E 80 -16.84 -19.81 40.49
C GLY E 80 -16.04 -19.94 39.20
N TRP E 81 -15.71 -21.18 38.86
CA TRP E 81 -14.88 -21.49 37.71
C TRP E 81 -15.66 -22.26 36.66
N ALA E 82 -15.35 -21.98 35.39
CA ALA E 82 -15.96 -22.72 34.30
C ALA E 82 -14.98 -23.03 33.19
N PHE E 83 -15.13 -24.22 32.60
CA PHE E 83 -14.54 -24.48 31.29
C PHE E 83 -15.44 -23.90 30.21
N CYS E 84 -16.64 -24.43 30.12
CA CYS E 84 -17.63 -24.03 29.12
C CYS E 84 -18.94 -24.63 29.55
N SER E 85 -19.98 -23.81 29.70
CA SER E 85 -21.28 -24.31 30.12
CA SER E 85 -21.29 -24.26 30.12
C SER E 85 -22.21 -24.61 28.96
N GLY E 86 -21.69 -24.68 27.74
CA GLY E 86 -22.49 -25.06 26.59
C GLY E 86 -23.16 -23.88 25.93
N GLY E 87 -24.15 -24.21 25.10
CA GLY E 87 -24.87 -23.24 24.29
C GLY E 87 -25.56 -22.20 25.13
N ASP E 88 -25.31 -20.94 24.81
CA ASP E 88 -25.97 -19.80 25.39
C ASP E 88 -27.46 -19.86 25.04
N GLN E 89 -28.29 -20.38 25.94
CA GLN E 89 -29.69 -20.64 25.60
C GLN E 89 -30.45 -19.36 25.26
N LYS E 90 -29.95 -18.21 25.68
CA LYS E 90 -30.52 -16.94 25.24
C LYS E 90 -30.29 -16.77 23.74
N HIS E 104 -24.68 -18.24 7.00
CA HIS E 104 -24.15 -19.38 7.73
C HIS E 104 -23.39 -18.94 8.97
N ARG E 105 -23.98 -19.18 10.13
CA ARG E 105 -23.25 -19.07 11.39
C ARG E 105 -22.49 -20.36 11.60
N LEU E 106 -21.16 -20.26 11.72
CA LEU E 106 -20.37 -21.43 12.02
C LEU E 106 -20.92 -22.13 13.25
N ASN E 107 -21.05 -23.44 13.16
CA ASN E 107 -21.65 -24.17 14.25
C ASN E 107 -20.61 -25.07 14.93
N ILE E 108 -20.99 -25.54 16.10
CA ILE E 108 -20.02 -26.22 16.93
C ILE E 108 -19.60 -27.54 16.30
N LEU E 109 -20.42 -28.09 15.40
CA LEU E 109 -20.02 -29.35 14.77
C LEU E 109 -18.83 -29.15 13.84
N GLU E 110 -18.74 -28.00 13.15
CA GLU E 110 -17.56 -27.71 12.35
C GLU E 110 -16.32 -27.54 13.23
N VAL E 111 -16.49 -26.92 14.41
CA VAL E 111 -15.39 -26.83 15.36
C VAL E 111 -14.96 -28.21 15.83
N GLN E 112 -15.92 -29.08 16.17
CA GLN E 112 -15.57 -30.45 16.54
C GLN E 112 -14.74 -31.14 15.45
N ARG E 113 -15.13 -31.00 14.18
CA ARG E 113 -14.37 -31.71 13.13
C ARG E 113 -12.99 -31.12 12.95
N LEU E 114 -12.84 -29.82 13.15
CA LEU E 114 -11.52 -29.20 13.04
C LEU E 114 -10.59 -29.74 14.13
N ILE E 115 -11.08 -29.82 15.37
CA ILE E 115 -10.34 -30.45 16.45
C ILE E 115 -9.96 -31.88 16.09
N ARG E 116 -10.94 -32.63 15.56
CA ARG E 116 -10.75 -34.05 15.30
C ARG E 116 -9.71 -34.30 14.21
N PHE E 117 -9.75 -33.54 13.12
CA PHE E 117 -8.92 -33.86 11.96
C PHE E 117 -7.59 -33.13 11.96
N MET E 118 -7.38 -32.13 12.81
CA MET E 118 -6.15 -31.36 12.67
C MET E 118 -4.95 -32.20 13.13
N PRO E 119 -3.84 -32.11 12.44
CA PRO E 119 -2.63 -32.85 12.78
C PRO E 119 -1.86 -32.18 13.93
N LYS E 120 -2.58 -31.91 15.01
CA LYS E 120 -2.04 -31.37 16.26
C LYS E 120 -2.83 -32.01 17.38
N VAL E 121 -2.23 -32.14 18.56
CA VAL E 121 -2.93 -32.72 19.71
C VAL E 121 -3.69 -31.60 20.38
N VAL E 122 -4.99 -31.81 20.62
CA VAL E 122 -5.82 -30.82 21.31
C VAL E 122 -6.13 -31.35 22.71
N ILE E 123 -5.81 -30.55 23.71
CA ILE E 123 -5.98 -30.93 25.12
C ILE E 123 -7.05 -30.03 25.71
N ALA E 124 -8.15 -30.61 26.19
CA ALA E 124 -9.13 -29.87 26.96
C ALA E 124 -8.57 -29.65 28.37
N VAL E 125 -8.57 -28.41 28.81
CA VAL E 125 -8.08 -28.04 30.13
C VAL E 125 -9.29 -27.51 30.87
N VAL E 126 -9.75 -28.24 31.87
CA VAL E 126 -11.10 -28.04 32.41
C VAL E 126 -10.98 -27.50 33.83
N PRO E 127 -11.11 -26.19 34.03
CA PRO E 127 -10.97 -25.62 35.38
C PRO E 127 -12.24 -25.58 36.18
N GLY E 128 -13.38 -25.85 35.55
CA GLY E 128 -14.65 -25.74 36.25
C GLY E 128 -15.75 -26.47 35.51
N TRP E 129 -16.94 -25.88 35.51
CA TRP E 129 -18.09 -26.44 34.81
C TRP E 129 -17.76 -26.79 33.37
N ALA E 130 -18.09 -28.01 32.97
CA ALA E 130 -18.01 -28.47 31.59
C ALA E 130 -19.38 -29.12 31.34
N VAL E 131 -20.28 -28.36 30.74
CA VAL E 131 -21.70 -28.69 30.72
C VAL E 131 -22.21 -28.68 29.30
N GLY E 132 -23.04 -29.68 28.96
CA GLY E 132 -23.74 -29.68 27.68
C GLY E 132 -22.78 -29.67 26.51
N GLY E 133 -22.97 -28.71 25.60
CA GLY E 133 -22.04 -28.56 24.49
C GLY E 133 -20.60 -28.38 24.92
N GLY E 134 -20.38 -27.80 26.10
CA GLY E 134 -19.03 -27.69 26.62
C GLY E 134 -18.48 -29.03 27.07
N HIS E 135 -19.36 -29.89 27.60
CA HIS E 135 -18.96 -31.26 27.89
C HIS E 135 -18.56 -31.98 26.61
N SER E 136 -19.39 -31.87 25.57
CA SER E 136 -19.06 -32.56 24.32
C SER E 136 -17.78 -32.03 23.69
N LEU E 137 -17.48 -30.74 23.89
CA LEU E 137 -16.19 -30.24 23.41
C LEU E 137 -15.03 -30.87 24.16
N HIS E 138 -15.16 -31.06 25.48
CA HIS E 138 -14.09 -31.76 26.19
C HIS E 138 -13.94 -33.19 25.66
N VAL E 139 -15.05 -33.86 25.38
CA VAL E 139 -14.99 -35.26 24.93
C VAL E 139 -14.22 -35.41 23.62
N VAL E 140 -14.44 -34.52 22.65
CA VAL E 140 -13.80 -34.69 21.34
C VAL E 140 -12.32 -34.30 21.35
N CYS E 141 -11.86 -33.57 22.36
CA CYS E 141 -10.43 -33.27 22.43
C CYS E 141 -9.66 -34.57 22.63
N ASP E 142 -8.39 -34.56 22.21
CA ASP E 142 -7.58 -35.79 22.28
C ASP E 142 -7.29 -36.21 23.72
N LEU E 143 -7.11 -35.24 24.61
CA LEU E 143 -6.80 -35.48 26.02
C LEU E 143 -7.60 -34.48 26.84
N THR E 144 -7.81 -34.81 28.12
CA THR E 144 -8.45 -33.87 29.05
C THR E 144 -7.70 -33.87 30.37
N LEU E 145 -7.33 -32.69 30.84
CA LEU E 145 -6.82 -32.47 32.18
C LEU E 145 -7.85 -31.67 32.96
N ALA E 146 -8.07 -32.01 34.23
CA ALA E 146 -9.19 -31.40 34.94
C ALA E 146 -8.81 -30.96 36.34
N SER E 147 -9.34 -29.80 36.74
CA SER E 147 -9.16 -29.26 38.08
C SER E 147 -9.72 -30.18 39.17
N LYS E 148 -8.85 -30.64 40.06
CA LYS E 148 -9.28 -31.49 41.17
C LYS E 148 -10.41 -30.85 41.97
N GLU E 149 -10.25 -29.60 42.36
CA GLU E 149 -11.19 -28.97 43.26
C GLU E 149 -12.44 -28.46 42.56
N HIS E 150 -12.37 -28.10 41.28
CA HIS E 150 -13.43 -27.30 40.69
C HIS E 150 -14.05 -27.83 39.41
N ALA E 151 -13.43 -28.79 38.72
CA ALA E 151 -14.02 -29.33 37.51
C ALA E 151 -15.33 -30.05 37.84
N ILE E 152 -16.38 -29.79 37.06
CA ILE E 152 -17.65 -30.49 37.21
C ILE E 152 -18.13 -30.83 35.81
N PHE E 153 -18.35 -32.12 35.56
CA PHE E 153 -18.79 -32.60 34.27
C PHE E 153 -20.28 -32.90 34.36
N LYS E 154 -21.06 -32.39 33.41
CA LYS E 154 -22.51 -32.53 33.50
C LYS E 154 -23.11 -32.43 32.11
N GLN E 155 -24.03 -33.32 31.78
CA GLN E 155 -24.75 -33.26 30.50
C GLN E 155 -26.16 -32.75 30.72
N THR E 156 -26.49 -31.63 30.09
CA THR E 156 -27.82 -31.06 30.17
C THR E 156 -28.63 -31.22 28.90
N ASP E 157 -28.09 -31.89 27.88
CA ASP E 157 -28.80 -32.00 26.61
C ASP E 157 -30.25 -32.46 26.79
N ALA E 158 -30.46 -33.52 27.58
CA ALA E 158 -31.80 -34.08 27.71
C ALA E 158 -32.76 -33.20 28.48
N ASP E 159 -32.26 -32.17 29.17
CA ASP E 159 -33.12 -31.21 29.86
C ASP E 159 -33.81 -30.24 28.91
N VAL E 160 -33.24 -30.00 27.73
CA VAL E 160 -33.70 -28.93 26.84
C VAL E 160 -34.08 -29.46 25.45
N THR E 161 -34.30 -30.78 25.32
CA THR E 161 -34.72 -31.38 24.06
C THR E 161 -33.65 -31.18 23.00
N SER E 162 -32.40 -31.27 23.45
CA SER E 162 -31.26 -31.29 22.56
C SER E 162 -30.55 -32.63 22.68
N PHE E 163 -29.56 -32.83 21.82
CA PHE E 163 -28.70 -33.99 21.94
C PHE E 163 -27.51 -33.80 21.04
N ASP E 164 -26.35 -34.18 21.52
CA ASP E 164 -25.18 -34.38 20.69
C ASP E 164 -25.13 -35.88 20.46
N GLY E 165 -25.62 -36.30 19.28
CA GLY E 165 -25.69 -37.71 18.96
C GLY E 165 -24.47 -38.23 18.23
N GLY E 166 -23.37 -37.48 18.27
CA GLY E 166 -22.13 -37.88 17.61
C GLY E 166 -20.97 -37.97 18.58
N TYR E 167 -20.01 -37.05 18.45
CA TYR E 167 -18.85 -37.07 19.32
C TYR E 167 -19.20 -36.88 20.78
N GLY E 168 -20.33 -36.27 21.09
CA GLY E 168 -20.62 -36.03 22.50
C GLY E 168 -21.11 -37.24 23.26
N SER E 169 -21.67 -38.24 22.54
CA SER E 169 -22.34 -39.37 23.17
C SER E 169 -21.77 -40.68 22.67
N ALA E 170 -21.92 -40.96 21.38
CA ALA E 170 -21.36 -42.20 20.86
C ALA E 170 -19.86 -42.24 21.05
N TYR E 171 -19.17 -41.11 20.85
CA TYR E 171 -17.72 -41.14 21.07
C TYR E 171 -17.38 -41.14 22.55
N LEU E 172 -18.21 -40.52 23.39
CA LEU E 172 -18.00 -40.63 24.83
C LEU E 172 -17.94 -42.10 25.25
N ALA E 173 -18.78 -42.94 24.63
CA ALA E 173 -18.79 -44.35 24.98
C ALA E 173 -17.46 -45.02 24.65
N LYS E 174 -16.67 -44.46 23.71
CA LYS E 174 -15.38 -45.04 23.38
C LYS E 174 -14.30 -44.68 24.38
N MET E 175 -14.63 -43.90 25.42
CA MET E 175 -13.67 -43.65 26.50
C MET E 175 -14.19 -44.00 27.89
N VAL E 176 -15.51 -44.01 28.12
CA VAL E 176 -16.04 -44.43 29.42
C VAL E 176 -16.87 -45.71 29.33
N GLY E 177 -17.07 -46.27 28.13
CA GLY E 177 -17.93 -47.43 27.97
C GLY E 177 -19.39 -47.05 27.82
N GLN E 178 -20.17 -48.00 27.32
CA GLN E 178 -21.55 -47.70 26.94
C GLN E 178 -22.45 -47.47 28.15
N LYS E 179 -22.23 -48.19 29.27
CA LYS E 179 -23.09 -47.98 30.44
C LYS E 179 -22.94 -46.56 30.96
N LYS E 180 -21.71 -46.12 31.17
CA LYS E 180 -21.51 -44.81 31.77
C LYS E 180 -21.91 -43.68 30.84
N ALA E 181 -21.68 -43.84 29.52
CA ALA E 181 -22.09 -42.80 28.60
C ALA E 181 -23.60 -42.61 28.65
N ARG E 182 -24.34 -43.71 28.72
CA ARG E 182 -25.78 -43.62 28.84
C ARG E 182 -26.19 -42.92 30.15
N GLU E 183 -25.53 -43.27 31.25
CA GLU E 183 -25.85 -42.65 32.54
C GLU E 183 -25.65 -41.13 32.49
N ILE E 184 -24.52 -40.70 31.93
CA ILE E 184 -24.21 -39.27 31.86
C ILE E 184 -25.33 -38.51 31.15
N PHE E 185 -25.79 -39.03 30.01
CA PHE E 185 -26.84 -38.31 29.27
C PHE E 185 -28.24 -38.52 29.84
N PHE E 186 -28.56 -39.71 30.33
CA PHE E 186 -29.94 -39.97 30.73
C PHE E 186 -30.31 -39.31 32.05
N LEU E 187 -29.36 -39.17 32.98
CA LEU E 187 -29.70 -38.55 34.25
C LEU E 187 -29.19 -37.12 34.37
N GLY E 188 -28.15 -36.75 33.63
CA GLY E 188 -27.67 -35.37 33.69
C GLY E 188 -27.13 -34.97 35.04
N ARG E 189 -26.50 -35.89 35.75
CA ARG E 189 -25.93 -35.60 37.05
C ARG E 189 -24.54 -34.98 36.91
N ASN E 190 -24.02 -34.50 38.06
CA ASN E 190 -22.68 -33.90 38.13
C ASN E 190 -21.63 -34.95 38.46
N TYR E 191 -20.44 -34.82 37.86
CA TYR E 191 -19.29 -35.68 38.16
C TYR E 191 -18.05 -34.82 38.42
N SER E 192 -17.31 -35.17 39.47
CA SER E 192 -16.06 -34.50 39.79
C SER E 192 -14.95 -34.94 38.82
N ALA E 193 -13.81 -34.24 38.90
CA ALA E 193 -12.64 -34.65 38.14
C ALA E 193 -12.22 -36.07 38.49
N GLN E 194 -12.19 -36.42 39.77
CA GLN E 194 -11.78 -37.77 40.15
C GLN E 194 -12.76 -38.82 39.62
N GLU E 195 -14.07 -38.53 39.68
CA GLU E 195 -15.03 -39.49 39.14
C GLU E 195 -14.87 -39.64 37.63
N ALA E 196 -14.59 -38.54 36.93
CA ALA E 196 -14.38 -38.58 35.49
C ALA E 196 -13.08 -39.29 35.12
N PHE E 197 -12.06 -39.16 35.97
CA PHE E 197 -10.83 -39.92 35.78
C PHE E 197 -11.10 -41.40 35.94
N GLU E 198 -11.84 -41.77 36.99
CA GLU E 198 -12.11 -43.19 37.23
C GLU E 198 -12.93 -43.81 36.10
N MET E 199 -13.80 -43.04 35.45
CA MET E 199 -14.60 -43.63 34.38
C MET E 199 -13.87 -43.67 33.04
N GLY E 200 -12.81 -42.86 32.86
CA GLY E 200 -11.98 -42.94 31.67
C GLY E 200 -11.97 -41.71 30.79
N MET E 201 -12.67 -40.61 31.12
CA MET E 201 -12.71 -39.49 30.20
C MET E 201 -11.81 -38.34 30.61
N VAL E 202 -11.19 -38.40 31.79
CA VAL E 202 -10.18 -37.44 32.20
C VAL E 202 -8.85 -38.15 32.33
N ASN E 203 -7.80 -37.58 31.74
CA ASN E 203 -6.49 -38.23 31.73
C ASN E 203 -5.73 -38.03 33.02
N LYS E 204 -5.88 -36.86 33.64
CA LYS E 204 -5.19 -36.56 34.88
CA LYS E 204 -5.19 -36.56 34.88
C LYS E 204 -6.01 -35.56 35.67
N VAL E 205 -6.12 -35.82 36.97
CA VAL E 205 -6.72 -34.88 37.93
C VAL E 205 -5.57 -34.03 38.46
N VAL E 206 -5.69 -32.71 38.33
CA VAL E 206 -4.60 -31.78 38.61
C VAL E 206 -5.07 -30.79 39.67
N PRO E 207 -4.31 -30.54 40.73
CA PRO E 207 -4.67 -29.45 41.64
C PRO E 207 -4.91 -28.17 40.87
N HIS E 208 -5.98 -27.46 41.22
CA HIS E 208 -6.41 -26.29 40.47
C HIS E 208 -5.27 -25.30 40.22
N ALA E 209 -4.48 -24.99 41.25
CA ALA E 209 -3.43 -23.98 41.07
C ALA E 209 -2.35 -24.40 40.08
N GLU E 210 -2.24 -25.70 39.79
CA GLU E 210 -1.24 -26.23 38.88
C GLU E 210 -1.78 -26.56 37.50
N LEU E 211 -3.09 -26.40 37.28
CA LEU E 211 -3.72 -26.97 36.09
C LEU E 211 -3.16 -26.40 34.80
N GLU E 212 -3.07 -25.06 34.69
CA GLU E 212 -2.58 -24.50 33.43
C GLU E 212 -1.10 -24.80 33.21
N ASP E 213 -0.28 -24.68 34.26
CA ASP E 213 1.13 -25.02 34.12
C ASP E 213 1.30 -26.48 33.71
N THR E 214 0.53 -27.39 34.32
CA THR E 214 0.66 -28.81 34.00
C THR E 214 0.24 -29.09 32.57
N ALA E 215 -0.80 -28.40 32.10
CA ALA E 215 -1.21 -28.56 30.70
C ALA E 215 -0.10 -28.16 29.75
N TYR E 216 0.60 -27.07 30.06
CA TYR E 216 1.71 -26.63 29.23
C TYR E 216 2.85 -27.63 29.28
N GLU E 217 3.13 -28.19 30.46
CA GLU E 217 4.16 -29.23 30.56
C GLU E 217 3.80 -30.46 29.72
N TRP E 218 2.54 -30.92 29.80
CA TRP E 218 2.11 -32.02 28.93
C TRP E 218 2.32 -31.66 27.47
N ALA E 219 1.94 -30.45 27.09
CA ALA E 219 2.13 -30.00 25.71
C ALA E 219 3.59 -30.11 25.31
N GLN E 220 4.50 -29.65 26.18
CA GLN E 220 5.91 -29.69 25.84
C GLN E 220 6.43 -31.13 25.75
N GLU E 221 5.89 -32.06 26.54
CA GLU E 221 6.28 -33.46 26.38
C GLU E 221 5.92 -33.97 25.00
N ILE E 222 4.72 -33.61 24.52
CA ILE E 222 4.30 -34.02 23.17
C ILE E 222 5.20 -33.37 22.11
N LEU E 223 5.52 -32.08 22.29
CA LEU E 223 6.27 -31.35 21.28
C LEU E 223 7.70 -31.87 21.12
N ALA E 224 8.18 -32.68 22.07
CA ALA E 224 9.49 -33.32 22.00
C ALA E 224 9.48 -34.60 21.19
N LYS E 225 8.30 -35.07 20.77
CA LYS E 225 8.16 -36.30 20.03
C LYS E 225 8.30 -36.06 18.54
N SER E 226 8.36 -37.15 17.79
CA SER E 226 8.39 -37.08 16.34
C SER E 226 7.05 -36.55 15.83
N PRO E 227 7.03 -35.44 15.07
CA PRO E 227 5.73 -34.95 14.57
C PRO E 227 5.06 -35.94 13.64
N THR E 228 5.82 -36.67 12.84
CA THR E 228 5.21 -37.69 12.00
C THR E 228 4.54 -38.76 12.85
N SER E 229 5.20 -39.22 13.91
CA SER E 229 4.58 -40.21 14.78
C SER E 229 3.32 -39.68 15.41
N ILE E 230 3.35 -38.44 15.91
CA ILE E 230 2.17 -37.90 16.59
C ILE E 230 0.99 -37.80 15.62
N ARG E 231 1.23 -37.26 14.42
CA ARG E 231 0.18 -37.21 13.40
C ARG E 231 -0.37 -38.60 13.10
N MET E 232 0.52 -39.55 12.80
CA MET E 232 0.04 -40.86 12.36
C MET E 232 -0.70 -41.57 13.48
N LEU E 233 -0.25 -41.35 14.73
CA LEU E 233 -0.90 -42.02 15.85
C LEU E 233 -2.25 -41.40 16.14
N LYS E 234 -2.34 -40.07 16.12
CA LYS E 234 -3.66 -39.45 16.28
C LYS E 234 -4.62 -39.98 15.23
N PHE E 235 -4.16 -40.03 13.98
CA PHE E 235 -5.08 -40.42 12.91
C PHE E 235 -5.36 -41.91 12.93
N ALA E 236 -4.41 -42.75 13.41
CA ALA E 236 -4.72 -44.16 13.57
C ALA E 236 -5.79 -44.37 14.63
N MET E 237 -5.70 -43.61 15.72
CA MET E 237 -6.69 -43.81 16.78
C MET E 237 -8.02 -43.22 16.38
N ASN E 238 -8.04 -42.18 15.53
CA ASN E 238 -9.30 -41.72 14.93
C ASN E 238 -9.89 -42.77 13.97
N LEU E 239 -9.01 -43.44 13.22
CA LEU E 239 -9.42 -44.27 12.10
C LEU E 239 -10.37 -45.37 12.55
N THR E 240 -10.14 -45.94 13.73
CA THR E 240 -10.95 -47.08 14.13
C THR E 240 -12.42 -46.70 14.29
N ASP E 241 -12.70 -45.43 14.61
CA ASP E 241 -14.07 -44.97 14.78
C ASP E 241 -14.61 -44.11 13.64
N ASP E 242 -13.75 -43.45 12.87
CA ASP E 242 -14.20 -42.45 11.91
C ASP E 242 -14.47 -42.99 10.50
N GLY E 243 -14.54 -44.32 10.32
CA GLY E 243 -14.94 -44.90 9.04
C GLY E 243 -14.15 -44.34 7.87
N MET E 244 -14.87 -44.08 6.77
CA MET E 244 -14.21 -43.66 5.53
C MET E 244 -13.53 -42.31 5.67
N VAL E 245 -14.06 -41.41 6.52
CA VAL E 245 -13.37 -40.14 6.73
C VAL E 245 -12.04 -40.37 7.42
N GLY E 246 -12.05 -41.22 8.46
CA GLY E 246 -10.82 -41.54 9.14
C GLY E 246 -9.82 -42.19 8.20
N GLN E 247 -10.32 -43.02 7.29
CA GLN E 247 -9.43 -43.63 6.31
C GLN E 247 -8.87 -42.57 5.36
N GLN E 248 -9.71 -41.63 4.94
CA GLN E 248 -9.24 -40.55 4.09
C GLN E 248 -8.10 -39.78 4.76
N VAL E 249 -8.26 -39.47 6.05
CA VAL E 249 -7.30 -38.63 6.74
C VAL E 249 -5.99 -39.39 6.98
N PHE E 250 -6.10 -40.63 7.45
CA PHE E 250 -4.90 -41.43 7.71
C PHE E 250 -4.17 -41.75 6.42
N ALA E 251 -4.91 -42.24 5.43
CA ALA E 251 -4.26 -42.53 4.15
C ALA E 251 -3.64 -41.28 3.54
N GLY E 252 -4.27 -40.12 3.73
CA GLY E 252 -3.70 -38.90 3.19
C GLY E 252 -2.30 -38.61 3.74
N GLU E 253 -2.09 -38.88 5.02
CA GLU E 253 -0.76 -38.69 5.59
C GLU E 253 0.21 -39.74 5.12
N ALA E 254 -0.26 -40.97 4.88
CA ALA E 254 0.60 -41.97 4.25
C ALA E 254 1.01 -41.56 2.85
N THR E 255 0.10 -40.96 2.07
CA THR E 255 0.46 -40.48 0.75
C THR E 255 1.60 -39.48 0.85
N ARG E 256 1.56 -38.63 1.89
CA ARG E 256 2.62 -37.64 2.11
C ARG E 256 3.96 -38.33 2.36
N LEU E 257 3.97 -39.39 3.17
CA LEU E 257 5.21 -40.14 3.38
C LEU E 257 5.70 -40.76 2.08
N ALA E 258 4.80 -41.28 1.24
CA ALA E 258 5.25 -41.87 -0.01
C ALA E 258 5.87 -40.82 -0.94
N TYR E 259 5.33 -39.61 -0.91
CA TYR E 259 5.81 -38.56 -1.79
CA TYR E 259 5.81 -38.54 -1.78
C TYR E 259 7.28 -38.26 -1.55
N MET E 260 7.77 -38.48 -0.32
CA MET E 260 9.14 -38.20 0.06
C MET E 260 10.15 -39.20 -0.49
N THR E 261 9.70 -40.31 -1.07
CA THR E 261 10.64 -41.37 -1.44
C THR E 261 11.31 -41.08 -2.78
N ASP E 262 12.48 -41.70 -2.97
CA ASP E 262 13.10 -41.67 -4.28
C ASP E 262 12.23 -42.36 -5.32
N GLU E 263 11.44 -43.36 -4.91
CA GLU E 263 10.52 -44.02 -5.82
C GLU E 263 9.51 -43.02 -6.36
N ALA E 264 9.02 -42.13 -5.50
CA ALA E 264 8.08 -41.10 -5.94
C ALA E 264 8.76 -40.06 -6.82
N LYS E 265 10.02 -39.71 -6.53
CA LYS E 265 10.74 -38.79 -7.42
C LYS E 265 10.83 -39.36 -8.83
N GLU E 266 11.07 -40.67 -8.96
CA GLU E 266 11.15 -41.29 -10.27
C GLU E 266 9.78 -41.32 -10.94
N GLY E 267 8.74 -41.62 -10.16
CA GLY E 267 7.38 -41.61 -10.70
C GLY E 267 7.00 -40.27 -11.29
N ARG E 268 7.29 -39.19 -10.56
CA ARG E 268 6.97 -37.85 -11.06
C ARG E 268 7.85 -37.50 -12.25
N ASN E 269 9.15 -37.76 -12.13
CA ASN E 269 10.07 -37.42 -13.21
C ASN E 269 9.72 -38.14 -14.50
N ALA E 270 9.40 -39.43 -14.41
CA ALA E 270 9.09 -40.16 -15.64
C ALA E 270 7.83 -39.61 -16.30
N PHE E 271 6.84 -39.22 -15.49
CA PHE E 271 5.64 -38.61 -16.04
C PHE E 271 5.98 -37.32 -16.76
N LEU E 272 6.75 -36.44 -16.10
CA LEU E 272 7.09 -35.16 -16.70
C LEU E 272 7.94 -35.34 -17.95
N GLU E 273 8.82 -36.33 -17.94
CA GLU E 273 9.71 -36.60 -19.05
C GLU E 273 9.10 -37.52 -20.09
N LYS E 274 7.83 -37.88 -19.94
CA LYS E 274 7.08 -38.67 -20.90
C LYS E 274 7.84 -39.96 -21.25
N ARG E 275 8.17 -40.72 -20.22
CA ARG E 275 8.87 -41.98 -20.36
C ARG E 275 8.34 -42.97 -19.33
N LYS E 276 8.74 -44.22 -19.49
CA LYS E 276 8.35 -45.31 -18.59
C LYS E 276 9.14 -45.21 -17.29
N PRO E 277 8.49 -45.18 -16.13
CA PRO E 277 9.26 -45.17 -14.88
C PRO E 277 10.02 -46.46 -14.68
N ASP E 278 11.22 -46.35 -14.11
CA ASP E 278 12.03 -47.50 -13.71
C ASP E 278 12.04 -47.54 -12.20
N PHE E 279 11.24 -48.43 -11.63
CA PHE E 279 11.16 -48.49 -10.18
C PHE E 279 12.15 -49.49 -9.57
N GLY E 280 13.00 -50.13 -10.38
CA GLY E 280 14.03 -51.01 -9.86
C GLY E 280 13.60 -52.46 -9.87
N GLU E 281 14.48 -53.31 -9.34
CA GLU E 281 14.29 -54.75 -9.36
C GLU E 281 14.06 -55.27 -7.94
N ASP E 282 13.35 -56.41 -7.85
CA ASP E 282 13.13 -57.09 -6.58
C ASP E 282 12.49 -56.15 -5.55
N GLN E 283 11.52 -55.38 -6.00
CA GLN E 283 10.88 -54.36 -5.16
C GLN E 283 9.64 -54.84 -4.44
N TRP E 284 9.19 -56.06 -4.72
CA TRP E 284 7.93 -56.55 -4.17
C TRP E 284 8.16 -57.21 -2.82
N ILE E 285 8.61 -56.37 -1.89
CA ILE E 285 9.08 -56.86 -0.60
C ILE E 285 7.90 -57.17 0.33
N SER E 286 8.19 -57.90 1.39
CA SER E 286 7.18 -58.19 2.39
C SER E 286 7.80 -58.13 3.77
N MET F 9 -31.39 -20.38 -22.94
CA MET F 9 -30.03 -20.31 -22.38
C MET F 9 -30.08 -20.10 -20.87
N ILE F 10 -29.15 -20.72 -20.15
CA ILE F 10 -29.10 -20.61 -18.70
C ILE F 10 -28.51 -19.25 -18.31
N GLU F 11 -29.20 -18.52 -17.45
CA GLU F 11 -28.80 -17.15 -17.12
C GLU F 11 -27.78 -17.13 -15.99
N TRP F 12 -26.64 -17.76 -16.23
CA TRP F 12 -25.56 -17.76 -15.26
C TRP F 12 -25.09 -16.34 -14.93
N LYS F 13 -24.84 -16.09 -13.65
CA LYS F 13 -24.18 -14.87 -13.19
C LYS F 13 -22.91 -15.28 -12.43
N THR F 14 -21.77 -14.69 -12.82
CA THR F 14 -20.52 -14.95 -12.11
C THR F 14 -20.63 -14.54 -10.65
N ALA F 15 -20.23 -15.45 -9.76
CA ALA F 15 -20.28 -15.20 -8.33
C ALA F 15 -18.98 -14.62 -7.79
N LYS F 16 -17.86 -15.13 -8.30
CA LYS F 16 -16.55 -14.61 -7.95
C LYS F 16 -15.60 -14.99 -9.08
N GLU F 17 -14.64 -14.11 -9.31
CA GLU F 17 -13.61 -14.34 -10.30
C GLU F 17 -12.39 -15.02 -9.67
N TYR F 18 -11.87 -16.03 -10.36
CA TYR F 18 -10.72 -16.80 -9.93
C TYR F 18 -9.72 -16.90 -11.07
N GLU F 19 -8.51 -17.34 -10.74
CA GLU F 19 -7.49 -17.51 -11.77
C GLU F 19 -7.60 -18.84 -12.49
N ASP F 20 -7.86 -19.93 -11.75
CA ASP F 20 -7.76 -21.27 -12.32
C ASP F 20 -9.09 -21.95 -12.50
N ILE F 21 -10.18 -21.35 -12.04
CA ILE F 21 -11.51 -21.94 -12.09
C ILE F 21 -12.51 -20.84 -12.43
N THR F 22 -13.74 -21.25 -12.76
CA THR F 22 -14.86 -20.33 -12.91
C THR F 22 -15.92 -20.70 -11.87
N TYR F 23 -16.73 -19.70 -11.48
CA TYR F 23 -17.72 -19.89 -10.41
C TYR F 23 -18.94 -19.02 -10.72
N LYS F 24 -20.08 -19.66 -11.01
CA LYS F 24 -21.28 -18.96 -11.46
C LYS F 24 -22.50 -19.56 -10.76
N LYS F 25 -23.58 -18.78 -10.71
CA LYS F 25 -24.81 -19.22 -10.06
C LYS F 25 -26.02 -18.91 -10.92
N CYS F 26 -27.03 -19.77 -10.83
CA CYS F 26 -28.32 -19.46 -11.48
C CYS F 26 -29.41 -20.29 -10.82
N ASN F 27 -30.41 -19.62 -10.26
CA ASN F 27 -31.67 -20.26 -9.83
C ASN F 27 -31.43 -21.52 -9.00
N GLY F 28 -30.56 -21.40 -7.98
CA GLY F 28 -30.36 -22.47 -7.02
C GLY F 28 -29.20 -23.37 -7.34
N VAL F 29 -28.60 -23.23 -8.51
CA VAL F 29 -27.47 -24.05 -8.96
C VAL F 29 -26.22 -23.20 -8.95
N ALA F 30 -25.13 -23.74 -8.38
CA ALA F 30 -23.81 -23.15 -8.55
C ALA F 30 -23.00 -24.05 -9.46
N ARG F 31 -22.17 -23.45 -10.32
CA ARG F 31 -21.28 -24.24 -11.16
C ARG F 31 -19.86 -23.79 -10.90
N ILE F 32 -19.02 -24.75 -10.51
CA ILE F 32 -17.60 -24.56 -10.30
C ILE F 32 -16.91 -25.36 -11.40
N ALA F 33 -16.02 -24.73 -12.14
CA ALA F 33 -15.42 -25.50 -13.21
C ALA F 33 -13.93 -25.21 -13.32
N PHE F 34 -13.16 -26.28 -13.51
CA PHE F 34 -11.74 -26.11 -13.82
C PHE F 34 -11.56 -25.29 -15.08
N ASN F 35 -10.62 -24.34 -15.04
CA ASN F 35 -10.38 -23.45 -16.17
C ASN F 35 -8.89 -23.32 -16.46
N ARG F 36 -8.22 -24.46 -16.59
CA ARG F 36 -6.86 -24.51 -17.13
C ARG F 36 -6.83 -25.52 -18.27
N PRO F 37 -7.68 -25.35 -19.29
CA PRO F 37 -7.77 -26.40 -20.33
C PRO F 37 -6.49 -26.61 -21.11
N GLU F 38 -5.60 -25.60 -21.18
CA GLU F 38 -4.32 -25.79 -21.85
C GLU F 38 -3.45 -26.85 -21.20
N ILE F 39 -3.71 -27.19 -19.94
CA ILE F 39 -2.97 -28.29 -19.33
C ILE F 39 -3.96 -29.30 -18.79
N ARG F 40 -5.03 -29.52 -19.55
CA ARG F 40 -6.04 -30.54 -19.27
C ARG F 40 -6.60 -30.38 -17.85
N ASN F 41 -6.73 -29.14 -17.41
CA ASN F 41 -7.46 -28.85 -16.17
C ASN F 41 -6.83 -29.54 -14.96
N ALA F 42 -5.51 -29.64 -14.95
CA ALA F 42 -4.81 -30.11 -13.75
C ALA F 42 -4.91 -29.06 -12.65
N PHE F 43 -4.94 -29.51 -11.39
CA PHE F 43 -4.96 -28.56 -10.27
C PHE F 43 -3.57 -28.39 -9.67
N ARG F 44 -3.13 -27.15 -9.59
CA ARG F 44 -1.97 -26.74 -8.80
C ARG F 44 -2.46 -26.20 -7.47
N PRO F 45 -1.56 -25.87 -6.53
CA PRO F 45 -2.04 -25.39 -5.22
C PRO F 45 -2.99 -24.21 -5.32
N LYS F 46 -2.74 -23.24 -6.21
CA LYS F 46 -3.69 -22.15 -6.39
C LYS F 46 -5.07 -22.68 -6.74
N THR F 47 -5.15 -23.67 -7.65
CA THR F 47 -6.44 -24.22 -8.04
C THR F 47 -7.17 -24.80 -6.85
N THR F 48 -6.46 -25.58 -6.03
CA THR F 48 -7.08 -26.22 -4.88
C THR F 48 -7.62 -25.19 -3.88
N SER F 49 -6.86 -24.11 -3.65
CA SER F 49 -7.34 -23.06 -2.75
C SER F 49 -8.60 -22.42 -3.30
N GLU F 50 -8.64 -22.20 -4.62
CA GLU F 50 -9.80 -21.57 -5.22
C GLU F 50 -11.00 -22.49 -5.21
N LEU F 51 -10.79 -23.79 -5.46
CA LEU F 51 -11.88 -24.77 -5.32
C LEU F 51 -12.45 -24.73 -3.92
N TYR F 52 -11.58 -24.70 -2.91
CA TYR F 52 -12.08 -24.67 -1.54
C TYR F 52 -12.91 -23.42 -1.32
N ASP F 53 -12.39 -22.27 -1.78
CA ASP F 53 -13.10 -21.00 -1.58
C ASP F 53 -14.47 -21.03 -2.23
N ALA F 54 -14.57 -21.49 -3.47
CA ALA F 54 -15.85 -21.51 -4.17
C ALA F 54 -16.82 -22.50 -3.55
N PHE F 55 -16.35 -23.70 -3.23
CA PHE F 55 -17.22 -24.67 -2.58
C PHE F 55 -17.70 -24.16 -1.23
N TYR F 56 -16.83 -23.46 -0.49
CA TYR F 56 -17.26 -22.98 0.82
C TYR F 56 -18.30 -21.89 0.66
N ASP F 57 -18.16 -21.05 -0.36
CA ASP F 57 -19.19 -20.05 -0.61
C ASP F 57 -20.53 -20.72 -0.95
N ALA F 58 -20.49 -21.76 -1.79
CA ALA F 58 -21.71 -22.49 -2.14
C ALA F 58 -22.33 -23.12 -0.90
N TYR F 59 -21.49 -23.70 -0.05
CA TYR F 59 -21.95 -24.28 1.21
C TYR F 59 -22.72 -23.26 2.04
N GLU F 60 -22.22 -22.02 2.10
CA GLU F 60 -22.81 -21.00 2.95
C GLU F 60 -23.98 -20.25 2.32
N ASP F 61 -24.23 -20.44 1.02
CA ASP F 61 -25.27 -19.70 0.32
C ASP F 61 -26.58 -20.47 0.41
N PRO F 62 -27.58 -20.00 1.17
CA PRO F 62 -28.81 -20.79 1.34
C PRO F 62 -29.68 -20.83 0.11
N SER F 63 -29.36 -20.04 -0.92
CA SER F 63 -30.10 -20.21 -2.16
C SER F 63 -29.60 -21.37 -3.02
N ILE F 64 -28.42 -21.93 -2.71
CA ILE F 64 -27.79 -22.94 -3.57
C ILE F 64 -28.10 -24.31 -2.98
N GLY F 65 -28.77 -25.16 -3.75
CA GLY F 65 -29.03 -26.53 -3.32
C GLY F 65 -28.20 -27.56 -4.05
N VAL F 66 -27.70 -27.21 -5.24
CA VAL F 66 -26.93 -28.14 -6.08
C VAL F 66 -25.69 -27.42 -6.59
N VAL F 67 -24.55 -28.09 -6.53
CA VAL F 67 -23.29 -27.58 -7.09
C VAL F 67 -22.88 -28.52 -8.20
N LEU F 68 -22.67 -27.97 -9.40
CA LEU F 68 -22.06 -28.70 -10.50
C LEU F 68 -20.56 -28.45 -10.45
N LEU F 69 -19.77 -29.52 -10.55
CA LEU F 69 -18.31 -29.42 -10.66
C LEU F 69 -17.96 -29.91 -12.06
N SER F 70 -17.45 -29.01 -12.90
CA SER F 70 -17.25 -29.34 -14.31
C SER F 70 -15.86 -28.91 -14.75
N GLY F 71 -15.61 -29.02 -16.03
CA GLY F 71 -14.38 -28.49 -16.61
C GLY F 71 -14.70 -27.67 -17.84
N GLU F 72 -14.01 -26.52 -17.97
CA GLU F 72 -14.10 -25.73 -19.19
C GLU F 72 -13.20 -26.34 -20.26
N GLY F 73 -13.47 -26.00 -21.51
CA GLY F 73 -12.65 -26.51 -22.59
C GLY F 73 -13.21 -26.13 -23.94
N PRO F 74 -12.62 -26.69 -25.00
CA PRO F 74 -11.49 -27.61 -24.97
C PRO F 74 -10.16 -26.87 -24.85
N SER F 75 -9.06 -27.62 -24.83
CA SER F 75 -7.75 -27.01 -24.98
C SER F 75 -7.69 -26.21 -26.27
N PRO F 76 -7.26 -24.95 -26.21
CA PRO F 76 -7.02 -24.20 -27.46
C PRO F 76 -5.81 -24.70 -28.22
N LYS F 77 -5.01 -25.58 -27.62
CA LYS F 77 -3.75 -26.05 -28.19
C LYS F 77 -3.92 -27.30 -29.04
N ASP F 78 -4.71 -28.26 -28.60
CA ASP F 78 -4.84 -29.50 -29.35
C ASP F 78 -6.26 -30.04 -29.45
N GLY F 79 -7.24 -29.34 -28.85
CA GLY F 79 -8.64 -29.65 -28.99
C GLY F 79 -9.17 -30.68 -28.03
N GLY F 80 -8.31 -31.19 -27.14
CA GLY F 80 -8.76 -32.17 -26.19
C GLY F 80 -9.58 -31.58 -25.07
N TRP F 81 -10.55 -32.37 -24.62
CA TRP F 81 -11.44 -32.02 -23.53
C TRP F 81 -10.97 -32.67 -22.24
N ALA F 82 -11.12 -31.95 -21.14
CA ALA F 82 -10.75 -32.48 -19.83
C ALA F 82 -11.76 -32.05 -18.79
N PHE F 83 -12.08 -32.98 -17.90
CA PHE F 83 -12.68 -32.62 -16.62
C PHE F 83 -11.60 -32.09 -15.68
N CYS F 84 -10.64 -32.95 -15.38
CA CYS F 84 -9.55 -32.63 -14.48
C CYS F 84 -8.53 -33.73 -14.60
N SER F 85 -7.27 -33.41 -14.88
CA SER F 85 -6.25 -34.44 -15.04
CA SER F 85 -6.23 -34.42 -15.03
C SER F 85 -5.47 -34.70 -13.75
N GLY F 86 -5.94 -34.19 -12.62
CA GLY F 86 -5.32 -34.45 -11.35
C GLY F 86 -4.31 -33.40 -10.97
N GLY F 87 -3.50 -33.72 -9.97
CA GLY F 87 -2.54 -32.76 -9.45
C GLY F 87 -1.48 -32.42 -10.47
N ASP F 88 -1.13 -31.13 -10.54
CA ASP F 88 -0.16 -30.63 -11.49
C ASP F 88 1.21 -31.12 -11.05
N GLN F 89 1.77 -32.10 -11.77
CA GLN F 89 3.03 -32.70 -11.35
C GLN F 89 4.18 -31.69 -11.37
N LYS F 90 4.01 -30.59 -12.11
CA LYS F 90 5.01 -29.52 -12.08
C LYS F 90 5.16 -28.92 -10.68
N ALA F 91 4.12 -29.00 -9.87
CA ALA F 91 4.13 -28.44 -8.51
C ALA F 91 4.41 -29.49 -7.44
N ARG F 92 4.56 -30.76 -7.82
CA ARG F 92 4.72 -31.82 -6.85
C ARG F 92 6.16 -31.88 -6.36
N GLY F 93 6.33 -31.99 -5.05
CA GLY F 93 7.65 -32.09 -4.48
C GLY F 93 7.69 -33.06 -3.31
N HIS F 94 8.69 -32.89 -2.45
CA HIS F 94 8.74 -33.63 -1.20
C HIS F 94 7.45 -33.41 -0.42
N GLN F 95 6.83 -34.49 0.02
CA GLN F 95 5.72 -34.45 0.97
C GLN F 95 4.49 -33.67 0.48
N GLY F 96 4.37 -33.38 -0.82
CA GLY F 96 3.12 -32.89 -1.35
C GLY F 96 3.33 -31.86 -2.43
N TYR F 97 2.26 -31.12 -2.75
CA TYR F 97 2.30 -30.04 -3.75
C TYR F 97 2.75 -28.74 -3.10
N VAL F 98 3.71 -28.07 -3.72
CA VAL F 98 4.38 -26.92 -3.13
C VAL F 98 3.70 -25.64 -3.64
N GLY F 99 3.02 -24.93 -2.75
CA GLY F 99 2.37 -23.68 -3.09
C GLY F 99 3.33 -22.51 -3.11
N GLU F 100 2.77 -21.35 -3.47
CA GLU F 100 3.58 -20.13 -3.54
C GLU F 100 4.14 -19.75 -2.18
N ASP F 101 3.45 -20.10 -1.10
CA ASP F 101 3.93 -19.84 0.25
C ASP F 101 4.95 -20.87 0.73
N GLY F 102 5.33 -21.82 -0.11
CA GLY F 102 6.33 -22.81 0.25
C GLY F 102 5.81 -24.02 0.99
N ARG F 103 4.52 -24.07 1.32
CA ARG F 103 3.96 -25.22 2.04
C ARG F 103 3.76 -26.39 1.09
N HIS F 104 4.19 -27.59 1.52
N HIS F 104 -0.52 -22.43 5.63
CA HIS F 104 3.93 -28.83 0.80
CA HIS F 104 -0.94 -23.76 5.22
C HIS F 104 2.64 -29.41 1.36
C HIS F 104 -1.51 -23.76 3.81
N ARG F 105 1.58 -29.40 0.55
N ARG F 105 -1.23 -24.84 3.09
CA ARG F 105 0.25 -29.71 1.04
CA ARG F 105 -1.72 -25.02 1.74
C ARG F 105 -0.42 -30.75 0.17
C ARG F 105 -3.01 -25.80 1.78
N LEU F 106 -1.43 -31.41 0.75
N LEU F 106 -4.10 -25.20 1.29
CA LEU F 106 -2.33 -32.32 0.05
CA LEU F 106 -5.34 -25.93 1.20
C LEU F 106 -3.78 -31.96 0.39
C LEU F 106 -5.15 -27.14 0.31
N ASN F 107 -4.12 -30.68 0.27
N ASN F 107 -5.51 -28.31 0.82
CA ASN F 107 -5.41 -30.18 0.76
CA ASN F 107 -5.22 -29.58 0.20
C ASN F 107 -6.54 -30.30 -0.27
C ASN F 107 -6.50 -30.16 -0.38
N ILE F 108 -6.33 -31.02 -1.38
CA ILE F 108 -7.50 -31.52 -2.11
C ILE F 108 -8.34 -32.41 -1.20
N LEU F 109 -7.74 -32.96 -0.14
CA LEU F 109 -8.54 -33.74 0.81
C LEU F 109 -9.54 -32.85 1.56
N GLU F 110 -9.17 -31.60 1.83
CA GLU F 110 -10.11 -30.67 2.47
CA GLU F 110 -10.11 -30.67 2.47
C GLU F 110 -11.27 -30.34 1.55
N VAL F 111 -10.99 -30.23 0.24
CA VAL F 111 -12.05 -30.04 -0.75
C VAL F 111 -12.95 -31.28 -0.79
N GLN F 112 -12.35 -32.47 -0.81
CA GLN F 112 -13.15 -33.70 -0.78
C GLN F 112 -14.11 -33.71 0.41
N ARG F 113 -13.63 -33.32 1.60
CA ARG F 113 -14.52 -33.36 2.76
C ARG F 113 -15.60 -32.29 2.67
N LEU F 114 -15.29 -31.13 2.09
CA LEU F 114 -16.30 -30.10 1.94
C LEU F 114 -17.41 -30.58 1.02
N ILE F 115 -17.05 -31.20 -0.10
CA ILE F 115 -18.04 -31.83 -0.97
C ILE F 115 -18.86 -32.86 -0.21
N ARG F 116 -18.19 -33.69 0.58
CA ARG F 116 -18.84 -34.81 1.25
C ARG F 116 -19.85 -34.34 2.31
N PHE F 117 -19.49 -33.31 3.08
CA PHE F 117 -20.30 -32.96 4.24
C PHE F 117 -21.32 -31.88 3.95
N MET F 118 -21.21 -31.17 2.82
CA MET F 118 -22.11 -30.04 2.65
C MET F 118 -23.54 -30.52 2.40
N PRO F 119 -24.51 -29.85 2.98
CA PRO F 119 -25.93 -30.18 2.80
C PRO F 119 -26.47 -29.69 1.47
N LYS F 120 -25.75 -30.03 0.40
CA LYS F 120 -26.10 -29.73 -0.98
C LYS F 120 -25.64 -30.91 -1.81
N VAL F 121 -26.31 -31.16 -2.94
CA VAL F 121 -25.91 -32.26 -3.82
C VAL F 121 -24.85 -31.74 -4.77
N VAL F 122 -23.75 -32.47 -4.88
CA VAL F 122 -22.64 -32.08 -5.76
C VAL F 122 -22.59 -33.08 -6.91
N ILE F 123 -22.72 -32.57 -8.13
CA ILE F 123 -22.75 -33.40 -9.33
C ILE F 123 -21.46 -33.15 -10.10
N ALA F 124 -20.68 -34.21 -10.31
CA ALA F 124 -19.54 -34.10 -11.21
C ALA F 124 -20.07 -34.14 -12.64
N VAL F 125 -19.63 -33.18 -13.44
CA VAL F 125 -20.02 -33.05 -14.84
C VAL F 125 -18.73 -33.25 -15.64
N VAL F 126 -18.60 -34.37 -16.34
CA VAL F 126 -17.30 -34.80 -16.85
C VAL F 126 -17.30 -34.69 -18.38
N PRO F 127 -16.73 -33.63 -18.95
CA PRO F 127 -16.74 -33.46 -20.41
C PRO F 127 -15.56 -34.09 -21.13
N GLY F 128 -14.62 -34.67 -20.40
CA GLY F 128 -13.38 -35.11 -21.03
C GLY F 128 -12.61 -35.96 -20.06
N TRP F 129 -11.28 -35.97 -20.19
CA TRP F 129 -10.42 -36.77 -19.30
C TRP F 129 -10.68 -36.46 -17.83
N ALA F 130 -10.84 -37.53 -17.04
CA ALA F 130 -10.96 -37.45 -15.58
C ALA F 130 -9.90 -38.41 -15.06
N VAL F 131 -8.75 -37.87 -14.66
CA VAL F 131 -7.56 -38.68 -14.45
C VAL F 131 -7.00 -38.44 -13.06
N GLY F 132 -6.57 -39.51 -12.41
CA GLY F 132 -5.81 -39.34 -11.16
C GLY F 132 -6.64 -38.64 -10.10
N GLY F 133 -6.07 -37.59 -9.51
CA GLY F 133 -6.83 -36.81 -8.54
C GLY F 133 -8.12 -36.26 -9.11
N GLY F 134 -8.18 -36.02 -10.43
CA GLY F 134 -9.43 -35.60 -11.03
C GLY F 134 -10.45 -36.72 -11.06
N HIS F 135 -10.00 -37.95 -11.28
CA HIS F 135 -10.90 -39.09 -11.15
C HIS F 135 -11.45 -39.20 -9.73
N SER F 136 -10.57 -39.06 -8.72
CA SER F 136 -11.03 -39.18 -7.34
C SER F 136 -12.00 -38.06 -6.98
N LEU F 137 -11.84 -36.86 -7.55
CA LEU F 137 -12.85 -35.83 -7.32
C LEU F 137 -14.21 -36.23 -7.89
N HIS F 138 -14.22 -36.80 -9.09
CA HIS F 138 -15.50 -37.28 -9.63
C HIS F 138 -16.10 -38.32 -8.69
N VAL F 139 -15.29 -39.24 -8.15
CA VAL F 139 -15.82 -40.32 -7.33
C VAL F 139 -16.53 -39.78 -6.08
N VAL F 140 -15.95 -38.78 -5.41
CA VAL F 140 -16.52 -38.31 -4.14
C VAL F 140 -17.78 -37.46 -4.36
N CYS F 141 -18.00 -36.94 -5.57
CA CYS F 141 -19.25 -36.22 -5.79
C CYS F 141 -20.45 -37.15 -5.62
N ASP F 142 -21.61 -36.56 -5.30
CA ASP F 142 -22.78 -37.39 -5.06
C ASP F 142 -23.27 -38.10 -6.32
N LEU F 143 -23.15 -37.45 -7.48
CA LEU F 143 -23.61 -37.97 -8.77
C LEU F 143 -22.55 -37.63 -9.81
N THR F 144 -22.53 -38.39 -10.91
CA THR F 144 -21.65 -38.06 -12.04
C THR F 144 -22.42 -38.17 -13.35
N LEU F 145 -22.35 -37.11 -14.17
CA LEU F 145 -22.84 -37.14 -15.53
C LEU F 145 -21.65 -37.03 -16.48
N ALA F 146 -21.65 -37.80 -17.58
CA ALA F 146 -20.44 -37.88 -18.40
C ALA F 146 -20.75 -37.74 -19.89
N SER F 147 -19.87 -37.02 -20.56
CA SER F 147 -19.91 -36.87 -22.02
C SER F 147 -19.77 -38.21 -22.72
N LYS F 148 -20.78 -38.59 -23.52
CA LYS F 148 -20.72 -39.86 -24.26
C LYS F 148 -19.47 -39.94 -25.12
N GLU F 149 -19.23 -38.90 -25.91
CA GLU F 149 -18.16 -38.90 -26.90
C GLU F 149 -16.80 -38.81 -26.24
N HIS F 150 -16.63 -37.99 -25.21
CA HIS F 150 -15.29 -37.56 -24.84
C HIS F 150 -14.87 -37.78 -23.40
N ALA F 151 -15.77 -38.16 -22.50
CA ALA F 151 -15.34 -38.47 -21.15
C ALA F 151 -14.51 -39.74 -21.15
N ILE F 152 -13.36 -39.70 -20.49
CA ILE F 152 -12.51 -40.87 -20.35
C ILE F 152 -12.01 -40.89 -18.92
N PHE F 153 -12.25 -42.01 -18.24
CA PHE F 153 -11.89 -42.16 -16.84
C PHE F 153 -10.62 -43.00 -16.73
N LYS F 154 -9.65 -42.53 -15.94
CA LYS F 154 -8.35 -43.21 -15.90
C LYS F 154 -7.68 -42.91 -14.57
N GLN F 155 -7.11 -43.94 -13.95
CA GLN F 155 -6.39 -43.74 -12.71
C GLN F 155 -4.91 -43.90 -12.95
N THR F 156 -4.17 -42.83 -12.77
CA THR F 156 -2.73 -42.84 -12.95
C THR F 156 -1.95 -42.86 -11.64
N ASP F 157 -2.64 -42.93 -10.49
CA ASP F 157 -1.92 -42.87 -9.21
C ASP F 157 -0.76 -43.85 -9.15
N ALA F 158 -0.98 -45.11 -9.56
CA ALA F 158 0.08 -46.09 -9.43
C ALA F 158 1.22 -45.88 -10.41
N ASP F 159 1.05 -45.00 -11.40
CA ASP F 159 2.13 -44.71 -12.32
C ASP F 159 3.16 -43.78 -11.71
N VAL F 160 2.77 -42.98 -10.72
CA VAL F 160 3.60 -41.89 -10.24
C VAL F 160 3.88 -42.01 -8.74
N THR F 161 3.68 -43.20 -8.17
CA THR F 161 3.94 -43.44 -6.75
C THR F 161 3.05 -42.57 -5.89
N SER F 162 1.80 -42.43 -6.30
CA SER F 162 0.81 -41.78 -5.47
C SER F 162 -0.31 -42.78 -5.19
N PHE F 163 -1.27 -42.34 -4.39
CA PHE F 163 -2.45 -43.13 -4.12
C PHE F 163 -3.43 -42.26 -3.36
N ASP F 164 -4.68 -42.28 -3.80
CA ASP F 164 -5.79 -41.80 -2.98
C ASP F 164 -6.34 -43.05 -2.28
N GLY F 165 -5.95 -43.21 -1.02
CA GLY F 165 -6.37 -44.37 -0.27
C GLY F 165 -7.65 -44.16 0.49
N GLY F 166 -8.41 -43.13 0.16
CA GLY F 166 -9.67 -42.89 0.85
C GLY F 166 -10.86 -42.87 -0.09
N TYR F 167 -11.40 -41.67 -0.34
CA TYR F 167 -12.58 -41.56 -1.20
C TYR F 167 -12.27 -41.96 -2.64
N GLY F 168 -11.01 -41.90 -3.07
CA GLY F 168 -10.73 -42.24 -4.45
C GLY F 168 -10.74 -43.72 -4.76
N SER F 169 -10.54 -44.57 -3.76
CA SER F 169 -10.32 -45.99 -3.96
C SER F 169 -11.28 -46.83 -3.14
N ALA F 170 -11.18 -46.75 -1.82
CA ALA F 170 -12.11 -47.48 -0.97
C ALA F 170 -13.54 -47.05 -1.23
N TYR F 171 -13.78 -45.75 -1.45
CA TYR F 171 -15.15 -45.34 -1.73
C TYR F 171 -15.54 -45.66 -3.16
N LEU F 172 -14.58 -45.65 -4.09
CA LEU F 172 -14.90 -46.15 -5.43
C LEU F 172 -15.49 -47.56 -5.37
N ALA F 173 -14.96 -48.42 -4.47
CA ALA F 173 -15.50 -49.76 -4.36
C ALA F 173 -16.96 -49.79 -3.92
N LYS F 174 -17.43 -48.73 -3.26
CA LYS F 174 -18.81 -48.66 -2.82
C LYS F 174 -19.75 -48.28 -3.94
N MET F 175 -19.23 -48.01 -5.15
CA MET F 175 -20.11 -47.78 -6.31
C MET F 175 -19.83 -48.72 -7.47
N VAL F 176 -18.61 -49.26 -7.62
CA VAL F 176 -18.32 -50.19 -8.71
C VAL F 176 -17.98 -51.58 -8.22
N GLY F 177 -17.93 -51.78 -6.91
CA GLY F 177 -17.53 -53.06 -6.36
C GLY F 177 -16.01 -53.19 -6.23
N GLN F 178 -15.61 -54.16 -5.42
CA GLN F 178 -14.19 -54.29 -5.07
C GLN F 178 -13.34 -54.78 -6.23
N LYS F 179 -13.86 -55.67 -7.08
CA LYS F 179 -13.03 -56.15 -8.19
C LYS F 179 -12.73 -55.02 -9.16
N LYS F 180 -13.76 -54.24 -9.51
CA LYS F 180 -13.54 -53.20 -10.51
C LYS F 180 -12.71 -52.06 -9.97
N ALA F 181 -12.88 -51.72 -8.69
CA ALA F 181 -12.07 -50.65 -8.12
C ALA F 181 -10.61 -51.02 -8.14
N ARG F 182 -10.31 -52.30 -7.84
CA ARG F 182 -8.94 -52.79 -7.89
C ARG F 182 -8.39 -52.75 -9.31
N GLU F 183 -9.20 -53.10 -10.31
CA GLU F 183 -8.74 -53.07 -11.69
C GLU F 183 -8.37 -51.64 -12.10
N ILE F 184 -9.25 -50.69 -11.76
CA ILE F 184 -9.06 -49.30 -12.18
C ILE F 184 -7.71 -48.79 -11.68
N PHE F 185 -7.38 -49.07 -10.41
CA PHE F 185 -6.13 -48.57 -9.86
C PHE F 185 -4.91 -49.39 -10.24
N PHE F 186 -5.06 -50.72 -10.34
CA PHE F 186 -3.88 -51.56 -10.54
C PHE F 186 -3.38 -51.53 -11.97
N LEU F 187 -4.27 -51.34 -12.96
CA LEU F 187 -3.84 -51.32 -14.34
C LEU F 187 -3.82 -49.92 -14.95
N GLY F 188 -4.60 -48.99 -14.40
CA GLY F 188 -4.59 -47.62 -14.92
C GLY F 188 -5.00 -47.52 -16.36
N ARG F 189 -5.93 -48.37 -16.80
CA ARG F 189 -6.48 -48.30 -18.15
C ARG F 189 -7.53 -47.19 -18.28
N ASN F 190 -7.93 -46.93 -19.54
CA ASN F 190 -8.97 -45.96 -19.86
C ASN F 190 -10.35 -46.61 -19.87
N TYR F 191 -11.36 -45.88 -19.39
CA TYR F 191 -12.74 -46.33 -19.46
C TYR F 191 -13.60 -45.25 -20.09
N SER F 192 -14.44 -45.66 -21.02
CA SER F 192 -15.37 -44.72 -21.65
C SER F 192 -16.50 -44.37 -20.69
N ALA F 193 -17.28 -43.34 -21.06
CA ALA F 193 -18.45 -42.99 -20.27
C ALA F 193 -19.40 -44.16 -20.15
N GLN F 194 -19.62 -44.88 -21.26
CA GLN F 194 -20.53 -46.02 -21.20
C GLN F 194 -19.98 -47.11 -20.30
N GLU F 195 -18.66 -47.38 -20.36
CA GLU F 195 -18.10 -48.39 -19.46
C GLU F 195 -18.26 -47.97 -18.01
N ALA F 196 -18.06 -46.68 -17.74
CA ALA F 196 -18.18 -46.18 -16.37
C ALA F 196 -19.62 -46.24 -15.89
N PHE F 197 -20.56 -46.03 -16.79
CA PHE F 197 -21.97 -46.21 -16.45
C PHE F 197 -22.28 -47.67 -16.14
N GLU F 198 -21.79 -48.59 -16.98
CA GLU F 198 -22.08 -50.00 -16.73
C GLU F 198 -21.49 -50.47 -15.43
N MET F 199 -20.34 -49.93 -15.02
CA MET F 199 -19.76 -50.41 -13.77
C MET F 199 -20.35 -49.76 -12.52
N GLY F 200 -21.09 -48.64 -12.67
CA GLY F 200 -21.82 -48.03 -11.58
C GLY F 200 -21.28 -46.71 -11.06
N MET F 201 -20.23 -46.14 -11.67
CA MET F 201 -19.71 -44.87 -11.16
C MET F 201 -20.16 -43.65 -11.95
N VAL F 202 -20.85 -43.85 -13.07
CA VAL F 202 -21.45 -42.76 -13.83
C VAL F 202 -22.96 -42.96 -13.82
N ASN F 203 -23.69 -41.89 -13.50
CA ASN F 203 -25.14 -41.97 -13.40
C ASN F 203 -25.84 -41.90 -14.74
N LYS F 204 -25.30 -41.13 -15.69
CA LYS F 204 -25.92 -41.03 -17.00
CA LYS F 204 -25.92 -41.03 -17.00
C LYS F 204 -24.87 -40.63 -18.01
N VAL F 205 -24.94 -41.25 -19.20
CA VAL F 205 -24.11 -40.93 -20.35
C VAL F 205 -24.92 -39.97 -21.21
N VAL F 206 -24.35 -38.80 -21.49
CA VAL F 206 -25.09 -37.70 -22.11
C VAL F 206 -24.33 -37.28 -23.37
N PRO F 207 -24.99 -37.01 -24.49
CA PRO F 207 -24.27 -36.43 -25.63
C PRO F 207 -23.50 -35.19 -25.22
N HIS F 208 -22.28 -35.06 -25.73
CA HIS F 208 -21.38 -33.99 -25.30
C HIS F 208 -22.04 -32.63 -25.36
N ALA F 209 -22.71 -32.34 -26.47
CA ALA F 209 -23.31 -31.02 -26.65
C ALA F 209 -24.45 -30.76 -25.70
N GLU F 210 -25.06 -31.80 -25.13
CA GLU F 210 -26.16 -31.66 -24.14
C GLU F 210 -25.70 -31.75 -22.69
N LEU F 211 -24.42 -32.02 -22.43
CA LEU F 211 -23.99 -32.38 -21.07
C LEU F 211 -24.25 -31.28 -20.06
N GLU F 212 -23.83 -30.03 -20.36
CA GLU F 212 -24.00 -28.97 -19.37
C GLU F 212 -25.46 -28.65 -19.15
N ASP F 213 -26.26 -28.64 -20.22
CA ASP F 213 -27.69 -28.36 -20.08
C ASP F 213 -28.38 -29.46 -19.29
N THR F 214 -27.98 -30.73 -19.53
CA THR F 214 -28.59 -31.84 -18.81
C THR F 214 -28.24 -31.80 -17.34
N ALA F 215 -26.99 -31.43 -17.02
CA ALA F 215 -26.60 -31.31 -15.62
C ALA F 215 -27.45 -30.26 -14.91
N TYR F 216 -27.72 -29.15 -15.59
CA TYR F 216 -28.56 -28.11 -15.00
C TYR F 216 -29.98 -28.62 -14.81
N GLU F 217 -30.50 -29.40 -15.79
CA GLU F 217 -31.83 -29.99 -15.66
C GLU F 217 -31.90 -30.95 -14.47
N TRP F 218 -30.88 -31.81 -14.30
CA TRP F 218 -30.82 -32.68 -13.12
C TRP F 218 -30.85 -31.85 -11.86
N ALA F 219 -30.07 -30.78 -11.82
CA ALA F 219 -30.04 -29.94 -10.64
C ALA F 219 -31.42 -29.39 -10.33
N GLN F 220 -32.15 -28.92 -11.35
CA GLN F 220 -33.47 -28.37 -11.10
C GLN F 220 -34.45 -29.42 -10.60
N GLU F 221 -34.30 -30.68 -11.04
CA GLU F 221 -35.14 -31.74 -10.48
C GLU F 221 -34.90 -31.89 -8.99
N ILE F 222 -33.63 -31.84 -8.57
CA ILE F 222 -33.33 -31.95 -7.14
C ILE F 222 -33.87 -30.75 -6.38
N LEU F 223 -33.74 -29.56 -6.96
CA LEU F 223 -34.15 -28.34 -6.27
C LEU F 223 -35.65 -28.25 -6.05
N ALA F 224 -36.44 -29.06 -6.75
CA ALA F 224 -37.87 -29.15 -6.53
C ALA F 224 -38.25 -30.08 -5.39
N LYS F 225 -37.28 -30.78 -4.79
CA LYS F 225 -37.53 -31.70 -3.69
C LYS F 225 -37.51 -30.97 -2.35
N SER F 226 -37.94 -31.68 -1.33
CA SER F 226 -37.85 -31.20 0.04
C SER F 226 -36.40 -31.01 0.44
N PRO F 227 -35.95 -29.82 0.83
CA PRO F 227 -34.55 -29.68 1.25
C PRO F 227 -34.20 -30.51 2.46
N THR F 228 -35.14 -30.67 3.41
CA THR F 228 -34.89 -31.53 4.55
C THR F 228 -34.67 -32.97 4.10
N SER F 229 -35.53 -33.45 3.20
CA SER F 229 -35.33 -34.82 2.70
C SER F 229 -33.98 -34.96 2.04
N ILE F 230 -33.61 -34.02 1.16
CA ILE F 230 -32.37 -34.17 0.43
C ILE F 230 -31.18 -34.19 1.38
N ARG F 231 -31.14 -33.27 2.36
CA ARG F 231 -30.05 -33.27 3.34
C ARG F 231 -29.99 -34.59 4.11
N MET F 232 -31.13 -35.02 4.65
CA MET F 232 -31.11 -36.22 5.49
C MET F 232 -30.78 -37.45 4.69
N LEU F 233 -31.22 -37.50 3.43
CA LEU F 233 -30.90 -38.65 2.58
C LEU F 233 -29.42 -38.67 2.19
N LYS F 234 -28.86 -37.52 1.78
CA LYS F 234 -27.42 -37.48 1.54
C LYS F 234 -26.66 -37.95 2.77
N PHE F 235 -27.04 -37.45 3.94
CA PHE F 235 -26.27 -37.79 5.13
C PHE F 235 -26.52 -39.22 5.59
N ALA F 236 -27.71 -39.77 5.33
CA ALA F 236 -27.93 -41.19 5.61
C ALA F 236 -27.07 -42.06 4.72
N MET F 237 -26.94 -41.69 3.43
CA MET F 237 -26.15 -42.54 2.57
C MET F 237 -24.66 -42.36 2.84
N ASN F 238 -24.25 -41.16 3.33
CA ASN F 238 -22.87 -40.99 3.83
C ASN F 238 -22.64 -41.84 5.07
N LEU F 239 -23.64 -41.89 5.95
CA LEU F 239 -23.46 -42.44 7.30
C LEU F 239 -22.98 -43.87 7.26
N THR F 240 -23.49 -44.68 6.32
CA THR F 240 -23.14 -46.09 6.34
C THR F 240 -21.64 -46.31 6.13
N ASP F 241 -20.94 -45.38 5.45
CA ASP F 241 -19.51 -45.52 5.22
C ASP F 241 -18.65 -44.60 6.08
N ASP F 242 -19.20 -43.49 6.60
CA ASP F 242 -18.39 -42.44 7.21
C ASP F 242 -18.23 -42.59 8.72
N GLY F 243 -18.64 -43.73 9.30
CA GLY F 243 -18.37 -43.96 10.72
C GLY F 243 -18.87 -42.86 11.61
N MET F 244 -18.06 -42.53 12.64
CA MET F 244 -18.49 -41.57 13.64
CA MET F 244 -18.48 -41.57 13.65
C MET F 244 -18.63 -40.16 13.06
N VAL F 245 -17.86 -39.83 12.02
CA VAL F 245 -18.05 -38.52 11.36
C VAL F 245 -19.41 -38.48 10.70
N GLY F 246 -19.75 -39.55 9.95
CA GLY F 246 -21.06 -39.61 9.35
C GLY F 246 -22.16 -39.55 10.39
N GLN F 247 -21.95 -40.22 11.52
CA GLN F 247 -22.92 -40.12 12.61
C GLN F 247 -23.01 -38.70 13.13
N GLN F 248 -21.87 -38.02 13.33
CA GLN F 248 -21.93 -36.65 13.79
C GLN F 248 -22.75 -35.78 12.84
N VAL F 249 -22.53 -35.93 11.54
CA VAL F 249 -23.21 -35.07 10.58
C VAL F 249 -24.70 -35.38 10.53
N PHE F 250 -25.05 -36.67 10.47
CA PHE F 250 -26.47 -37.03 10.39
C PHE F 250 -27.20 -36.66 11.67
N ALA F 251 -26.63 -37.02 12.81
CA ALA F 251 -27.28 -36.66 14.05
C ALA F 251 -27.39 -35.15 14.21
N GLY F 252 -26.40 -34.38 13.72
CA GLY F 252 -26.49 -32.94 13.84
C GLY F 252 -27.69 -32.37 13.12
N GLU F 253 -28.00 -32.90 11.93
CA GLU F 253 -29.22 -32.48 11.25
C GLU F 253 -30.48 -32.93 11.99
N ALA F 254 -30.46 -34.11 12.63
CA ALA F 254 -31.60 -34.50 13.46
C ALA F 254 -31.76 -33.57 14.66
N THR F 255 -30.66 -33.12 15.27
CA THR F 255 -30.78 -32.16 16.38
C THR F 255 -31.48 -30.90 15.91
N ARG F 256 -31.17 -30.47 14.69
CA ARG F 256 -31.81 -29.28 14.12
C ARG F 256 -33.32 -29.48 14.00
N LEU F 257 -33.76 -30.68 13.63
CA LEU F 257 -35.19 -30.96 13.56
C LEU F 257 -35.84 -30.97 14.94
N ALA F 258 -35.16 -31.54 15.95
CA ALA F 258 -35.71 -31.54 17.30
C ALA F 258 -35.90 -30.12 17.82
N TYR F 259 -34.95 -29.22 17.50
CA TYR F 259 -35.00 -27.85 17.98
C TYR F 259 -36.30 -27.14 17.56
N MET F 260 -36.88 -27.54 16.43
CA MET F 260 -38.07 -26.92 15.89
C MET F 260 -39.35 -27.30 16.62
N THR F 261 -39.30 -28.27 17.54
CA THR F 261 -40.53 -28.80 18.11
C THR F 261 -41.03 -27.95 19.27
N ASP F 262 -42.34 -28.05 19.52
CA ASP F 262 -42.89 -27.44 20.73
C ASP F 262 -42.26 -28.03 21.98
N GLU F 263 -41.86 -29.30 21.93
CA GLU F 263 -41.17 -29.91 23.06
C GLU F 263 -39.87 -29.17 23.36
N ALA F 264 -39.12 -28.80 22.32
CA ALA F 264 -37.87 -28.08 22.53
C ALA F 264 -38.13 -26.66 23.02
N LYS F 265 -39.20 -26.04 22.55
CA LYS F 265 -39.53 -24.70 23.02
C LYS F 265 -39.79 -24.71 24.52
N GLU F 266 -40.45 -25.75 25.02
CA GLU F 266 -40.69 -25.87 26.46
C GLU F 266 -39.40 -26.18 27.20
N GLY F 267 -38.53 -27.00 26.62
CA GLY F 267 -37.25 -27.28 27.25
C GLY F 267 -36.41 -26.02 27.44
N ARG F 268 -36.33 -25.19 26.40
CA ARG F 268 -35.54 -23.96 26.49
C ARG F 268 -36.20 -22.93 27.39
N ASN F 269 -37.52 -22.78 27.27
CA ASN F 269 -38.23 -21.83 28.13
C ASN F 269 -38.11 -22.20 29.59
N ALA F 270 -38.21 -23.50 29.91
CA ALA F 270 -38.08 -23.93 31.30
C ALA F 270 -36.67 -23.68 31.82
N PHE F 271 -35.67 -23.81 30.96
CA PHE F 271 -34.30 -23.48 31.35
C PHE F 271 -34.18 -22.00 31.66
N LEU F 272 -34.70 -21.15 30.75
CA LEU F 272 -34.59 -19.72 30.94
C LEU F 272 -35.41 -19.25 32.14
N GLU F 273 -36.60 -19.82 32.34
CA GLU F 273 -37.42 -19.46 33.49
C GLU F 273 -36.98 -20.17 34.78
N LYS F 274 -35.92 -20.98 34.71
CA LYS F 274 -35.38 -21.68 35.88
C LYS F 274 -36.45 -22.49 36.60
N ARG F 275 -37.10 -23.37 35.83
CA ARG F 275 -38.19 -24.19 36.34
C ARG F 275 -38.14 -25.56 35.68
N LYS F 276 -38.84 -26.51 36.29
CA LYS F 276 -38.89 -27.87 35.77
C LYS F 276 -39.69 -27.92 34.47
N PRO F 277 -39.15 -28.46 33.39
CA PRO F 277 -39.94 -28.52 32.16
C PRO F 277 -41.10 -29.50 32.31
N ASP F 278 -42.18 -29.20 31.62
CA ASP F 278 -43.36 -30.07 31.55
C ASP F 278 -43.47 -30.51 30.11
N PHE F 279 -43.07 -31.75 29.84
CA PHE F 279 -43.09 -32.25 28.48
C PHE F 279 -44.38 -32.97 28.14
N GLY F 280 -45.37 -32.96 29.02
CA GLY F 280 -46.66 -33.57 28.75
C GLY F 280 -46.76 -34.98 29.30
N GLU F 281 -47.89 -35.60 29.00
CA GLU F 281 -48.20 -36.92 29.49
C GLU F 281 -48.22 -37.92 28.34
N ASP F 282 -47.95 -39.18 28.68
CA ASP F 282 -47.96 -40.28 27.72
C ASP F 282 -47.11 -39.96 26.49
N GLN F 283 -45.91 -39.45 26.75
CA GLN F 283 -45.00 -39.01 25.68
C GLN F 283 -44.07 -40.10 25.19
N TRP F 284 -44.07 -41.27 25.83
CA TRP F 284 -43.08 -42.30 25.53
C TRP F 284 -43.60 -43.22 24.43
N ILE F 285 -43.78 -42.61 23.26
CA ILE F 285 -44.47 -43.27 22.15
C ILE F 285 -43.52 -44.24 21.47
N SER F 286 -44.10 -45.10 20.65
CA SER F 286 -43.37 -46.11 19.90
C SER F 286 -44.11 -46.36 18.60
#